data_4MYM
# 
_entry.id   4MYM 
# 
_audit_conform.dict_name       mmcif_pdbx.dic 
_audit_conform.dict_version    5.397 
_audit_conform.dict_location   http://mmcif.pdb.org/dictionaries/ascii/mmcif_pdbx.dic 
# 
loop_
_database_2.database_id 
_database_2.database_code 
_database_2.pdbx_database_accession 
_database_2.pdbx_DOI 
PDB   4MYM         pdb_00004mym 10.2210/pdb4mym/pdb 
RCSB  RCSB082529   ?            ?                   
WWPDB D_1000082529 ?            ?                   
# 
loop_
_pdbx_audit_revision_history.ordinal 
_pdbx_audit_revision_history.data_content_type 
_pdbx_audit_revision_history.major_revision 
_pdbx_audit_revision_history.minor_revision 
_pdbx_audit_revision_history.revision_date 
1 'Structure model' 1 0 2013-12-25 
2 'Structure model' 1 1 2024-10-30 
# 
_pdbx_audit_revision_details.ordinal             1 
_pdbx_audit_revision_details.revision_ordinal    1 
_pdbx_audit_revision_details.data_content_type   'Structure model' 
_pdbx_audit_revision_details.provider            repository 
_pdbx_audit_revision_details.type                'Initial release' 
_pdbx_audit_revision_details.description         ? 
_pdbx_audit_revision_details.details             ? 
# 
loop_
_pdbx_audit_revision_group.ordinal 
_pdbx_audit_revision_group.revision_ordinal 
_pdbx_audit_revision_group.data_content_type 
_pdbx_audit_revision_group.group 
1 2 'Structure model' 'Data collection'      
2 2 'Structure model' 'Database references'  
3 2 'Structure model' 'Derived calculations' 
4 2 'Structure model' 'Structure summary'    
# 
loop_
_pdbx_audit_revision_category.ordinal 
_pdbx_audit_revision_category.revision_ordinal 
_pdbx_audit_revision_category.data_content_type 
_pdbx_audit_revision_category.category 
1 2 'Structure model' chem_comp_atom            
2 2 'Structure model' chem_comp_bond            
3 2 'Structure model' database_2                
4 2 'Structure model' pdbx_entry_details        
5 2 'Structure model' pdbx_modification_feature 
6 2 'Structure model' struct_conn               
7 2 'Structure model' struct_ref_seq_dif        
8 2 'Structure model' struct_site               
# 
loop_
_pdbx_audit_revision_item.ordinal 
_pdbx_audit_revision_item.revision_ordinal 
_pdbx_audit_revision_item.data_content_type 
_pdbx_audit_revision_item.item 
1 2 'Structure model' '_database_2.pdbx_DOI'                
2 2 'Structure model' '_database_2.pdbx_database_accession' 
3 2 'Structure model' '_struct_conn.pdbx_leaving_atom_flag' 
4 2 'Structure model' '_struct_ref_seq_dif.details'         
5 2 'Structure model' '_struct_site.pdbx_auth_asym_id'      
6 2 'Structure model' '_struct_site.pdbx_auth_comp_id'      
7 2 'Structure model' '_struct_site.pdbx_auth_seq_id'       
# 
_pdbx_database_status.status_code                     REL 
_pdbx_database_status.entry_id                        4MYM 
_pdbx_database_status.recvd_initial_deposition_date   2013-09-27 
_pdbx_database_status.deposit_site                    RCSB 
_pdbx_database_status.process_site                    RCSB 
_pdbx_database_status.status_code_sf                  REL 
_pdbx_database_status.status_code_mr                  ? 
_pdbx_database_status.SG_entry                        Y 
_pdbx_database_status.status_code_cs                  ? 
_pdbx_database_status.methods_development_category    ? 
_pdbx_database_status.pdb_format_compatible           Y 
_pdbx_database_status.status_code_nmr_data            ? 
# 
_pdbx_database_related.db_name        TargetTrack 
_pdbx_database_related.db_id          NYSGRC-029072 
_pdbx_database_related.details        . 
_pdbx_database_related.content_type   unspecified 
# 
loop_
_audit_author.name 
_audit_author.pdbx_ordinal 
'Eswaramoorthy, S.'                                         1  
'Chamala, S.'                                               2  
'Evans, B.'                                                 3  
'Foti, F.'                                                  4  
'Gizzi, A.'                                                 5  
'Hillerich, B.'                                             6  
'Kar, A.'                                                   7  
'Lafleur, J.'                                               8  
'Seidel, R.'                                                9  
'Villigas, G.'                                              10 
'Zencheck, W.'                                              11 
'AL Obaidi, N.'                                             12 
'Almo, S.C.'                                                13 
'Swaminathan, S.'                                           14 
'New York Structural Genomics Research Consortium (NYSGRC)' 15 
# 
_citation.id                        primary 
_citation.title                     
'Crystal structure of a glyoxalase/ bleomycin resistance protein/ dioxygenase from Nocardioides.' 
_citation.journal_abbrev            'To be Published' 
_citation.journal_volume            ? 
_citation.page_first                ? 
_citation.page_last                 ? 
_citation.year                      ? 
_citation.journal_id_ASTM           ? 
_citation.country                   ? 
_citation.journal_id_ISSN           ? 
_citation.journal_id_CSD            0353 
_citation.book_publisher            ? 
_citation.pdbx_database_id_PubMed   ? 
_citation.pdbx_database_id_DOI      ? 
# 
loop_
_citation_author.citation_id 
_citation_author.name 
_citation_author.ordinal 
_citation_author.identifier_ORCID 
primary 'Eswaramoorthy, S.' 1 ? 
primary 'Almo, S.C.'        2 ? 
primary 'Swaminathan, S.'   3 ? 
# 
loop_
_entity.id 
_entity.type 
_entity.src_method 
_entity.pdbx_description 
_entity.formula_weight 
_entity.pdbx_number_of_molecules 
_entity.pdbx_ec 
_entity.pdbx_mutation 
_entity.pdbx_fragment 
_entity.details 
1 polymer     man 'Glyoxalase/bleomycin resistance protein/dioxygenase'              19770.479 1  ? ? ? ? 
2 non-polymer syn '2-[BIS-(2-HYDROXY-ETHYL)-AMINO]-2-HYDROXYMETHYL-PROPANE-1,3-DIOL' 209.240   1  ? ? ? ? 
3 water       nat water                                                              18.015    52 ? ? ? ? 
# 
_entity_poly.entity_id                      1 
_entity_poly.type                           'polypeptide(L)' 
_entity_poly.nstd_linkage                   no 
_entity_poly.nstd_monomer                   yes 
_entity_poly.pdbx_seq_one_letter_code       
;(MSE)HHHHHHSSGVDLGTENLYFQS(MSE)VTVSRPTITDLCLVTHDLEASVEFYTTKLGYTLSSR(MSE)PGFADFEG
PGVILALWDAQLIRETTGVPALAEEPSGRTV(MSE)VAVELSSPVEIDTAYERLRARGIEFYSPPADYPWNARCIYFPGP
CGEFWEYFAWLEGGKPGQLGAASTTHDERTIP
;
_entity_poly.pdbx_seq_one_letter_code_can   
;MHHHHHHSSGVDLGTENLYFQSMVTVSRPTITDLCLVTHDLEASVEFYTTKLGYTLSSRMPGFADFEGPGVILALWDAQL
IRETTGVPALAEEPSGRTVMVAVELSSPVEIDTAYERLRARGIEFYSPPADYPWNARCIYFPGPCGEFWEYFAWLEGGKP
GQLGAASTTHDERTIP
;
_entity_poly.pdbx_strand_id                 A 
_entity_poly.pdbx_target_identifier         NYSGRC-029072 
# 
loop_
_pdbx_entity_nonpoly.entity_id 
_pdbx_entity_nonpoly.name 
_pdbx_entity_nonpoly.comp_id 
2 '2-[BIS-(2-HYDROXY-ETHYL)-AMINO]-2-HYDROXYMETHYL-PROPANE-1,3-DIOL' BTB 
3 water                                                              HOH 
# 
loop_
_entity_poly_seq.entity_id 
_entity_poly_seq.num 
_entity_poly_seq.mon_id 
_entity_poly_seq.hetero 
1 1   MSE n 
1 2   HIS n 
1 3   HIS n 
1 4   HIS n 
1 5   HIS n 
1 6   HIS n 
1 7   HIS n 
1 8   SER n 
1 9   SER n 
1 10  GLY n 
1 11  VAL n 
1 12  ASP n 
1 13  LEU n 
1 14  GLY n 
1 15  THR n 
1 16  GLU n 
1 17  ASN n 
1 18  LEU n 
1 19  TYR n 
1 20  PHE n 
1 21  GLN n 
1 22  SER n 
1 23  MSE n 
1 24  VAL n 
1 25  THR n 
1 26  VAL n 
1 27  SER n 
1 28  ARG n 
1 29  PRO n 
1 30  THR n 
1 31  ILE n 
1 32  THR n 
1 33  ASP n 
1 34  LEU n 
1 35  CYS n 
1 36  LEU n 
1 37  VAL n 
1 38  THR n 
1 39  HIS n 
1 40  ASP n 
1 41  LEU n 
1 42  GLU n 
1 43  ALA n 
1 44  SER n 
1 45  VAL n 
1 46  GLU n 
1 47  PHE n 
1 48  TYR n 
1 49  THR n 
1 50  THR n 
1 51  LYS n 
1 52  LEU n 
1 53  GLY n 
1 54  TYR n 
1 55  THR n 
1 56  LEU n 
1 57  SER n 
1 58  SER n 
1 59  ARG n 
1 60  MSE n 
1 61  PRO n 
1 62  GLY n 
1 63  PHE n 
1 64  ALA n 
1 65  ASP n 
1 66  PHE n 
1 67  GLU n 
1 68  GLY n 
1 69  PRO n 
1 70  GLY n 
1 71  VAL n 
1 72  ILE n 
1 73  LEU n 
1 74  ALA n 
1 75  LEU n 
1 76  TRP n 
1 77  ASP n 
1 78  ALA n 
1 79  GLN n 
1 80  LEU n 
1 81  ILE n 
1 82  ARG n 
1 83  GLU n 
1 84  THR n 
1 85  THR n 
1 86  GLY n 
1 87  VAL n 
1 88  PRO n 
1 89  ALA n 
1 90  LEU n 
1 91  ALA n 
1 92  GLU n 
1 93  GLU n 
1 94  PRO n 
1 95  SER n 
1 96  GLY n 
1 97  ARG n 
1 98  THR n 
1 99  VAL n 
1 100 MSE n 
1 101 VAL n 
1 102 ALA n 
1 103 VAL n 
1 104 GLU n 
1 105 LEU n 
1 106 SER n 
1 107 SER n 
1 108 PRO n 
1 109 VAL n 
1 110 GLU n 
1 111 ILE n 
1 112 ASP n 
1 113 THR n 
1 114 ALA n 
1 115 TYR n 
1 116 GLU n 
1 117 ARG n 
1 118 LEU n 
1 119 ARG n 
1 120 ALA n 
1 121 ARG n 
1 122 GLY n 
1 123 ILE n 
1 124 GLU n 
1 125 PHE n 
1 126 TYR n 
1 127 SER n 
1 128 PRO n 
1 129 PRO n 
1 130 ALA n 
1 131 ASP n 
1 132 TYR n 
1 133 PRO n 
1 134 TRP n 
1 135 ASN n 
1 136 ALA n 
1 137 ARG n 
1 138 CYS n 
1 139 ILE n 
1 140 TYR n 
1 141 PHE n 
1 142 PRO n 
1 143 GLY n 
1 144 PRO n 
1 145 CYS n 
1 146 GLY n 
1 147 GLU n 
1 148 PHE n 
1 149 TRP n 
1 150 GLU n 
1 151 TYR n 
1 152 PHE n 
1 153 ALA n 
1 154 TRP n 
1 155 LEU n 
1 156 GLU n 
1 157 GLY n 
1 158 GLY n 
1 159 LYS n 
1 160 PRO n 
1 161 GLY n 
1 162 GLN n 
1 163 LEU n 
1 164 GLY n 
1 165 ALA n 
1 166 ALA n 
1 167 SER n 
1 168 THR n 
1 169 THR n 
1 170 HIS n 
1 171 ASP n 
1 172 GLU n 
1 173 ARG n 
1 174 THR n 
1 175 ILE n 
1 176 PRO n 
# 
_entity_src_gen.entity_id                          1 
_entity_src_gen.pdbx_src_id                        1 
_entity_src_gen.pdbx_alt_source_flag               sample 
_entity_src_gen.pdbx_seq_type                      ? 
_entity_src_gen.pdbx_beg_seq_num                   ? 
_entity_src_gen.pdbx_end_seq_num                   ? 
_entity_src_gen.gene_src_common_name               ? 
_entity_src_gen.gene_src_genus                     ? 
_entity_src_gen.pdbx_gene_src_gene                 Noca_4190 
_entity_src_gen.gene_src_species                   ? 
_entity_src_gen.gene_src_strain                    'BAA-499 / JS614' 
_entity_src_gen.gene_src_tissue                    ? 
_entity_src_gen.gene_src_tissue_fraction           ? 
_entity_src_gen.gene_src_details                   ? 
_entity_src_gen.pdbx_gene_src_fragment             ? 
_entity_src_gen.pdbx_gene_src_scientific_name      'Nocardioides sp.' 
_entity_src_gen.pdbx_gene_src_ncbi_taxonomy_id     196162 
_entity_src_gen.pdbx_gene_src_variant              ? 
_entity_src_gen.pdbx_gene_src_cell_line            ? 
_entity_src_gen.pdbx_gene_src_atcc                 ? 
_entity_src_gen.pdbx_gene_src_organ                ? 
_entity_src_gen.pdbx_gene_src_organelle            ? 
_entity_src_gen.pdbx_gene_src_cell                 ? 
_entity_src_gen.pdbx_gene_src_cellular_location    ? 
_entity_src_gen.host_org_common_name               ? 
_entity_src_gen.pdbx_host_org_scientific_name      'Escherichia coli' 
_entity_src_gen.pdbx_host_org_ncbi_taxonomy_id     511693 
_entity_src_gen.host_org_genus                     ? 
_entity_src_gen.pdbx_host_org_gene                 ? 
_entity_src_gen.pdbx_host_org_organ                ? 
_entity_src_gen.host_org_species                   ? 
_entity_src_gen.pdbx_host_org_tissue               ? 
_entity_src_gen.pdbx_host_org_tissue_fraction      ? 
_entity_src_gen.pdbx_host_org_strain               BL21 
_entity_src_gen.pdbx_host_org_variant              ? 
_entity_src_gen.pdbx_host_org_cell_line            ? 
_entity_src_gen.pdbx_host_org_atcc                 ? 
_entity_src_gen.pdbx_host_org_culture_collection   ? 
_entity_src_gen.pdbx_host_org_cell                 ? 
_entity_src_gen.pdbx_host_org_organelle            ? 
_entity_src_gen.pdbx_host_org_cellular_location    ? 
_entity_src_gen.pdbx_host_org_vector_type          PLASMID 
_entity_src_gen.pdbx_host_org_vector               ? 
_entity_src_gen.host_org_details                   ? 
_entity_src_gen.expression_system_id               ? 
_entity_src_gen.plasmid_name                       pET3A 
_entity_src_gen.plasmid_details                    ? 
_entity_src_gen.pdbx_description                   ? 
# 
loop_
_chem_comp.id 
_chem_comp.type 
_chem_comp.mon_nstd_flag 
_chem_comp.name 
_chem_comp.pdbx_synonyms 
_chem_comp.formula 
_chem_comp.formula_weight 
ALA 'L-peptide linking' y ALANINE                                                            ?                 'C3 H7 N O2'     
89.093  
ARG 'L-peptide linking' y ARGININE                                                           ?                 'C6 H15 N4 O2 1' 
175.209 
ASN 'L-peptide linking' y ASPARAGINE                                                         ?                 'C4 H8 N2 O3'    
132.118 
ASP 'L-peptide linking' y 'ASPARTIC ACID'                                                    ?                 'C4 H7 N O4'     
133.103 
BTB non-polymer         . '2-[BIS-(2-HYDROXY-ETHYL)-AMINO]-2-HYDROXYMETHYL-PROPANE-1,3-DIOL' 'BIS-TRIS BUFFER' 'C8 H19 N O5'    
209.240 
CYS 'L-peptide linking' y CYSTEINE                                                           ?                 'C3 H7 N O2 S'   
121.158 
GLN 'L-peptide linking' y GLUTAMINE                                                          ?                 'C5 H10 N2 O3'   
146.144 
GLU 'L-peptide linking' y 'GLUTAMIC ACID'                                                    ?                 'C5 H9 N O4'     
147.129 
GLY 'peptide linking'   y GLYCINE                                                            ?                 'C2 H5 N O2'     
75.067  
HIS 'L-peptide linking' y HISTIDINE                                                          ?                 'C6 H10 N3 O2 1' 
156.162 
HOH non-polymer         . WATER                                                              ?                 'H2 O'           
18.015  
ILE 'L-peptide linking' y ISOLEUCINE                                                         ?                 'C6 H13 N O2'    
131.173 
LEU 'L-peptide linking' y LEUCINE                                                            ?                 'C6 H13 N O2'    
131.173 
LYS 'L-peptide linking' y LYSINE                                                             ?                 'C6 H15 N2 O2 1' 
147.195 
MSE 'L-peptide linking' n SELENOMETHIONINE                                                   ?                 'C5 H11 N O2 Se' 
196.106 
PHE 'L-peptide linking' y PHENYLALANINE                                                      ?                 'C9 H11 N O2'    
165.189 
PRO 'L-peptide linking' y PROLINE                                                            ?                 'C5 H9 N O2'     
115.130 
SER 'L-peptide linking' y SERINE                                                             ?                 'C3 H7 N O3'     
105.093 
THR 'L-peptide linking' y THREONINE                                                          ?                 'C4 H9 N O3'     
119.119 
TRP 'L-peptide linking' y TRYPTOPHAN                                                         ?                 'C11 H12 N2 O2'  
204.225 
TYR 'L-peptide linking' y TYROSINE                                                           ?                 'C9 H11 N O3'    
181.189 
VAL 'L-peptide linking' y VALINE                                                             ?                 'C5 H11 N O2'    
117.146 
# 
loop_
_pdbx_poly_seq_scheme.asym_id 
_pdbx_poly_seq_scheme.entity_id 
_pdbx_poly_seq_scheme.seq_id 
_pdbx_poly_seq_scheme.mon_id 
_pdbx_poly_seq_scheme.ndb_seq_num 
_pdbx_poly_seq_scheme.pdb_seq_num 
_pdbx_poly_seq_scheme.auth_seq_num 
_pdbx_poly_seq_scheme.pdb_mon_id 
_pdbx_poly_seq_scheme.auth_mon_id 
_pdbx_poly_seq_scheme.pdb_strand_id 
_pdbx_poly_seq_scheme.pdb_ins_code 
_pdbx_poly_seq_scheme.hetero 
A 1 1   MSE 1   -21 ?   ?   ?   A . n 
A 1 2   HIS 2   -20 ?   ?   ?   A . n 
A 1 3   HIS 3   -19 ?   ?   ?   A . n 
A 1 4   HIS 4   -18 ?   ?   ?   A . n 
A 1 5   HIS 5   -17 ?   ?   ?   A . n 
A 1 6   HIS 6   -16 ?   ?   ?   A . n 
A 1 7   HIS 7   -15 ?   ?   ?   A . n 
A 1 8   SER 8   -14 ?   ?   ?   A . n 
A 1 9   SER 9   -13 ?   ?   ?   A . n 
A 1 10  GLY 10  -12 ?   ?   ?   A . n 
A 1 11  VAL 11  -11 ?   ?   ?   A . n 
A 1 12  ASP 12  -10 ?   ?   ?   A . n 
A 1 13  LEU 13  -9  ?   ?   ?   A . n 
A 1 14  GLY 14  -8  -8  GLY GLY A . n 
A 1 15  THR 15  -7  -7  THR THR A . n 
A 1 16  GLU 16  -6  -6  GLU GLU A . n 
A 1 17  ASN 17  -5  -5  ASN ASN A . n 
A 1 18  LEU 18  -4  -4  LEU LEU A . n 
A 1 19  TYR 19  -3  -3  TYR TYR A . n 
A 1 20  PHE 20  -2  -2  PHE PHE A . n 
A 1 21  GLN 21  -1  -1  GLN GLN A . n 
A 1 22  SER 22  0   0   SER SER A . n 
A 1 23  MSE 23  1   1   MSE MSE A . n 
A 1 24  VAL 24  2   2   VAL VAL A . n 
A 1 25  THR 25  3   3   THR THR A . n 
A 1 26  VAL 26  4   4   VAL VAL A . n 
A 1 27  SER 27  5   5   SER SER A . n 
A 1 28  ARG 28  6   6   ARG ARG A . n 
A 1 29  PRO 29  7   7   PRO PRO A . n 
A 1 30  THR 30  8   8   THR THR A . n 
A 1 31  ILE 31  9   9   ILE ILE A . n 
A 1 32  THR 32  10  10  THR THR A . n 
A 1 33  ASP 33  11  11  ASP ASP A . n 
A 1 34  LEU 34  12  12  LEU LEU A . n 
A 1 35  CYS 35  13  13  CYS CYS A . n 
A 1 36  LEU 36  14  14  LEU LEU A . n 
A 1 37  VAL 37  15  15  VAL VAL A . n 
A 1 38  THR 38  16  16  THR THR A . n 
A 1 39  HIS 39  17  17  HIS HIS A . n 
A 1 40  ASP 40  18  18  ASP ASP A . n 
A 1 41  LEU 41  19  19  LEU LEU A . n 
A 1 42  GLU 42  20  20  GLU GLU A . n 
A 1 43  ALA 43  21  21  ALA ALA A . n 
A 1 44  SER 44  22  22  SER SER A . n 
A 1 45  VAL 45  23  23  VAL VAL A . n 
A 1 46  GLU 46  24  24  GLU GLU A . n 
A 1 47  PHE 47  25  25  PHE PHE A . n 
A 1 48  TYR 48  26  26  TYR TYR A . n 
A 1 49  THR 49  27  27  THR THR A . n 
A 1 50  THR 50  28  28  THR THR A . n 
A 1 51  LYS 51  29  29  LYS LYS A . n 
A 1 52  LEU 52  30  30  LEU LEU A . n 
A 1 53  GLY 53  31  31  GLY GLY A . n 
A 1 54  TYR 54  32  32  TYR TYR A . n 
A 1 55  THR 55  33  33  THR THR A . n 
A 1 56  LEU 56  34  34  LEU LEU A . n 
A 1 57  SER 57  35  35  SER SER A . n 
A 1 58  SER 58  36  36  SER SER A . n 
A 1 59  ARG 59  37  37  ARG ARG A . n 
A 1 60  MSE 60  38  38  MSE MSE A . n 
A 1 61  PRO 61  39  39  PRO PRO A . n 
A 1 62  GLY 62  40  40  GLY GLY A . n 
A 1 63  PHE 63  41  41  PHE PHE A . n 
A 1 64  ALA 64  42  42  ALA ALA A . n 
A 1 65  ASP 65  43  43  ASP ASP A . n 
A 1 66  PHE 66  44  44  PHE PHE A . n 
A 1 67  GLU 67  45  45  GLU GLU A . n 
A 1 68  GLY 68  46  46  GLY GLY A . n 
A 1 69  PRO 69  47  47  PRO PRO A . n 
A 1 70  GLY 70  48  48  GLY GLY A . n 
A 1 71  VAL 71  49  49  VAL VAL A . n 
A 1 72  ILE 72  50  50  ILE ILE A . n 
A 1 73  LEU 73  51  51  LEU LEU A . n 
A 1 74  ALA 74  52  52  ALA ALA A . n 
A 1 75  LEU 75  53  53  LEU LEU A . n 
A 1 76  TRP 76  54  54  TRP TRP A . n 
A 1 77  ASP 77  55  55  ASP ASP A . n 
A 1 78  ALA 78  56  56  ALA ALA A . n 
A 1 79  GLN 79  57  57  GLN GLN A . n 
A 1 80  LEU 80  58  58  LEU LEU A . n 
A 1 81  ILE 81  59  59  ILE ILE A . n 
A 1 82  ARG 82  60  60  ARG ARG A . n 
A 1 83  GLU 83  61  61  GLU GLU A . n 
A 1 84  THR 84  62  62  THR THR A . n 
A 1 85  THR 85  63  63  THR THR A . n 
A 1 86  GLY 86  64  64  GLY GLY A . n 
A 1 87  VAL 87  65  65  VAL VAL A . n 
A 1 88  PRO 88  66  66  PRO PRO A . n 
A 1 89  ALA 89  67  67  ALA ALA A . n 
A 1 90  LEU 90  68  68  LEU LEU A . n 
A 1 91  ALA 91  69  69  ALA ALA A . n 
A 1 92  GLU 92  70  70  GLU GLU A . n 
A 1 93  GLU 93  71  71  GLU GLU A . n 
A 1 94  PRO 94  72  72  PRO PRO A . n 
A 1 95  SER 95  73  73  SER SER A . n 
A 1 96  GLY 96  74  74  GLY GLY A . n 
A 1 97  ARG 97  75  75  ARG ARG A . n 
A 1 98  THR 98  76  76  THR THR A . n 
A 1 99  VAL 99  77  77  VAL VAL A . n 
A 1 100 MSE 100 78  78  MSE MSE A . n 
A 1 101 VAL 101 79  79  VAL VAL A . n 
A 1 102 ALA 102 80  80  ALA ALA A . n 
A 1 103 VAL 103 81  81  VAL VAL A . n 
A 1 104 GLU 104 82  82  GLU GLU A . n 
A 1 105 LEU 105 83  83  LEU LEU A . n 
A 1 106 SER 106 84  84  SER SER A . n 
A 1 107 SER 107 85  85  SER SER A . n 
A 1 108 PRO 108 86  86  PRO PRO A . n 
A 1 109 VAL 109 87  87  VAL VAL A . n 
A 1 110 GLU 110 88  88  GLU GLU A . n 
A 1 111 ILE 111 89  89  ILE ILE A . n 
A 1 112 ASP 112 90  90  ASP ASP A . n 
A 1 113 THR 113 91  91  THR THR A . n 
A 1 114 ALA 114 92  92  ALA ALA A . n 
A 1 115 TYR 115 93  93  TYR TYR A . n 
A 1 116 GLU 116 94  94  GLU GLU A . n 
A 1 117 ARG 117 95  95  ARG ARG A . n 
A 1 118 LEU 118 96  96  LEU LEU A . n 
A 1 119 ARG 119 97  97  ARG ARG A . n 
A 1 120 ALA 120 98  98  ALA ALA A . n 
A 1 121 ARG 121 99  99  ARG ARG A . n 
A 1 122 GLY 122 100 100 GLY GLY A . n 
A 1 123 ILE 123 101 101 ILE ILE A . n 
A 1 124 GLU 124 102 102 GLU GLU A . n 
A 1 125 PHE 125 103 103 PHE PHE A . n 
A 1 126 TYR 126 104 104 TYR TYR A . n 
A 1 127 SER 127 105 105 SER SER A . n 
A 1 128 PRO 128 106 106 PRO PRO A . n 
A 1 129 PRO 129 107 107 PRO PRO A . n 
A 1 130 ALA 130 108 108 ALA ALA A . n 
A 1 131 ASP 131 109 109 ASP ASP A . n 
A 1 132 TYR 132 110 110 TYR TYR A . n 
A 1 133 PRO 133 111 111 PRO PRO A . n 
A 1 134 TRP 134 112 112 TRP TRP A . n 
A 1 135 ASN 135 113 113 ASN ASN A . n 
A 1 136 ALA 136 114 114 ALA ALA A . n 
A 1 137 ARG 137 115 115 ARG ARG A . n 
A 1 138 CYS 138 116 116 CYS CYS A . n 
A 1 139 ILE 139 117 117 ILE ILE A . n 
A 1 140 TYR 140 118 118 TYR TYR A . n 
A 1 141 PHE 141 119 119 PHE PHE A . n 
A 1 142 PRO 142 120 120 PRO PRO A . n 
A 1 143 GLY 143 121 121 GLY GLY A . n 
A 1 144 PRO 144 122 122 PRO PRO A . n 
A 1 145 CYS 145 123 123 CYS CYS A . n 
A 1 146 GLY 146 124 124 GLY GLY A . n 
A 1 147 GLU 147 125 125 GLU GLU A . n 
A 1 148 PHE 148 126 126 PHE PHE A . n 
A 1 149 TRP 149 127 127 TRP TRP A . n 
A 1 150 GLU 150 128 128 GLU GLU A . n 
A 1 151 TYR 151 129 129 TYR TYR A . n 
A 1 152 PHE 152 130 130 PHE PHE A . n 
A 1 153 ALA 153 131 131 ALA ALA A . n 
A 1 154 TRP 154 132 132 TRP TRP A . n 
A 1 155 LEU 155 133 133 LEU LEU A . n 
A 1 156 GLU 156 134 134 GLU GLU A . n 
A 1 157 GLY 157 135 135 GLY GLY A . n 
A 1 158 GLY 158 136 136 GLY GLY A . n 
A 1 159 LYS 159 137 137 LYS LYS A . n 
A 1 160 PRO 160 138 138 PRO PRO A . n 
A 1 161 GLY 161 139 139 GLY GLY A . n 
A 1 162 GLN 162 140 140 GLN GLN A . n 
A 1 163 LEU 163 141 141 LEU LEU A . n 
A 1 164 GLY 164 142 142 GLY GLY A . n 
A 1 165 ALA 165 143 ?   ?   ?   A . n 
A 1 166 ALA 166 144 ?   ?   ?   A . n 
A 1 167 SER 167 145 ?   ?   ?   A . n 
A 1 168 THR 168 146 ?   ?   ?   A . n 
A 1 169 THR 169 147 ?   ?   ?   A . n 
A 1 170 HIS 170 148 ?   ?   ?   A . n 
A 1 171 ASP 171 149 ?   ?   ?   A . n 
A 1 172 GLU 172 150 ?   ?   ?   A . n 
A 1 173 ARG 173 151 ?   ?   ?   A . n 
A 1 174 THR 174 152 ?   ?   ?   A . n 
A 1 175 ILE 175 153 ?   ?   ?   A . n 
A 1 176 PRO 176 154 ?   ?   ?   A . n 
# 
loop_
_pdbx_nonpoly_scheme.asym_id 
_pdbx_nonpoly_scheme.entity_id 
_pdbx_nonpoly_scheme.mon_id 
_pdbx_nonpoly_scheme.ndb_seq_num 
_pdbx_nonpoly_scheme.pdb_seq_num 
_pdbx_nonpoly_scheme.auth_seq_num 
_pdbx_nonpoly_scheme.pdb_mon_id 
_pdbx_nonpoly_scheme.auth_mon_id 
_pdbx_nonpoly_scheme.pdb_strand_id 
_pdbx_nonpoly_scheme.pdb_ins_code 
B 2 BTB 1  201 201 BTB BTB A . 
C 3 HOH 1  301 1   HOH HOH A . 
C 3 HOH 2  302 2   HOH HOH A . 
C 3 HOH 3  303 3   HOH HOH A . 
C 3 HOH 4  304 4   HOH HOH A . 
C 3 HOH 5  305 5   HOH HOH A . 
C 3 HOH 6  306 6   HOH HOH A . 
C 3 HOH 7  307 7   HOH HOH A . 
C 3 HOH 8  308 8   HOH HOH A . 
C 3 HOH 9  309 9   HOH HOH A . 
C 3 HOH 10 310 10  HOH HOH A . 
C 3 HOH 11 311 11  HOH HOH A . 
C 3 HOH 12 312 12  HOH HOH A . 
C 3 HOH 13 313 13  HOH HOH A . 
C 3 HOH 14 314 14  HOH HOH A . 
C 3 HOH 15 315 15  HOH HOH A . 
C 3 HOH 16 316 16  HOH HOH A . 
C 3 HOH 17 317 17  HOH HOH A . 
C 3 HOH 18 318 18  HOH HOH A . 
C 3 HOH 19 319 19  HOH HOH A . 
C 3 HOH 20 320 20  HOH HOH A . 
C 3 HOH 21 321 21  HOH HOH A . 
C 3 HOH 22 322 22  HOH HOH A . 
C 3 HOH 23 323 23  HOH HOH A . 
C 3 HOH 24 324 24  HOH HOH A . 
C 3 HOH 25 325 25  HOH HOH A . 
C 3 HOH 26 326 26  HOH HOH A . 
C 3 HOH 27 327 27  HOH HOH A . 
C 3 HOH 28 328 28  HOH HOH A . 
C 3 HOH 29 329 29  HOH HOH A . 
C 3 HOH 30 330 30  HOH HOH A . 
C 3 HOH 31 331 31  HOH HOH A . 
C 3 HOH 32 332 32  HOH HOH A . 
C 3 HOH 33 333 33  HOH HOH A . 
C 3 HOH 34 334 34  HOH HOH A . 
C 3 HOH 35 335 36  HOH HOH A . 
C 3 HOH 36 336 37  HOH HOH A . 
C 3 HOH 37 337 38  HOH HOH A . 
C 3 HOH 38 338 39  HOH HOH A . 
C 3 HOH 39 339 40  HOH HOH A . 
C 3 HOH 40 340 41  HOH HOH A . 
C 3 HOH 41 341 42  HOH HOH A . 
C 3 HOH 42 342 43  HOH HOH A . 
C 3 HOH 43 343 44  HOH HOH A . 
C 3 HOH 44 344 46  HOH HOH A . 
C 3 HOH 45 345 48  HOH HOH A . 
C 3 HOH 46 346 49  HOH HOH A . 
C 3 HOH 47 347 50  HOH HOH A . 
C 3 HOH 48 348 51  HOH HOH A . 
C 3 HOH 49 349 53  HOH HOH A . 
C 3 HOH 50 350 54  HOH HOH A . 
C 3 HOH 51 351 55  HOH HOH A . 
C 3 HOH 52 352 56  HOH HOH A . 
# 
loop_
_software.name 
_software.classification 
_software.version 
_software.citation_id 
_software.pdbx_ordinal 
CBASS    'data collection' .        ? 1 
SHELXS   phasing           .        ? 2 
REFMAC   refinement        5.7.0032 ? 3 
HKL-2000 'data reduction'  .        ? 4 
HKL-2000 'data scaling'    .        ? 5 
# 
_cell.entry_id           4MYM 
_cell.length_a           42.660 
_cell.length_b           83.589 
_cell.length_c           102.413 
_cell.angle_alpha        90.00 
_cell.angle_beta         90.00 
_cell.angle_gamma        90.00 
_cell.Z_PDB              8 
_cell.pdbx_unique_axis   ? 
_cell.length_a_esd       ? 
_cell.length_b_esd       ? 
_cell.length_c_esd       ? 
_cell.angle_alpha_esd    ? 
_cell.angle_beta_esd     ? 
_cell.angle_gamma_esd    ? 
# 
_symmetry.entry_id                         4MYM 
_symmetry.space_group_name_H-M             'C 2 2 21' 
_symmetry.pdbx_full_space_group_name_H-M   ? 
_symmetry.cell_setting                     ? 
_symmetry.Int_Tables_number                20 
_symmetry.space_group_name_Hall            ? 
# 
_exptl.entry_id          4MYM 
_exptl.method            'X-RAY DIFFRACTION' 
_exptl.crystals_number   1 
# 
_exptl_crystal.id                    1 
_exptl_crystal.density_meas          ? 
_exptl_crystal.density_Matthews      2.31 
_exptl_crystal.density_percent_sol   46.73 
_exptl_crystal.description           ? 
_exptl_crystal.F_000                 ? 
_exptl_crystal.preparation           ? 
# 
_exptl_crystal_grow.crystal_id      1 
_exptl_crystal_grow.method          'VAPOR DIFFUSION, SITTING DROP' 
_exptl_crystal_grow.temp            293 
_exptl_crystal_grow.temp_details    ? 
_exptl_crystal_grow.pH              5.5 
_exptl_crystal_grow.pdbx_details    
'25% PEG3350, 0.1M Bis-Tris, 0.2M NaCl, pH 5.5, VAPOR DIFFUSION, SITTING DROP, temperature 293K' 
_exptl_crystal_grow.pdbx_pH_range   ? 
# 
_diffrn.id                     1 
_diffrn.ambient_temp           100 
_diffrn.ambient_temp_details   ? 
_diffrn.crystal_id             1 
# 
_diffrn_detector.diffrn_id              1 
_diffrn_detector.detector               CCD 
_diffrn_detector.type                   'ADSC QUANTUM 315' 
_diffrn_detector.pdbx_collection_date   2013-09-25 
_diffrn_detector.details                ? 
# 
_diffrn_radiation.diffrn_id                        1 
_diffrn_radiation.wavelength_id                    1 
_diffrn_radiation.pdbx_monochromatic_or_laue_m_l   M 
_diffrn_radiation.monochromator                    'Si 111 CHANNEL' 
_diffrn_radiation.pdbx_diffrn_protocol             'SINGLE WAVELENGTH' 
_diffrn_radiation.pdbx_scattering_type             x-ray 
# 
_diffrn_radiation_wavelength.id           1 
_diffrn_radiation_wavelength.wavelength   0.9792 
_diffrn_radiation_wavelength.wt           1.0 
# 
_diffrn_source.diffrn_id                   1 
_diffrn_source.source                      SYNCHROTRON 
_diffrn_source.type                        'NSLS BEAMLINE X29A' 
_diffrn_source.pdbx_synchrotron_site       NSLS 
_diffrn_source.pdbx_synchrotron_beamline   X29A 
_diffrn_source.pdbx_wavelength             ? 
_diffrn_source.pdbx_wavelength_list        0.9792 
# 
_reflns.entry_id                     4MYM 
_reflns.observed_criterion_sigma_I   0.0 
_reflns.observed_criterion_sigma_F   0.0 
_reflns.d_resolution_low             50.0 
_reflns.d_resolution_high            1.9 
_reflns.number_obs                   14825 
_reflns.number_all                   14825 
_reflns.percent_possible_obs         99.9 
_reflns.pdbx_Rmerge_I_obs            0.092 
_reflns.pdbx_Rsym_value              ? 
_reflns.pdbx_netI_over_sigmaI        11.0 
_reflns.B_iso_Wilson_estimate        20.012 
_reflns.pdbx_redundancy              13.8 
_reflns.R_free_details               ? 
_reflns.limit_h_max                  ? 
_reflns.limit_h_min                  ? 
_reflns.limit_k_max                  ? 
_reflns.limit_k_min                  ? 
_reflns.limit_l_max                  ? 
_reflns.limit_l_min                  ? 
_reflns.observed_criterion_F_max     ? 
_reflns.observed_criterion_F_min     ? 
_reflns.pdbx_chi_squared             ? 
_reflns.pdbx_scaling_rejects         ? 
_reflns.pdbx_ordinal                 1 
_reflns.pdbx_diffrn_id               1 
# 
_reflns_shell.d_res_high             1.90 
_reflns_shell.d_res_low              1.96 
_reflns_shell.percent_possible_all   99.9 
_reflns_shell.Rmerge_I_obs           0.455 
_reflns_shell.pdbx_Rsym_value        ? 
_reflns_shell.meanI_over_sigI_obs    ? 
_reflns_shell.pdbx_redundancy        12.6 
_reflns_shell.percent_possible_obs   ? 
_reflns_shell.number_unique_all      1228 
_reflns_shell.number_measured_all    ? 
_reflns_shell.number_measured_obs    ? 
_reflns_shell.number_unique_obs      ? 
_reflns_shell.pdbx_chi_squared       ? 
_reflns_shell.pdbx_ordinal           1 
_reflns_shell.pdbx_diffrn_id         1 
# 
_refine.entry_id                                 4MYM 
_refine.ls_number_reflns_obs                     14016 
_refine.ls_number_reflns_all                     14762 
_refine.pdbx_ls_sigma_I                          ? 
_refine.pdbx_ls_sigma_F                          . 
_refine.pdbx_data_cutoff_high_absF               ? 
_refine.pdbx_data_cutoff_low_absF                ? 
_refine.pdbx_data_cutoff_high_rms_absF           ? 
_refine.ls_d_res_low                             38.03 
_refine.ls_d_res_high                            1.90 
_refine.ls_percent_reflns_obs                    99.50 
_refine.ls_R_factor_obs                          0.18798 
_refine.ls_R_factor_all                          0.218 
_refine.ls_R_factor_R_work                       0.18641 
_refine.ls_R_factor_R_free                       0.21722 
_refine.ls_R_factor_R_free_error                 ? 
_refine.ls_R_factor_R_free_error_details         ? 
_refine.ls_percent_reflns_R_free                 5.1 
_refine.ls_number_reflns_R_free                  746 
_refine.ls_number_parameters                     ? 
_refine.ls_number_restraints                     ? 
_refine.occupancy_min                            ? 
_refine.occupancy_max                            ? 
_refine.correlation_coeff_Fo_to_Fc               0.957 
_refine.correlation_coeff_Fo_to_Fc_free          0.939 
_refine.B_iso_mean                               25.849 
_refine.aniso_B[1][1]                            -0.30 
_refine.aniso_B[2][2]                            -2.15 
_refine.aniso_B[3][3]                            2.45 
_refine.aniso_B[1][2]                            0.00 
_refine.aniso_B[1][3]                            -0.00 
_refine.aniso_B[2][3]                            0.00 
_refine.solvent_model_details                    MASK 
_refine.solvent_model_param_ksol                 ? 
_refine.solvent_model_param_bsol                 ? 
_refine.pdbx_solvent_vdw_probe_radii             1.20 
_refine.pdbx_solvent_ion_probe_radii             0.80 
_refine.pdbx_solvent_shrinkage_radii             0.80 
_refine.pdbx_ls_cross_valid_method               THROUGHOUT 
_refine.details                                  'HYDROGENS HAVE BEEN ADDED IN THE RIDING POSITIONS' 
_refine.pdbx_starting_model                      ? 
_refine.pdbx_method_to_determine_struct          SAD 
_refine.pdbx_isotropic_thermal_model             ? 
_refine.pdbx_stereochemistry_target_values       'MAXIMUM LIKELIHOOD' 
_refine.pdbx_stereochem_target_val_spec_case     ? 
_refine.pdbx_R_Free_selection_details            RANDOM 
_refine.pdbx_overall_ESU_R                       0.134 
_refine.pdbx_overall_ESU_R_Free                  0.126 
_refine.overall_SU_ML                            0.093 
_refine.pdbx_overall_phase_error                 ? 
_refine.overall_SU_B                             3.207 
_refine.overall_SU_R_Cruickshank_DPI             ? 
_refine.ls_redundancy_reflns_obs                 ? 
_refine.B_iso_min                                ? 
_refine.B_iso_max                                ? 
_refine.overall_SU_R_free                        ? 
_refine.ls_wR_factor_R_free                      ? 
_refine.ls_wR_factor_R_work                      ? 
_refine.overall_FOM_free_R_set                   ? 
_refine.overall_FOM_work_R_set                   ? 
_refine.pdbx_diffrn_id                           1 
_refine.pdbx_refine_id                           'X-RAY DIFFRACTION' 
_refine.pdbx_TLS_residual_ADP_flag               ? 
_refine.pdbx_overall_SU_R_free_Cruickshank_DPI   ? 
_refine.pdbx_overall_SU_R_Blow_DPI               ? 
_refine.pdbx_overall_SU_R_free_Blow_DPI          ? 
# 
_refine_hist.pdbx_refine_id                   'X-RAY DIFFRACTION' 
_refine_hist.cycle_id                         LAST 
_refine_hist.pdbx_number_atoms_protein        1183 
_refine_hist.pdbx_number_atoms_nucleic_acid   0 
_refine_hist.pdbx_number_atoms_ligand         14 
_refine_hist.number_atoms_solvent             52 
_refine_hist.number_atoms_total               1249 
_refine_hist.d_res_high                       1.90 
_refine_hist.d_res_low                        38.03 
# 
loop_
_refine_ls_restr.type 
_refine_ls_restr.dev_ideal 
_refine_ls_restr.dev_ideal_target 
_refine_ls_restr.weight 
_refine_ls_restr.number 
_refine_ls_restr.pdbx_restraint_function 
_refine_ls_restr.pdbx_refine_id 
r_bond_refined_d             0.007  0.020  ? 1232 ? 'X-RAY DIFFRACTION' 
r_bond_other_d               0.001  0.020  ? 1118 ? 'X-RAY DIFFRACTION' 
r_angle_refined_deg          1.256  1.983  ? 1682 ? 'X-RAY DIFFRACTION' 
r_angle_other_deg            0.737  3.000  ? 2583 ? 'X-RAY DIFFRACTION' 
r_dihedral_angle_1_deg       5.646  5.000  ? 150  ? 'X-RAY DIFFRACTION' 
r_dihedral_angle_2_deg       32.122 23.148 ? 54   ? 'X-RAY DIFFRACTION' 
r_dihedral_angle_3_deg       12.447 15.000 ? 169  ? 'X-RAY DIFFRACTION' 
r_dihedral_angle_4_deg       14.901 15.000 ? 8    ? 'X-RAY DIFFRACTION' 
r_chiral_restr               0.071  0.200  ? 181  ? 'X-RAY DIFFRACTION' 
r_gen_planes_refined         0.005  0.021  ? 1378 ? 'X-RAY DIFFRACTION' 
r_gen_planes_other           0.001  0.020  ? 280  ? 'X-RAY DIFFRACTION' 
r_nbd_refined                ?      ?      ? ?    ? 'X-RAY DIFFRACTION' 
r_nbd_other                  ?      ?      ? ?    ? 'X-RAY DIFFRACTION' 
r_nbtor_refined              ?      ?      ? ?    ? 'X-RAY DIFFRACTION' 
r_nbtor_other                ?      ?      ? ?    ? 'X-RAY DIFFRACTION' 
r_xyhbond_nbd_refined        ?      ?      ? ?    ? 'X-RAY DIFFRACTION' 
r_xyhbond_nbd_other          ?      ?      ? ?    ? 'X-RAY DIFFRACTION' 
r_metal_ion_refined          ?      ?      ? ?    ? 'X-RAY DIFFRACTION' 
r_metal_ion_other            ?      ?      ? ?    ? 'X-RAY DIFFRACTION' 
r_symmetry_vdw_refined       ?      ?      ? ?    ? 'X-RAY DIFFRACTION' 
r_symmetry_vdw_other         ?      ?      ? ?    ? 'X-RAY DIFFRACTION' 
r_symmetry_hbond_refined     ?      ?      ? ?    ? 'X-RAY DIFFRACTION' 
r_symmetry_hbond_other       ?      ?      ? ?    ? 'X-RAY DIFFRACTION' 
r_symmetry_metal_ion_refined ?      ?      ? ?    ? 'X-RAY DIFFRACTION' 
r_symmetry_metal_ion_other   ?      ?      ? ?    ? 'X-RAY DIFFRACTION' 
r_mcbond_it                  1.324  2.480  ? 603  ? 'X-RAY DIFFRACTION' 
r_mcbond_other               1.308  2.473  ? 602  ? 'X-RAY DIFFRACTION' 
r_mcangle_it                 2.175  3.703  ? 752  ? 'X-RAY DIFFRACTION' 
r_mcangle_other              2.179  3.709  ? 753  ? 'X-RAY DIFFRACTION' 
r_scbond_it                  1.882  2.652  ? 628  ? 'X-RAY DIFFRACTION' 
r_scbond_other               1.881  2.652  ? 628  ? 'X-RAY DIFFRACTION' 
r_scangle_it                 ?      ?      ? ?    ? 'X-RAY DIFFRACTION' 
r_scangle_other              2.985  3.893  ? 931  ? 'X-RAY DIFFRACTION' 
r_long_range_B_refined       4.411  20.039 ? 1379 ? 'X-RAY DIFFRACTION' 
r_long_range_B_other         4.405  19.971 ? 1367 ? 'X-RAY DIFFRACTION' 
r_rigid_bond_restr           ?      ?      ? ?    ? 'X-RAY DIFFRACTION' 
r_sphericity_free            ?      ?      ? ?    ? 'X-RAY DIFFRACTION' 
r_sphericity_bonded          ?      ?      ? ?    ? 'X-RAY DIFFRACTION' 
# 
_refine_ls_shell.pdbx_total_number_of_bins_used   20 
_refine_ls_shell.d_res_high                       1.900 
_refine_ls_shell.d_res_low                        1.950 
_refine_ls_shell.number_reflns_R_work             993 
_refine_ls_shell.R_factor_R_work                  0.314 
_refine_ls_shell.percent_reflns_obs               96.95 
_refine_ls_shell.R_factor_R_free                  0.310 
_refine_ls_shell.R_factor_R_free_error            ? 
_refine_ls_shell.percent_reflns_R_free            ? 
_refine_ls_shell.number_reflns_R_free             55 
_refine_ls_shell.number_reflns_all                ? 
_refine_ls_shell.R_factor_all                     ? 
_refine_ls_shell.number_reflns_obs                1048 
_refine_ls_shell.redundancy_reflns_obs            ? 
_refine_ls_shell.pdbx_refine_id                   'X-RAY DIFFRACTION' 
# 
_struct.entry_id                  4MYM 
_struct.title                     'Crystal structure of a glyoxalase/ bleomycin resistance protein/ dioxygenase from Nocardioides' 
_struct.pdbx_model_details        ? 
_struct.pdbx_CASP_flag            ? 
_struct.pdbx_model_type_details   ? 
# 
_struct_keywords.entry_id        4MYM 
_struct_keywords.pdbx_keywords   OXIDOREDUCTASE 
_struct_keywords.text            
;PSI-Biology, NYSGRC, Structural Genomics, New York Structural Genomics Research Consortium, metalloproteins, antibiotic resistance proteins, OXIDOREDUCTASE
;
# 
loop_
_struct_asym.id 
_struct_asym.pdbx_blank_PDB_chainid_flag 
_struct_asym.pdbx_modified 
_struct_asym.entity_id 
_struct_asym.details 
A N N 1 ? 
B N N 2 ? 
C N N 3 ? 
# 
_struct_ref.id                         1 
_struct_ref.db_name                    UNP 
_struct_ref.db_code                    A1SPF2_NOCSJ 
_struct_ref.pdbx_db_accession          A1SPF2 
_struct_ref.entity_id                  1 
_struct_ref.pdbx_seq_one_letter_code   
;TVSRPTITDLCLVTHDLEASVEFYTTKLGYTLSSRMPGFADFEGPGVILALWDAQLIRETTGVPALAEEPSGRTVMVAVE
LSSPVEIDTAYERLRARGIEFYSPPADYPWNARCIYFPGPCGEFWEYFAWLEGGKPGQLGAASTTHDERTIP
;
_struct_ref.pdbx_align_begin           2 
_struct_ref.pdbx_db_isoform            ? 
# 
_struct_ref_seq.align_id                      1 
_struct_ref_seq.ref_id                        1 
_struct_ref_seq.pdbx_PDB_id_code              4MYM 
_struct_ref_seq.pdbx_strand_id                A 
_struct_ref_seq.seq_align_beg                 25 
_struct_ref_seq.pdbx_seq_align_beg_ins_code   ? 
_struct_ref_seq.seq_align_end                 176 
_struct_ref_seq.pdbx_seq_align_end_ins_code   ? 
_struct_ref_seq.pdbx_db_accession             A1SPF2 
_struct_ref_seq.db_align_beg                  2 
_struct_ref_seq.pdbx_db_align_beg_ins_code    ? 
_struct_ref_seq.db_align_end                  153 
_struct_ref_seq.pdbx_db_align_end_ins_code    ? 
_struct_ref_seq.pdbx_auth_seq_align_beg       3 
_struct_ref_seq.pdbx_auth_seq_align_end       154 
# 
loop_
_struct_ref_seq_dif.align_id 
_struct_ref_seq_dif.pdbx_pdb_id_code 
_struct_ref_seq_dif.mon_id 
_struct_ref_seq_dif.pdbx_pdb_strand_id 
_struct_ref_seq_dif.seq_num 
_struct_ref_seq_dif.pdbx_pdb_ins_code 
_struct_ref_seq_dif.pdbx_seq_db_name 
_struct_ref_seq_dif.pdbx_seq_db_accession_code 
_struct_ref_seq_dif.db_mon_id 
_struct_ref_seq_dif.pdbx_seq_db_seq_num 
_struct_ref_seq_dif.details 
_struct_ref_seq_dif.pdbx_auth_seq_num 
_struct_ref_seq_dif.pdbx_ordinal 
1 4MYM MSE A 1  ? UNP A1SPF2 ? ? 'expression tag' -21 1  
1 4MYM HIS A 2  ? UNP A1SPF2 ? ? 'expression tag' -20 2  
1 4MYM HIS A 3  ? UNP A1SPF2 ? ? 'expression tag' -19 3  
1 4MYM HIS A 4  ? UNP A1SPF2 ? ? 'expression tag' -18 4  
1 4MYM HIS A 5  ? UNP A1SPF2 ? ? 'expression tag' -17 5  
1 4MYM HIS A 6  ? UNP A1SPF2 ? ? 'expression tag' -16 6  
1 4MYM HIS A 7  ? UNP A1SPF2 ? ? 'expression tag' -15 7  
1 4MYM SER A 8  ? UNP A1SPF2 ? ? 'expression tag' -14 8  
1 4MYM SER A 9  ? UNP A1SPF2 ? ? 'expression tag' -13 9  
1 4MYM GLY A 10 ? UNP A1SPF2 ? ? 'expression tag' -12 10 
1 4MYM VAL A 11 ? UNP A1SPF2 ? ? 'expression tag' -11 11 
1 4MYM ASP A 12 ? UNP A1SPF2 ? ? 'expression tag' -10 12 
1 4MYM LEU A 13 ? UNP A1SPF2 ? ? 'expression tag' -9  13 
1 4MYM GLY A 14 ? UNP A1SPF2 ? ? 'expression tag' -8  14 
1 4MYM THR A 15 ? UNP A1SPF2 ? ? 'expression tag' -7  15 
1 4MYM GLU A 16 ? UNP A1SPF2 ? ? 'expression tag' -6  16 
1 4MYM ASN A 17 ? UNP A1SPF2 ? ? 'expression tag' -5  17 
1 4MYM LEU A 18 ? UNP A1SPF2 ? ? 'expression tag' -4  18 
1 4MYM TYR A 19 ? UNP A1SPF2 ? ? 'expression tag' -3  19 
1 4MYM PHE A 20 ? UNP A1SPF2 ? ? 'expression tag' -2  20 
1 4MYM GLN A 21 ? UNP A1SPF2 ? ? 'expression tag' -1  21 
1 4MYM SER A 22 ? UNP A1SPF2 ? ? 'expression tag' 0   22 
1 4MYM MSE A 23 ? UNP A1SPF2 ? ? 'expression tag' 1   23 
1 4MYM VAL A 24 ? UNP A1SPF2 ? ? 'expression tag' 2   24 
# 
_pdbx_struct_assembly.id                   1 
_pdbx_struct_assembly.details              author_and_software_defined_assembly 
_pdbx_struct_assembly.method_details       PISA 
_pdbx_struct_assembly.oligomeric_details   dimeric 
_pdbx_struct_assembly.oligomeric_count     2 
# 
loop_
_pdbx_struct_assembly_prop.biol_id 
_pdbx_struct_assembly_prop.type 
_pdbx_struct_assembly_prop.value 
_pdbx_struct_assembly_prop.details 
1 'ABSA (A^2)' 5450  ? 
1 MORE         -38   ? 
1 'SSA (A^2)'  14950 ? 
# 
_pdbx_struct_assembly_gen.assembly_id       1 
_pdbx_struct_assembly_gen.oper_expression   1,2 
_pdbx_struct_assembly_gen.asym_id_list      A,B,C 
# 
loop_
_pdbx_struct_oper_list.id 
_pdbx_struct_oper_list.type 
_pdbx_struct_oper_list.name 
_pdbx_struct_oper_list.symmetry_operation 
_pdbx_struct_oper_list.matrix[1][1] 
_pdbx_struct_oper_list.matrix[1][2] 
_pdbx_struct_oper_list.matrix[1][3] 
_pdbx_struct_oper_list.vector[1] 
_pdbx_struct_oper_list.matrix[2][1] 
_pdbx_struct_oper_list.matrix[2][2] 
_pdbx_struct_oper_list.matrix[2][3] 
_pdbx_struct_oper_list.vector[2] 
_pdbx_struct_oper_list.matrix[3][1] 
_pdbx_struct_oper_list.matrix[3][2] 
_pdbx_struct_oper_list.matrix[3][3] 
_pdbx_struct_oper_list.vector[3] 
1 'identity operation'         1_555 x,y,z     1.0000000000  0.0000000000  0.0000000000 0.0000000000 0.0000000000  1.0000000000 0.0000000000  0.0000000000  0.0000000000 0.0000000000  1.0000000000  0.0000000000  
2 'crystal symmetry operation' 4_556 x,-y,-z+1 -0.8704718805 -0.4499507184 0.1995571505 4.1331806268 -0.4499507184 0.5630246910 -0.6932153693 -1.9422959041 0.1995571505 -0.6932153693 -0.6925528106 -7.0621400855 
# 
_struct_biol.id        1 
_struct_biol.details   ? 
# 
loop_
_struct_conf.conf_type_id 
_struct_conf.id 
_struct_conf.pdbx_PDB_helix_id 
_struct_conf.beg_label_comp_id 
_struct_conf.beg_label_asym_id 
_struct_conf.beg_label_seq_id 
_struct_conf.pdbx_beg_PDB_ins_code 
_struct_conf.end_label_comp_id 
_struct_conf.end_label_asym_id 
_struct_conf.end_label_seq_id 
_struct_conf.pdbx_end_PDB_ins_code 
_struct_conf.beg_auth_comp_id 
_struct_conf.beg_auth_asym_id 
_struct_conf.beg_auth_seq_id 
_struct_conf.end_auth_comp_id 
_struct_conf.end_auth_asym_id 
_struct_conf.end_auth_seq_id 
_struct_conf.pdbx_PDB_helix_class 
_struct_conf.details 
_struct_conf.pdbx_PDB_helix_length 
HELX_P HELX_P1 1 GLY A 14  ? THR A 25  ? GLY A -8 THR A 3  1 ? 12 
HELX_P HELX_P2 2 ASP A 40  ? LYS A 51  ? ASP A 18 LYS A 29 1 ? 12 
HELX_P HELX_P3 3 ALA A 78  ? GLY A 86  ? ALA A 56 GLY A 64 1 ? 9  
HELX_P HELX_P4 4 SER A 107 ? ARG A 121 ? SER A 85 ARG A 99 1 ? 15 
# 
_struct_conf_type.id          HELX_P 
_struct_conf_type.criteria    ? 
_struct_conf_type.reference   ? 
# 
loop_
_struct_conn.id 
_struct_conn.conn_type_id 
_struct_conn.pdbx_leaving_atom_flag 
_struct_conn.pdbx_PDB_id 
_struct_conn.ptnr1_label_asym_id 
_struct_conn.ptnr1_label_comp_id 
_struct_conn.ptnr1_label_seq_id 
_struct_conn.ptnr1_label_atom_id 
_struct_conn.pdbx_ptnr1_label_alt_id 
_struct_conn.pdbx_ptnr1_PDB_ins_code 
_struct_conn.pdbx_ptnr1_standard_comp_id 
_struct_conn.ptnr1_symmetry 
_struct_conn.ptnr2_label_asym_id 
_struct_conn.ptnr2_label_comp_id 
_struct_conn.ptnr2_label_seq_id 
_struct_conn.ptnr2_label_atom_id 
_struct_conn.pdbx_ptnr2_label_alt_id 
_struct_conn.pdbx_ptnr2_PDB_ins_code 
_struct_conn.ptnr1_auth_asym_id 
_struct_conn.ptnr1_auth_comp_id 
_struct_conn.ptnr1_auth_seq_id 
_struct_conn.ptnr2_auth_asym_id 
_struct_conn.ptnr2_auth_comp_id 
_struct_conn.ptnr2_auth_seq_id 
_struct_conn.ptnr2_symmetry 
_struct_conn.pdbx_ptnr3_label_atom_id 
_struct_conn.pdbx_ptnr3_label_seq_id 
_struct_conn.pdbx_ptnr3_label_comp_id 
_struct_conn.pdbx_ptnr3_label_asym_id 
_struct_conn.pdbx_ptnr3_label_alt_id 
_struct_conn.pdbx_ptnr3_PDB_ins_code 
_struct_conn.details 
_struct_conn.pdbx_dist_value 
_struct_conn.pdbx_value_order 
_struct_conn.pdbx_role 
covale1 covale both ? A SER 22  C ? ? ? 1_555 A MSE 23  N ? ? A SER 0  A MSE 1  1_555 ? ? ? ? ? ? ? 1.330 ? ? 
covale2 covale both ? A MSE 23  C ? ? ? 1_555 A VAL 24  N ? ? A MSE 1  A VAL 2  1_555 ? ? ? ? ? ? ? 1.333 ? ? 
covale3 covale both ? A ARG 59  C ? ? ? 1_555 A MSE 60  N ? ? A ARG 37 A MSE 38 1_555 ? ? ? ? ? ? ? 1.327 ? ? 
covale4 covale both ? A MSE 60  C ? ? ? 1_555 A PRO 61  N ? ? A MSE 38 A PRO 39 1_555 ? ? ? ? ? ? ? 1.345 ? ? 
covale5 covale both ? A VAL 99  C ? ? ? 1_555 A MSE 100 N ? ? A VAL 77 A MSE 78 1_555 ? ? ? ? ? ? ? 1.329 ? ? 
covale6 covale both ? A MSE 100 C ? ? ? 1_555 A VAL 101 N ? ? A MSE 78 A VAL 79 1_555 ? ? ? ? ? ? ? 1.330 ? ? 
# 
_struct_conn_type.id          covale 
_struct_conn_type.criteria    ? 
_struct_conn_type.reference   ? 
# 
loop_
_pdbx_modification_feature.ordinal 
_pdbx_modification_feature.label_comp_id 
_pdbx_modification_feature.label_asym_id 
_pdbx_modification_feature.label_seq_id 
_pdbx_modification_feature.label_alt_id 
_pdbx_modification_feature.modified_residue_label_comp_id 
_pdbx_modification_feature.modified_residue_label_asym_id 
_pdbx_modification_feature.modified_residue_label_seq_id 
_pdbx_modification_feature.modified_residue_label_alt_id 
_pdbx_modification_feature.auth_comp_id 
_pdbx_modification_feature.auth_asym_id 
_pdbx_modification_feature.auth_seq_id 
_pdbx_modification_feature.PDB_ins_code 
_pdbx_modification_feature.symmetry 
_pdbx_modification_feature.modified_residue_auth_comp_id 
_pdbx_modification_feature.modified_residue_auth_asym_id 
_pdbx_modification_feature.modified_residue_auth_seq_id 
_pdbx_modification_feature.modified_residue_PDB_ins_code 
_pdbx_modification_feature.modified_residue_symmetry 
_pdbx_modification_feature.comp_id_linking_atom 
_pdbx_modification_feature.modified_residue_id_linking_atom 
_pdbx_modification_feature.modified_residue_id 
_pdbx_modification_feature.ref_pcm_id 
_pdbx_modification_feature.ref_comp_id 
_pdbx_modification_feature.type 
_pdbx_modification_feature.category 
1 MSE A 23  ? . . . . MSE A 1  ? 1_555 . . . . . . . MET 1 MSE Selenomethionine 'Named protein modification' 
2 MSE A 60  ? . . . . MSE A 38 ? 1_555 . . . . . . . MET 1 MSE Selenomethionine 'Named protein modification' 
3 MSE A 100 ? . . . . MSE A 78 ? 1_555 . . . . . . . MET 1 MSE Selenomethionine 'Named protein modification' 
# 
_struct_mon_prot_cis.pdbx_id                1 
_struct_mon_prot_cis.label_comp_id          GLY 
_struct_mon_prot_cis.label_seq_id           68 
_struct_mon_prot_cis.label_asym_id          A 
_struct_mon_prot_cis.label_alt_id           . 
_struct_mon_prot_cis.pdbx_PDB_ins_code      ? 
_struct_mon_prot_cis.auth_comp_id           GLY 
_struct_mon_prot_cis.auth_seq_id            46 
_struct_mon_prot_cis.auth_asym_id           A 
_struct_mon_prot_cis.pdbx_label_comp_id_2   PRO 
_struct_mon_prot_cis.pdbx_label_seq_id_2    69 
_struct_mon_prot_cis.pdbx_label_asym_id_2   A 
_struct_mon_prot_cis.pdbx_PDB_ins_code_2    ? 
_struct_mon_prot_cis.pdbx_auth_comp_id_2    PRO 
_struct_mon_prot_cis.pdbx_auth_seq_id_2     47 
_struct_mon_prot_cis.pdbx_auth_asym_id_2    A 
_struct_mon_prot_cis.pdbx_PDB_model_num     1 
_struct_mon_prot_cis.pdbx_omega_angle       7.09 
# 
loop_
_struct_sheet.id 
_struct_sheet.type 
_struct_sheet.number_strands 
_struct_sheet.details 
A ? 4 ? 
B ? 4 ? 
# 
loop_
_struct_sheet_order.sheet_id 
_struct_sheet_order.range_id_1 
_struct_sheet_order.range_id_2 
_struct_sheet_order.offset 
_struct_sheet_order.sense 
A 1 2 ? parallel      
A 2 3 ? anti-parallel 
A 3 4 ? anti-parallel 
B 1 2 ? parallel      
B 2 3 ? anti-parallel 
B 3 4 ? anti-parallel 
# 
loop_
_struct_sheet_range.sheet_id 
_struct_sheet_range.id 
_struct_sheet_range.beg_label_comp_id 
_struct_sheet_range.beg_label_asym_id 
_struct_sheet_range.beg_label_seq_id 
_struct_sheet_range.pdbx_beg_PDB_ins_code 
_struct_sheet_range.end_label_comp_id 
_struct_sheet_range.end_label_asym_id 
_struct_sheet_range.end_label_seq_id 
_struct_sheet_range.pdbx_end_PDB_ins_code 
_struct_sheet_range.beg_auth_comp_id 
_struct_sheet_range.beg_auth_asym_id 
_struct_sheet_range.beg_auth_seq_id 
_struct_sheet_range.end_auth_comp_id 
_struct_sheet_range.end_auth_asym_id 
_struct_sheet_range.end_auth_seq_id 
A 1 ASP A 33  ? THR A 38  ? ASP A 11  THR A 16  
A 2 ILE A 72  ? ASP A 77  ? ILE A 50  ASP A 55  
A 3 PHE A 63  ? PHE A 66  ? PHE A 41  PHE A 44  
A 4 LEU A 56  ? MSE A 60  ? LEU A 34  MSE A 38  
B 1 VAL A 99  ? GLU A 104 ? VAL A 77  GLU A 82  
B 2 GLU A 147 ? TRP A 154 ? GLU A 125 TRP A 132 
B 3 ALA A 136 ? PRO A 142 ? ALA A 114 PRO A 120 
B 4 ALA A 130 ? TYR A 132 ? ALA A 108 TYR A 110 
# 
loop_
_pdbx_struct_sheet_hbond.sheet_id 
_pdbx_struct_sheet_hbond.range_id_1 
_pdbx_struct_sheet_hbond.range_id_2 
_pdbx_struct_sheet_hbond.range_1_label_atom_id 
_pdbx_struct_sheet_hbond.range_1_label_comp_id 
_pdbx_struct_sheet_hbond.range_1_label_asym_id 
_pdbx_struct_sheet_hbond.range_1_label_seq_id 
_pdbx_struct_sheet_hbond.range_1_PDB_ins_code 
_pdbx_struct_sheet_hbond.range_1_auth_atom_id 
_pdbx_struct_sheet_hbond.range_1_auth_comp_id 
_pdbx_struct_sheet_hbond.range_1_auth_asym_id 
_pdbx_struct_sheet_hbond.range_1_auth_seq_id 
_pdbx_struct_sheet_hbond.range_2_label_atom_id 
_pdbx_struct_sheet_hbond.range_2_label_comp_id 
_pdbx_struct_sheet_hbond.range_2_label_asym_id 
_pdbx_struct_sheet_hbond.range_2_label_seq_id 
_pdbx_struct_sheet_hbond.range_2_PDB_ins_code 
_pdbx_struct_sheet_hbond.range_2_auth_atom_id 
_pdbx_struct_sheet_hbond.range_2_auth_comp_id 
_pdbx_struct_sheet_hbond.range_2_auth_asym_id 
_pdbx_struct_sheet_hbond.range_2_auth_seq_id 
A 1 2 N LEU A 34  ? N LEU A 12  O ILE A 72  ? O ILE A 50  
A 2 3 O LEU A 75  ? O LEU A 53  N ALA A 64  ? N ALA A 42  
A 3 4 O ASP A 65  ? O ASP A 43  N SER A 57  ? N SER A 35  
B 1 2 N VAL A 103 ? N VAL A 81  O GLU A 150 ? O GLU A 128 
B 2 3 O TRP A 149 ? O TRP A 127 N PHE A 141 ? N PHE A 119 
B 3 4 O ALA A 136 ? O ALA A 114 N TYR A 132 ? N TYR A 110 
# 
_struct_site.id                   AC1 
_struct_site.pdbx_evidence_code   Software 
_struct_site.pdbx_auth_asym_id    A 
_struct_site.pdbx_auth_comp_id    BTB 
_struct_site.pdbx_auth_seq_id     201 
_struct_site.pdbx_auth_ins_code   ? 
_struct_site.pdbx_num_residues    12 
_struct_site.details              'BINDING SITE FOR RESIDUE BTB A 201' 
# 
loop_
_struct_site_gen.id 
_struct_site_gen.site_id 
_struct_site_gen.pdbx_num_res 
_struct_site_gen.label_comp_id 
_struct_site_gen.label_asym_id 
_struct_site_gen.label_seq_id 
_struct_site_gen.pdbx_auth_ins_code 
_struct_site_gen.auth_comp_id 
_struct_site_gen.auth_asym_id 
_struct_site_gen.auth_seq_id 
_struct_site_gen.label_atom_id 
_struct_site_gen.label_alt_id 
_struct_site_gen.symmetry 
_struct_site_gen.details 
1  AC1 12 PHE A 63  ? PHE A 41  . ? 4_556 ? 
2  AC1 12 TRP A 76  ? TRP A 54  . ? 4_556 ? 
3  AC1 12 MSE A 100 ? MSE A 78  . ? 1_555 ? 
4  AC1 12 TRP A 134 ? TRP A 112 . ? 1_555 ? 
5  AC1 12 CYS A 138 ? CYS A 116 . ? 1_555 ? 
6  AC1 12 GLU A 150 ? GLU A 128 . ? 1_555 ? 
7  AC1 12 PHE A 152 ? PHE A 130 . ? 1_555 ? 
8  AC1 12 TRP A 154 ? TRP A 132 . ? 1_555 ? 
9  AC1 12 HOH C .   ? HOH A 319 . ? 1_555 ? 
10 AC1 12 HOH C .   ? HOH A 324 . ? 4_556 ? 
11 AC1 12 HOH C .   ? HOH A 325 . ? 5_545 ? 
12 AC1 12 HOH C .   ? HOH A 332 . ? 1_555 ? 
# 
_pdbx_entry_details.entry_id                   4MYM 
_pdbx_entry_details.compound_details           ? 
_pdbx_entry_details.source_details             ? 
_pdbx_entry_details.nonpolymer_details         ? 
_pdbx_entry_details.sequence_details           ? 
_pdbx_entry_details.has_ligand_of_interest     ? 
_pdbx_entry_details.has_protein_modification   Y 
# 
loop_
_pdbx_validate_torsion.id 
_pdbx_validate_torsion.PDB_model_num 
_pdbx_validate_torsion.auth_comp_id 
_pdbx_validate_torsion.auth_asym_id 
_pdbx_validate_torsion.auth_seq_id 
_pdbx_validate_torsion.PDB_ins_code 
_pdbx_validate_torsion.label_alt_id 
_pdbx_validate_torsion.phi 
_pdbx_validate_torsion.psi 
1 1 ASP A 18  ? ? -159.10 86.39 
2 1 ASN A 113 ? ? 70.39   34.43 
# 
_pdbx_SG_project.id                    1 
_pdbx_SG_project.project_name          PSI:Biology 
_pdbx_SG_project.full_name_of_center   'New York Structural Genomics Research Consortium' 
_pdbx_SG_project.initial_of_center     NYSGRC 
# 
loop_
_pdbx_struct_mod_residue.id 
_pdbx_struct_mod_residue.label_asym_id 
_pdbx_struct_mod_residue.label_comp_id 
_pdbx_struct_mod_residue.label_seq_id 
_pdbx_struct_mod_residue.auth_asym_id 
_pdbx_struct_mod_residue.auth_comp_id 
_pdbx_struct_mod_residue.auth_seq_id 
_pdbx_struct_mod_residue.PDB_ins_code 
_pdbx_struct_mod_residue.parent_comp_id 
_pdbx_struct_mod_residue.details 
1 A MSE 23  A MSE 1  ? MET SELENOMETHIONINE 
2 A MSE 60  A MSE 38 ? MET SELENOMETHIONINE 
3 A MSE 100 A MSE 78 ? MET SELENOMETHIONINE 
# 
loop_
_pdbx_unobs_or_zero_occ_residues.id 
_pdbx_unobs_or_zero_occ_residues.PDB_model_num 
_pdbx_unobs_or_zero_occ_residues.polymer_flag 
_pdbx_unobs_or_zero_occ_residues.occupancy_flag 
_pdbx_unobs_or_zero_occ_residues.auth_asym_id 
_pdbx_unobs_or_zero_occ_residues.auth_comp_id 
_pdbx_unobs_or_zero_occ_residues.auth_seq_id 
_pdbx_unobs_or_zero_occ_residues.PDB_ins_code 
_pdbx_unobs_or_zero_occ_residues.label_asym_id 
_pdbx_unobs_or_zero_occ_residues.label_comp_id 
_pdbx_unobs_or_zero_occ_residues.label_seq_id 
1  1 Y 1 A MSE -21 ? A MSE 1   
2  1 Y 1 A HIS -20 ? A HIS 2   
3  1 Y 1 A HIS -19 ? A HIS 3   
4  1 Y 1 A HIS -18 ? A HIS 4   
5  1 Y 1 A HIS -17 ? A HIS 5   
6  1 Y 1 A HIS -16 ? A HIS 6   
7  1 Y 1 A HIS -15 ? A HIS 7   
8  1 Y 1 A SER -14 ? A SER 8   
9  1 Y 1 A SER -13 ? A SER 9   
10 1 Y 1 A GLY -12 ? A GLY 10  
11 1 Y 1 A VAL -11 ? A VAL 11  
12 1 Y 1 A ASP -10 ? A ASP 12  
13 1 Y 1 A LEU -9  ? A LEU 13  
14 1 Y 1 A ALA 143 ? A ALA 165 
15 1 Y 1 A ALA 144 ? A ALA 166 
16 1 Y 1 A SER 145 ? A SER 167 
17 1 Y 1 A THR 146 ? A THR 168 
18 1 Y 1 A THR 147 ? A THR 169 
19 1 Y 1 A HIS 148 ? A HIS 170 
20 1 Y 1 A ASP 149 ? A ASP 171 
21 1 Y 1 A GLU 150 ? A GLU 172 
22 1 Y 1 A ARG 151 ? A ARG 173 
23 1 Y 1 A THR 152 ? A THR 174 
24 1 Y 1 A ILE 153 ? A ILE 175 
25 1 Y 1 A PRO 154 ? A PRO 176 
# 
loop_
_chem_comp_atom.comp_id 
_chem_comp_atom.atom_id 
_chem_comp_atom.type_symbol 
_chem_comp_atom.pdbx_aromatic_flag 
_chem_comp_atom.pdbx_stereo_config 
_chem_comp_atom.pdbx_ordinal 
ALA N    N  N N 1   
ALA CA   C  N S 2   
ALA C    C  N N 3   
ALA O    O  N N 4   
ALA CB   C  N N 5   
ALA OXT  O  N N 6   
ALA H    H  N N 7   
ALA H2   H  N N 8   
ALA HA   H  N N 9   
ALA HB1  H  N N 10  
ALA HB2  H  N N 11  
ALA HB3  H  N N 12  
ALA HXT  H  N N 13  
ARG N    N  N N 14  
ARG CA   C  N S 15  
ARG C    C  N N 16  
ARG O    O  N N 17  
ARG CB   C  N N 18  
ARG CG   C  N N 19  
ARG CD   C  N N 20  
ARG NE   N  N N 21  
ARG CZ   C  N N 22  
ARG NH1  N  N N 23  
ARG NH2  N  N N 24  
ARG OXT  O  N N 25  
ARG H    H  N N 26  
ARG H2   H  N N 27  
ARG HA   H  N N 28  
ARG HB2  H  N N 29  
ARG HB3  H  N N 30  
ARG HG2  H  N N 31  
ARG HG3  H  N N 32  
ARG HD2  H  N N 33  
ARG HD3  H  N N 34  
ARG HE   H  N N 35  
ARG HH11 H  N N 36  
ARG HH12 H  N N 37  
ARG HH21 H  N N 38  
ARG HH22 H  N N 39  
ARG HXT  H  N N 40  
ASN N    N  N N 41  
ASN CA   C  N S 42  
ASN C    C  N N 43  
ASN O    O  N N 44  
ASN CB   C  N N 45  
ASN CG   C  N N 46  
ASN OD1  O  N N 47  
ASN ND2  N  N N 48  
ASN OXT  O  N N 49  
ASN H    H  N N 50  
ASN H2   H  N N 51  
ASN HA   H  N N 52  
ASN HB2  H  N N 53  
ASN HB3  H  N N 54  
ASN HD21 H  N N 55  
ASN HD22 H  N N 56  
ASN HXT  H  N N 57  
ASP N    N  N N 58  
ASP CA   C  N S 59  
ASP C    C  N N 60  
ASP O    O  N N 61  
ASP CB   C  N N 62  
ASP CG   C  N N 63  
ASP OD1  O  N N 64  
ASP OD2  O  N N 65  
ASP OXT  O  N N 66  
ASP H    H  N N 67  
ASP H2   H  N N 68  
ASP HA   H  N N 69  
ASP HB2  H  N N 70  
ASP HB3  H  N N 71  
ASP HD2  H  N N 72  
ASP HXT  H  N N 73  
BTB C1   C  N N 74  
BTB O1   O  N N 75  
BTB C2   C  N N 76  
BTB C3   C  N N 77  
BTB O3   O  N N 78  
BTB C4   C  N N 79  
BTB O4   O  N N 80  
BTB N    N  N N 81  
BTB C5   C  N N 82  
BTB C6   C  N N 83  
BTB O6   O  N N 84  
BTB C7   C  N N 85  
BTB C8   C  N N 86  
BTB O8   O  N N 87  
BTB H11  H  N N 88  
BTB H12  H  N N 89  
BTB HO1  H  N N 90  
BTB H31  H  N N 91  
BTB H32  H  N N 92  
BTB HO3  H  N N 93  
BTB H41  H  N N 94  
BTB H42  H  N N 95  
BTB HO4  H  N N 96  
BTB H51  H  N N 97  
BTB H52  H  N N 98  
BTB H61  H  N N 99  
BTB H62  H  N N 100 
BTB HO6  H  N N 101 
BTB H71  H  N N 102 
BTB H72  H  N N 103 
BTB H81  H  N N 104 
BTB H82  H  N N 105 
BTB HO8  H  N N 106 
CYS N    N  N N 107 
CYS CA   C  N R 108 
CYS C    C  N N 109 
CYS O    O  N N 110 
CYS CB   C  N N 111 
CYS SG   S  N N 112 
CYS OXT  O  N N 113 
CYS H    H  N N 114 
CYS H2   H  N N 115 
CYS HA   H  N N 116 
CYS HB2  H  N N 117 
CYS HB3  H  N N 118 
CYS HG   H  N N 119 
CYS HXT  H  N N 120 
GLN N    N  N N 121 
GLN CA   C  N S 122 
GLN C    C  N N 123 
GLN O    O  N N 124 
GLN CB   C  N N 125 
GLN CG   C  N N 126 
GLN CD   C  N N 127 
GLN OE1  O  N N 128 
GLN NE2  N  N N 129 
GLN OXT  O  N N 130 
GLN H    H  N N 131 
GLN H2   H  N N 132 
GLN HA   H  N N 133 
GLN HB2  H  N N 134 
GLN HB3  H  N N 135 
GLN HG2  H  N N 136 
GLN HG3  H  N N 137 
GLN HE21 H  N N 138 
GLN HE22 H  N N 139 
GLN HXT  H  N N 140 
GLU N    N  N N 141 
GLU CA   C  N S 142 
GLU C    C  N N 143 
GLU O    O  N N 144 
GLU CB   C  N N 145 
GLU CG   C  N N 146 
GLU CD   C  N N 147 
GLU OE1  O  N N 148 
GLU OE2  O  N N 149 
GLU OXT  O  N N 150 
GLU H    H  N N 151 
GLU H2   H  N N 152 
GLU HA   H  N N 153 
GLU HB2  H  N N 154 
GLU HB3  H  N N 155 
GLU HG2  H  N N 156 
GLU HG3  H  N N 157 
GLU HE2  H  N N 158 
GLU HXT  H  N N 159 
GLY N    N  N N 160 
GLY CA   C  N N 161 
GLY C    C  N N 162 
GLY O    O  N N 163 
GLY OXT  O  N N 164 
GLY H    H  N N 165 
GLY H2   H  N N 166 
GLY HA2  H  N N 167 
GLY HA3  H  N N 168 
GLY HXT  H  N N 169 
HIS N    N  N N 170 
HIS CA   C  N S 171 
HIS C    C  N N 172 
HIS O    O  N N 173 
HIS CB   C  N N 174 
HIS CG   C  Y N 175 
HIS ND1  N  Y N 176 
HIS CD2  C  Y N 177 
HIS CE1  C  Y N 178 
HIS NE2  N  Y N 179 
HIS OXT  O  N N 180 
HIS H    H  N N 181 
HIS H2   H  N N 182 
HIS HA   H  N N 183 
HIS HB2  H  N N 184 
HIS HB3  H  N N 185 
HIS HD1  H  N N 186 
HIS HD2  H  N N 187 
HIS HE1  H  N N 188 
HIS HE2  H  N N 189 
HIS HXT  H  N N 190 
HOH O    O  N N 191 
HOH H1   H  N N 192 
HOH H2   H  N N 193 
ILE N    N  N N 194 
ILE CA   C  N S 195 
ILE C    C  N N 196 
ILE O    O  N N 197 
ILE CB   C  N S 198 
ILE CG1  C  N N 199 
ILE CG2  C  N N 200 
ILE CD1  C  N N 201 
ILE OXT  O  N N 202 
ILE H    H  N N 203 
ILE H2   H  N N 204 
ILE HA   H  N N 205 
ILE HB   H  N N 206 
ILE HG12 H  N N 207 
ILE HG13 H  N N 208 
ILE HG21 H  N N 209 
ILE HG22 H  N N 210 
ILE HG23 H  N N 211 
ILE HD11 H  N N 212 
ILE HD12 H  N N 213 
ILE HD13 H  N N 214 
ILE HXT  H  N N 215 
LEU N    N  N N 216 
LEU CA   C  N S 217 
LEU C    C  N N 218 
LEU O    O  N N 219 
LEU CB   C  N N 220 
LEU CG   C  N N 221 
LEU CD1  C  N N 222 
LEU CD2  C  N N 223 
LEU OXT  O  N N 224 
LEU H    H  N N 225 
LEU H2   H  N N 226 
LEU HA   H  N N 227 
LEU HB2  H  N N 228 
LEU HB3  H  N N 229 
LEU HG   H  N N 230 
LEU HD11 H  N N 231 
LEU HD12 H  N N 232 
LEU HD13 H  N N 233 
LEU HD21 H  N N 234 
LEU HD22 H  N N 235 
LEU HD23 H  N N 236 
LEU HXT  H  N N 237 
LYS N    N  N N 238 
LYS CA   C  N S 239 
LYS C    C  N N 240 
LYS O    O  N N 241 
LYS CB   C  N N 242 
LYS CG   C  N N 243 
LYS CD   C  N N 244 
LYS CE   C  N N 245 
LYS NZ   N  N N 246 
LYS OXT  O  N N 247 
LYS H    H  N N 248 
LYS H2   H  N N 249 
LYS HA   H  N N 250 
LYS HB2  H  N N 251 
LYS HB3  H  N N 252 
LYS HG2  H  N N 253 
LYS HG3  H  N N 254 
LYS HD2  H  N N 255 
LYS HD3  H  N N 256 
LYS HE2  H  N N 257 
LYS HE3  H  N N 258 
LYS HZ1  H  N N 259 
LYS HZ2  H  N N 260 
LYS HZ3  H  N N 261 
LYS HXT  H  N N 262 
MSE N    N  N N 263 
MSE CA   C  N S 264 
MSE C    C  N N 265 
MSE O    O  N N 266 
MSE OXT  O  N N 267 
MSE CB   C  N N 268 
MSE CG   C  N N 269 
MSE SE   SE N N 270 
MSE CE   C  N N 271 
MSE H    H  N N 272 
MSE H2   H  N N 273 
MSE HA   H  N N 274 
MSE HXT  H  N N 275 
MSE HB2  H  N N 276 
MSE HB3  H  N N 277 
MSE HG2  H  N N 278 
MSE HG3  H  N N 279 
MSE HE1  H  N N 280 
MSE HE2  H  N N 281 
MSE HE3  H  N N 282 
PHE N    N  N N 283 
PHE CA   C  N S 284 
PHE C    C  N N 285 
PHE O    O  N N 286 
PHE CB   C  N N 287 
PHE CG   C  Y N 288 
PHE CD1  C  Y N 289 
PHE CD2  C  Y N 290 
PHE CE1  C  Y N 291 
PHE CE2  C  Y N 292 
PHE CZ   C  Y N 293 
PHE OXT  O  N N 294 
PHE H    H  N N 295 
PHE H2   H  N N 296 
PHE HA   H  N N 297 
PHE HB2  H  N N 298 
PHE HB3  H  N N 299 
PHE HD1  H  N N 300 
PHE HD2  H  N N 301 
PHE HE1  H  N N 302 
PHE HE2  H  N N 303 
PHE HZ   H  N N 304 
PHE HXT  H  N N 305 
PRO N    N  N N 306 
PRO CA   C  N S 307 
PRO C    C  N N 308 
PRO O    O  N N 309 
PRO CB   C  N N 310 
PRO CG   C  N N 311 
PRO CD   C  N N 312 
PRO OXT  O  N N 313 
PRO H    H  N N 314 
PRO HA   H  N N 315 
PRO HB2  H  N N 316 
PRO HB3  H  N N 317 
PRO HG2  H  N N 318 
PRO HG3  H  N N 319 
PRO HD2  H  N N 320 
PRO HD3  H  N N 321 
PRO HXT  H  N N 322 
SER N    N  N N 323 
SER CA   C  N S 324 
SER C    C  N N 325 
SER O    O  N N 326 
SER CB   C  N N 327 
SER OG   O  N N 328 
SER OXT  O  N N 329 
SER H    H  N N 330 
SER H2   H  N N 331 
SER HA   H  N N 332 
SER HB2  H  N N 333 
SER HB3  H  N N 334 
SER HG   H  N N 335 
SER HXT  H  N N 336 
THR N    N  N N 337 
THR CA   C  N S 338 
THR C    C  N N 339 
THR O    O  N N 340 
THR CB   C  N R 341 
THR OG1  O  N N 342 
THR CG2  C  N N 343 
THR OXT  O  N N 344 
THR H    H  N N 345 
THR H2   H  N N 346 
THR HA   H  N N 347 
THR HB   H  N N 348 
THR HG1  H  N N 349 
THR HG21 H  N N 350 
THR HG22 H  N N 351 
THR HG23 H  N N 352 
THR HXT  H  N N 353 
TRP N    N  N N 354 
TRP CA   C  N S 355 
TRP C    C  N N 356 
TRP O    O  N N 357 
TRP CB   C  N N 358 
TRP CG   C  Y N 359 
TRP CD1  C  Y N 360 
TRP CD2  C  Y N 361 
TRP NE1  N  Y N 362 
TRP CE2  C  Y N 363 
TRP CE3  C  Y N 364 
TRP CZ2  C  Y N 365 
TRP CZ3  C  Y N 366 
TRP CH2  C  Y N 367 
TRP OXT  O  N N 368 
TRP H    H  N N 369 
TRP H2   H  N N 370 
TRP HA   H  N N 371 
TRP HB2  H  N N 372 
TRP HB3  H  N N 373 
TRP HD1  H  N N 374 
TRP HE1  H  N N 375 
TRP HE3  H  N N 376 
TRP HZ2  H  N N 377 
TRP HZ3  H  N N 378 
TRP HH2  H  N N 379 
TRP HXT  H  N N 380 
TYR N    N  N N 381 
TYR CA   C  N S 382 
TYR C    C  N N 383 
TYR O    O  N N 384 
TYR CB   C  N N 385 
TYR CG   C  Y N 386 
TYR CD1  C  Y N 387 
TYR CD2  C  Y N 388 
TYR CE1  C  Y N 389 
TYR CE2  C  Y N 390 
TYR CZ   C  Y N 391 
TYR OH   O  N N 392 
TYR OXT  O  N N 393 
TYR H    H  N N 394 
TYR H2   H  N N 395 
TYR HA   H  N N 396 
TYR HB2  H  N N 397 
TYR HB3  H  N N 398 
TYR HD1  H  N N 399 
TYR HD2  H  N N 400 
TYR HE1  H  N N 401 
TYR HE2  H  N N 402 
TYR HH   H  N N 403 
TYR HXT  H  N N 404 
VAL N    N  N N 405 
VAL CA   C  N S 406 
VAL C    C  N N 407 
VAL O    O  N N 408 
VAL CB   C  N N 409 
VAL CG1  C  N N 410 
VAL CG2  C  N N 411 
VAL OXT  O  N N 412 
VAL H    H  N N 413 
VAL H2   H  N N 414 
VAL HA   H  N N 415 
VAL HB   H  N N 416 
VAL HG11 H  N N 417 
VAL HG12 H  N N 418 
VAL HG13 H  N N 419 
VAL HG21 H  N N 420 
VAL HG22 H  N N 421 
VAL HG23 H  N N 422 
VAL HXT  H  N N 423 
# 
loop_
_chem_comp_bond.comp_id 
_chem_comp_bond.atom_id_1 
_chem_comp_bond.atom_id_2 
_chem_comp_bond.value_order 
_chem_comp_bond.pdbx_aromatic_flag 
_chem_comp_bond.pdbx_stereo_config 
_chem_comp_bond.pdbx_ordinal 
ALA N   CA   sing N N 1   
ALA N   H    sing N N 2   
ALA N   H2   sing N N 3   
ALA CA  C    sing N N 4   
ALA CA  CB   sing N N 5   
ALA CA  HA   sing N N 6   
ALA C   O    doub N N 7   
ALA C   OXT  sing N N 8   
ALA CB  HB1  sing N N 9   
ALA CB  HB2  sing N N 10  
ALA CB  HB3  sing N N 11  
ALA OXT HXT  sing N N 12  
ARG N   CA   sing N N 13  
ARG N   H    sing N N 14  
ARG N   H2   sing N N 15  
ARG CA  C    sing N N 16  
ARG CA  CB   sing N N 17  
ARG CA  HA   sing N N 18  
ARG C   O    doub N N 19  
ARG C   OXT  sing N N 20  
ARG CB  CG   sing N N 21  
ARG CB  HB2  sing N N 22  
ARG CB  HB3  sing N N 23  
ARG CG  CD   sing N N 24  
ARG CG  HG2  sing N N 25  
ARG CG  HG3  sing N N 26  
ARG CD  NE   sing N N 27  
ARG CD  HD2  sing N N 28  
ARG CD  HD3  sing N N 29  
ARG NE  CZ   sing N N 30  
ARG NE  HE   sing N N 31  
ARG CZ  NH1  sing N N 32  
ARG CZ  NH2  doub N N 33  
ARG NH1 HH11 sing N N 34  
ARG NH1 HH12 sing N N 35  
ARG NH2 HH21 sing N N 36  
ARG NH2 HH22 sing N N 37  
ARG OXT HXT  sing N N 38  
ASN N   CA   sing N N 39  
ASN N   H    sing N N 40  
ASN N   H2   sing N N 41  
ASN CA  C    sing N N 42  
ASN CA  CB   sing N N 43  
ASN CA  HA   sing N N 44  
ASN C   O    doub N N 45  
ASN C   OXT  sing N N 46  
ASN CB  CG   sing N N 47  
ASN CB  HB2  sing N N 48  
ASN CB  HB3  sing N N 49  
ASN CG  OD1  doub N N 50  
ASN CG  ND2  sing N N 51  
ASN ND2 HD21 sing N N 52  
ASN ND2 HD22 sing N N 53  
ASN OXT HXT  sing N N 54  
ASP N   CA   sing N N 55  
ASP N   H    sing N N 56  
ASP N   H2   sing N N 57  
ASP CA  C    sing N N 58  
ASP CA  CB   sing N N 59  
ASP CA  HA   sing N N 60  
ASP C   O    doub N N 61  
ASP C   OXT  sing N N 62  
ASP CB  CG   sing N N 63  
ASP CB  HB2  sing N N 64  
ASP CB  HB3  sing N N 65  
ASP CG  OD1  doub N N 66  
ASP CG  OD2  sing N N 67  
ASP OD2 HD2  sing N N 68  
ASP OXT HXT  sing N N 69  
BTB C1  O1   sing N N 70  
BTB C1  C2   sing N N 71  
BTB C1  H11  sing N N 72  
BTB C1  H12  sing N N 73  
BTB O1  HO1  sing N N 74  
BTB C2  C3   sing N N 75  
BTB C2  C4   sing N N 76  
BTB C2  N    sing N N 77  
BTB C3  O3   sing N N 78  
BTB C3  H31  sing N N 79  
BTB C3  H32  sing N N 80  
BTB O3  HO3  sing N N 81  
BTB C4  O4   sing N N 82  
BTB C4  H41  sing N N 83  
BTB C4  H42  sing N N 84  
BTB O4  HO4  sing N N 85  
BTB N   C5   sing N N 86  
BTB N   C7   sing N N 87  
BTB C5  C6   sing N N 88  
BTB C5  H51  sing N N 89  
BTB C5  H52  sing N N 90  
BTB C6  O6   sing N N 91  
BTB C6  H61  sing N N 92  
BTB C6  H62  sing N N 93  
BTB O6  HO6  sing N N 94  
BTB C7  C8   sing N N 95  
BTB C7  H71  sing N N 96  
BTB C7  H72  sing N N 97  
BTB C8  O8   sing N N 98  
BTB C8  H81  sing N N 99  
BTB C8  H82  sing N N 100 
BTB O8  HO8  sing N N 101 
CYS N   CA   sing N N 102 
CYS N   H    sing N N 103 
CYS N   H2   sing N N 104 
CYS CA  C    sing N N 105 
CYS CA  CB   sing N N 106 
CYS CA  HA   sing N N 107 
CYS C   O    doub N N 108 
CYS C   OXT  sing N N 109 
CYS CB  SG   sing N N 110 
CYS CB  HB2  sing N N 111 
CYS CB  HB3  sing N N 112 
CYS SG  HG   sing N N 113 
CYS OXT HXT  sing N N 114 
GLN N   CA   sing N N 115 
GLN N   H    sing N N 116 
GLN N   H2   sing N N 117 
GLN CA  C    sing N N 118 
GLN CA  CB   sing N N 119 
GLN CA  HA   sing N N 120 
GLN C   O    doub N N 121 
GLN C   OXT  sing N N 122 
GLN CB  CG   sing N N 123 
GLN CB  HB2  sing N N 124 
GLN CB  HB3  sing N N 125 
GLN CG  CD   sing N N 126 
GLN CG  HG2  sing N N 127 
GLN CG  HG3  sing N N 128 
GLN CD  OE1  doub N N 129 
GLN CD  NE2  sing N N 130 
GLN NE2 HE21 sing N N 131 
GLN NE2 HE22 sing N N 132 
GLN OXT HXT  sing N N 133 
GLU N   CA   sing N N 134 
GLU N   H    sing N N 135 
GLU N   H2   sing N N 136 
GLU CA  C    sing N N 137 
GLU CA  CB   sing N N 138 
GLU CA  HA   sing N N 139 
GLU C   O    doub N N 140 
GLU C   OXT  sing N N 141 
GLU CB  CG   sing N N 142 
GLU CB  HB2  sing N N 143 
GLU CB  HB3  sing N N 144 
GLU CG  CD   sing N N 145 
GLU CG  HG2  sing N N 146 
GLU CG  HG3  sing N N 147 
GLU CD  OE1  doub N N 148 
GLU CD  OE2  sing N N 149 
GLU OE2 HE2  sing N N 150 
GLU OXT HXT  sing N N 151 
GLY N   CA   sing N N 152 
GLY N   H    sing N N 153 
GLY N   H2   sing N N 154 
GLY CA  C    sing N N 155 
GLY CA  HA2  sing N N 156 
GLY CA  HA3  sing N N 157 
GLY C   O    doub N N 158 
GLY C   OXT  sing N N 159 
GLY OXT HXT  sing N N 160 
HIS N   CA   sing N N 161 
HIS N   H    sing N N 162 
HIS N   H2   sing N N 163 
HIS CA  C    sing N N 164 
HIS CA  CB   sing N N 165 
HIS CA  HA   sing N N 166 
HIS C   O    doub N N 167 
HIS C   OXT  sing N N 168 
HIS CB  CG   sing N N 169 
HIS CB  HB2  sing N N 170 
HIS CB  HB3  sing N N 171 
HIS CG  ND1  sing Y N 172 
HIS CG  CD2  doub Y N 173 
HIS ND1 CE1  doub Y N 174 
HIS ND1 HD1  sing N N 175 
HIS CD2 NE2  sing Y N 176 
HIS CD2 HD2  sing N N 177 
HIS CE1 NE2  sing Y N 178 
HIS CE1 HE1  sing N N 179 
HIS NE2 HE2  sing N N 180 
HIS OXT HXT  sing N N 181 
HOH O   H1   sing N N 182 
HOH O   H2   sing N N 183 
ILE N   CA   sing N N 184 
ILE N   H    sing N N 185 
ILE N   H2   sing N N 186 
ILE CA  C    sing N N 187 
ILE CA  CB   sing N N 188 
ILE CA  HA   sing N N 189 
ILE C   O    doub N N 190 
ILE C   OXT  sing N N 191 
ILE CB  CG1  sing N N 192 
ILE CB  CG2  sing N N 193 
ILE CB  HB   sing N N 194 
ILE CG1 CD1  sing N N 195 
ILE CG1 HG12 sing N N 196 
ILE CG1 HG13 sing N N 197 
ILE CG2 HG21 sing N N 198 
ILE CG2 HG22 sing N N 199 
ILE CG2 HG23 sing N N 200 
ILE CD1 HD11 sing N N 201 
ILE CD1 HD12 sing N N 202 
ILE CD1 HD13 sing N N 203 
ILE OXT HXT  sing N N 204 
LEU N   CA   sing N N 205 
LEU N   H    sing N N 206 
LEU N   H2   sing N N 207 
LEU CA  C    sing N N 208 
LEU CA  CB   sing N N 209 
LEU CA  HA   sing N N 210 
LEU C   O    doub N N 211 
LEU C   OXT  sing N N 212 
LEU CB  CG   sing N N 213 
LEU CB  HB2  sing N N 214 
LEU CB  HB3  sing N N 215 
LEU CG  CD1  sing N N 216 
LEU CG  CD2  sing N N 217 
LEU CG  HG   sing N N 218 
LEU CD1 HD11 sing N N 219 
LEU CD1 HD12 sing N N 220 
LEU CD1 HD13 sing N N 221 
LEU CD2 HD21 sing N N 222 
LEU CD2 HD22 sing N N 223 
LEU CD2 HD23 sing N N 224 
LEU OXT HXT  sing N N 225 
LYS N   CA   sing N N 226 
LYS N   H    sing N N 227 
LYS N   H2   sing N N 228 
LYS CA  C    sing N N 229 
LYS CA  CB   sing N N 230 
LYS CA  HA   sing N N 231 
LYS C   O    doub N N 232 
LYS C   OXT  sing N N 233 
LYS CB  CG   sing N N 234 
LYS CB  HB2  sing N N 235 
LYS CB  HB3  sing N N 236 
LYS CG  CD   sing N N 237 
LYS CG  HG2  sing N N 238 
LYS CG  HG3  sing N N 239 
LYS CD  CE   sing N N 240 
LYS CD  HD2  sing N N 241 
LYS CD  HD3  sing N N 242 
LYS CE  NZ   sing N N 243 
LYS CE  HE2  sing N N 244 
LYS CE  HE3  sing N N 245 
LYS NZ  HZ1  sing N N 246 
LYS NZ  HZ2  sing N N 247 
LYS NZ  HZ3  sing N N 248 
LYS OXT HXT  sing N N 249 
MSE N   CA   sing N N 250 
MSE N   H    sing N N 251 
MSE N   H2   sing N N 252 
MSE CA  C    sing N N 253 
MSE CA  CB   sing N N 254 
MSE CA  HA   sing N N 255 
MSE C   O    doub N N 256 
MSE C   OXT  sing N N 257 
MSE OXT HXT  sing N N 258 
MSE CB  CG   sing N N 259 
MSE CB  HB2  sing N N 260 
MSE CB  HB3  sing N N 261 
MSE CG  SE   sing N N 262 
MSE CG  HG2  sing N N 263 
MSE CG  HG3  sing N N 264 
MSE SE  CE   sing N N 265 
MSE CE  HE1  sing N N 266 
MSE CE  HE2  sing N N 267 
MSE CE  HE3  sing N N 268 
PHE N   CA   sing N N 269 
PHE N   H    sing N N 270 
PHE N   H2   sing N N 271 
PHE CA  C    sing N N 272 
PHE CA  CB   sing N N 273 
PHE CA  HA   sing N N 274 
PHE C   O    doub N N 275 
PHE C   OXT  sing N N 276 
PHE CB  CG   sing N N 277 
PHE CB  HB2  sing N N 278 
PHE CB  HB3  sing N N 279 
PHE CG  CD1  doub Y N 280 
PHE CG  CD2  sing Y N 281 
PHE CD1 CE1  sing Y N 282 
PHE CD1 HD1  sing N N 283 
PHE CD2 CE2  doub Y N 284 
PHE CD2 HD2  sing N N 285 
PHE CE1 CZ   doub Y N 286 
PHE CE1 HE1  sing N N 287 
PHE CE2 CZ   sing Y N 288 
PHE CE2 HE2  sing N N 289 
PHE CZ  HZ   sing N N 290 
PHE OXT HXT  sing N N 291 
PRO N   CA   sing N N 292 
PRO N   CD   sing N N 293 
PRO N   H    sing N N 294 
PRO CA  C    sing N N 295 
PRO CA  CB   sing N N 296 
PRO CA  HA   sing N N 297 
PRO C   O    doub N N 298 
PRO C   OXT  sing N N 299 
PRO CB  CG   sing N N 300 
PRO CB  HB2  sing N N 301 
PRO CB  HB3  sing N N 302 
PRO CG  CD   sing N N 303 
PRO CG  HG2  sing N N 304 
PRO CG  HG3  sing N N 305 
PRO CD  HD2  sing N N 306 
PRO CD  HD3  sing N N 307 
PRO OXT HXT  sing N N 308 
SER N   CA   sing N N 309 
SER N   H    sing N N 310 
SER N   H2   sing N N 311 
SER CA  C    sing N N 312 
SER CA  CB   sing N N 313 
SER CA  HA   sing N N 314 
SER C   O    doub N N 315 
SER C   OXT  sing N N 316 
SER CB  OG   sing N N 317 
SER CB  HB2  sing N N 318 
SER CB  HB3  sing N N 319 
SER OG  HG   sing N N 320 
SER OXT HXT  sing N N 321 
THR N   CA   sing N N 322 
THR N   H    sing N N 323 
THR N   H2   sing N N 324 
THR CA  C    sing N N 325 
THR CA  CB   sing N N 326 
THR CA  HA   sing N N 327 
THR C   O    doub N N 328 
THR C   OXT  sing N N 329 
THR CB  OG1  sing N N 330 
THR CB  CG2  sing N N 331 
THR CB  HB   sing N N 332 
THR OG1 HG1  sing N N 333 
THR CG2 HG21 sing N N 334 
THR CG2 HG22 sing N N 335 
THR CG2 HG23 sing N N 336 
THR OXT HXT  sing N N 337 
TRP N   CA   sing N N 338 
TRP N   H    sing N N 339 
TRP N   H2   sing N N 340 
TRP CA  C    sing N N 341 
TRP CA  CB   sing N N 342 
TRP CA  HA   sing N N 343 
TRP C   O    doub N N 344 
TRP C   OXT  sing N N 345 
TRP CB  CG   sing N N 346 
TRP CB  HB2  sing N N 347 
TRP CB  HB3  sing N N 348 
TRP CG  CD1  doub Y N 349 
TRP CG  CD2  sing Y N 350 
TRP CD1 NE1  sing Y N 351 
TRP CD1 HD1  sing N N 352 
TRP CD2 CE2  doub Y N 353 
TRP CD2 CE3  sing Y N 354 
TRP NE1 CE2  sing Y N 355 
TRP NE1 HE1  sing N N 356 
TRP CE2 CZ2  sing Y N 357 
TRP CE3 CZ3  doub Y N 358 
TRP CE3 HE3  sing N N 359 
TRP CZ2 CH2  doub Y N 360 
TRP CZ2 HZ2  sing N N 361 
TRP CZ3 CH2  sing Y N 362 
TRP CZ3 HZ3  sing N N 363 
TRP CH2 HH2  sing N N 364 
TRP OXT HXT  sing N N 365 
TYR N   CA   sing N N 366 
TYR N   H    sing N N 367 
TYR N   H2   sing N N 368 
TYR CA  C    sing N N 369 
TYR CA  CB   sing N N 370 
TYR CA  HA   sing N N 371 
TYR C   O    doub N N 372 
TYR C   OXT  sing N N 373 
TYR CB  CG   sing N N 374 
TYR CB  HB2  sing N N 375 
TYR CB  HB3  sing N N 376 
TYR CG  CD1  doub Y N 377 
TYR CG  CD2  sing Y N 378 
TYR CD1 CE1  sing Y N 379 
TYR CD1 HD1  sing N N 380 
TYR CD2 CE2  doub Y N 381 
TYR CD2 HD2  sing N N 382 
TYR CE1 CZ   doub Y N 383 
TYR CE1 HE1  sing N N 384 
TYR CE2 CZ   sing Y N 385 
TYR CE2 HE2  sing N N 386 
TYR CZ  OH   sing N N 387 
TYR OH  HH   sing N N 388 
TYR OXT HXT  sing N N 389 
VAL N   CA   sing N N 390 
VAL N   H    sing N N 391 
VAL N   H2   sing N N 392 
VAL CA  C    sing N N 393 
VAL CA  CB   sing N N 394 
VAL CA  HA   sing N N 395 
VAL C   O    doub N N 396 
VAL C   OXT  sing N N 397 
VAL CB  CG1  sing N N 398 
VAL CB  CG2  sing N N 399 
VAL CB  HB   sing N N 400 
VAL CG1 HG11 sing N N 401 
VAL CG1 HG12 sing N N 402 
VAL CG1 HG13 sing N N 403 
VAL CG2 HG21 sing N N 404 
VAL CG2 HG22 sing N N 405 
VAL CG2 HG23 sing N N 406 
VAL OXT HXT  sing N N 407 
# 
_atom_sites.entry_id                    4MYM 
_atom_sites.fract_transf_matrix[1][1]   0.00596545 
_atom_sites.fract_transf_matrix[1][2]   -0.02072259 
_atom_sites.fract_transf_matrix[1][3]   0.00919065 
_atom_sites.fract_transf_matrix[2][1]   0.00261313 
_atom_sites.fract_transf_matrix[2][2]   -0.00409615 
_atom_sites.fract_transf_matrix[2][3]   -0.01093190 
_atom_sites.fract_transf_matrix[3][1]   0.00919851 
_atom_sites.fract_transf_matrix[3][2]   0.00310687 
_atom_sites.fract_transf_matrix[3][3]   0.00103465 
_atom_sites.fract_transf_vector[1]      0.306601 
_atom_sites.fract_transf_vector[2]      -0.047980 
_atom_sites.fract_transf_vector[3]      0.487641 
# 
loop_
_atom_type.symbol 
C  
N  
O  
S  
SE 
# 
loop_
_atom_site.group_PDB 
_atom_site.id 
_atom_site.type_symbol 
_atom_site.label_atom_id 
_atom_site.label_alt_id 
_atom_site.label_comp_id 
_atom_site.label_asym_id 
_atom_site.label_entity_id 
_atom_site.label_seq_id 
_atom_site.pdbx_PDB_ins_code 
_atom_site.Cartn_x 
_atom_site.Cartn_y 
_atom_site.Cartn_z 
_atom_site.occupancy 
_atom_site.B_iso_or_equiv 
_atom_site.pdbx_formal_charge 
_atom_site.auth_seq_id 
_atom_site.auth_comp_id 
_atom_site.auth_asym_id 
_atom_site.auth_atom_id 
_atom_site.pdbx_PDB_model_num 
ATOM   1    N  N   . GLY A 1 14  ? 28.613  15.260  -32.025 1.00 41.93 ? -8  GLY A N   1 
ATOM   2    C  CA  . GLY A 1 14  ? 27.508  16.069  -31.431 1.00 43.34 ? -8  GLY A CA  1 
ATOM   3    C  C   . GLY A 1 14  ? 26.146  15.461  -31.726 1.00 44.74 ? -8  GLY A C   1 
ATOM   4    O  O   . GLY A 1 14  ? 25.287  15.354  -30.843 1.00 42.99 ? -8  GLY A O   1 
ATOM   5    N  N   . THR A 1 15  ? 25.950  15.062  -32.979 1.00 44.12 ? -7  THR A N   1 
ATOM   6    C  CA  . THR A 1 15  ? 24.727  14.383  -33.381 1.00 43.74 ? -7  THR A CA  1 
ATOM   7    C  C   . THR A 1 15  ? 24.721  12.969  -32.816 1.00 41.19 ? -7  THR A C   1 
ATOM   8    O  O   . THR A 1 15  ? 23.715  12.532  -32.268 1.00 37.96 ? -7  THR A O   1 
ATOM   9    C  CB  . THR A 1 15  ? 24.585  14.341  -34.913 1.00 44.72 ? -7  THR A CB  1 
ATOM   10   O  OG1 . THR A 1 15  ? 24.490  15.678  -35.407 1.00 46.91 ? -7  THR A OG1 1 
ATOM   11   C  CG2 . THR A 1 15  ? 23.336  13.559  -35.325 1.00 45.50 ? -7  THR A CG2 1 
ATOM   12   N  N   . GLU A 1 16  ? 25.846  12.267  -32.938 1.00 40.48 ? -6  GLU A N   1 
ATOM   13   C  CA  . GLU A 1 16  ? 25.972  10.920  -32.384 1.00 42.72 ? -6  GLU A CA  1 
ATOM   14   C  C   . GLU A 1 16  ? 25.742  10.900  -30.871 1.00 40.77 ? -6  GLU A C   1 
ATOM   15   O  O   . GLU A 1 16  ? 25.160  9.955   -30.351 1.00 39.79 ? -6  GLU A O   1 
ATOM   16   C  CB  . GLU A 1 16  ? 27.342  10.323  -32.705 1.00 46.50 ? -6  GLU A CB  1 
ATOM   17   C  CG  . GLU A 1 16  ? 27.545  9.987   -34.175 1.00 50.23 ? -6  GLU A CG  1 
ATOM   18   C  CD  . GLU A 1 16  ? 29.011  9.881   -34.549 1.00 53.63 ? -6  GLU A CD  1 
ATOM   19   O  OE1 . GLU A 1 16  ? 29.861  9.795   -33.633 1.00 64.78 ? -6  GLU A OE1 1 
ATOM   20   O  OE2 . GLU A 1 16  ? 29.324  9.881   -35.760 1.00 61.60 ? -6  GLU A OE2 1 
ATOM   21   N  N   . ASN A 1 17  ? 26.187  11.944  -30.174 1.00 39.34 ? -5  ASN A N   1 
ATOM   22   C  CA  . ASN A 1 17  ? 25.947  12.053  -28.733 1.00 38.69 ? -5  ASN A CA  1 
ATOM   23   C  C   . ASN A 1 17  ? 24.470  12.175  -28.402 1.00 37.13 ? -5  ASN A C   1 
ATOM   24   O  O   . ASN A 1 17  ? 24.000  11.567  -27.444 1.00 35.74 ? -5  ASN A O   1 
ATOM   25   C  CB  . ASN A 1 17  ? 26.697  13.246  -28.129 1.00 40.07 ? -5  ASN A CB  1 
ATOM   26   C  CG  . ASN A 1 17  ? 26.328  13.483  -26.673 1.00 40.62 ? -5  ASN A CG  1 
ATOM   27   O  OD1 . ASN A 1 17  ? 26.651  12.676  -25.804 1.00 43.35 ? -5  ASN A OD1 1 
ATOM   28   N  ND2 . ASN A 1 17  ? 25.632  14.584  -26.406 1.00 41.46 ? -5  ASN A ND2 1 
ATOM   29   N  N   . LEU A 1 18  ? 23.740  12.973  -29.179 1.00 36.64 ? -4  LEU A N   1 
ATOM   30   C  CA  . LEU A 1 18  ? 22.294  13.110  -28.978 1.00 35.59 ? -4  LEU A CA  1 
ATOM   31   C  C   . LEU A 1 18  ? 21.591  11.765  -29.135 1.00 33.41 ? -4  LEU A C   1 
ATOM   32   O  O   . LEU A 1 18  ? 20.663  11.445  -28.392 1.00 30.70 ? -4  LEU A O   1 
ATOM   33   C  CB  . LEU A 1 18  ? 21.701  14.131  -29.954 1.00 38.75 ? -4  LEU A CB  1 
ATOM   34   C  CG  . LEU A 1 18  ? 21.906  15.606  -29.596 1.00 40.64 ? -4  LEU A CG  1 
ATOM   35   C  CD1 . LEU A 1 18  ? 21.370  16.499  -30.708 1.00 42.78 ? -4  LEU A CD1 1 
ATOM   36   C  CD2 . LEU A 1 18  ? 21.239  15.936  -28.266 1.00 39.73 ? -4  LEU A CD2 1 
ATOM   37   N  N   . TYR A 1 19  ? 22.049  10.974  -30.098 1.00 32.38 ? -3  TYR A N   1 
ATOM   38   C  CA  . TYR A 1 19  ? 21.510  9.630   -30.301 1.00 31.67 ? -3  TYR A CA  1 
ATOM   39   C  C   . TYR A 1 19  ? 21.869  8.717   -29.137 1.00 33.05 ? -3  TYR A C   1 
ATOM   40   O  O   . TYR A 1 19  ? 21.014  7.985   -28.628 1.00 32.60 ? -3  TYR A O   1 
ATOM   41   C  CB  . TYR A 1 19  ? 22.031  9.030   -31.605 1.00 31.24 ? -3  TYR A CB  1 
ATOM   42   C  CG  . TYR A 1 19  ? 21.267  9.456   -32.831 1.00 30.07 ? -3  TYR A CG  1 
ATOM   43   C  CD1 . TYR A 1 19  ? 20.532  8.534   -33.572 1.00 30.35 ? -3  TYR A CD1 1 
ATOM   44   C  CD2 . TYR A 1 19  ? 21.272  10.778  -33.255 1.00 30.08 ? -3  TYR A CD2 1 
ATOM   45   C  CE1 . TYR A 1 19  ? 19.835  8.919   -34.701 1.00 29.93 ? -3  TYR A CE1 1 
ATOM   46   C  CE2 . TYR A 1 19  ? 20.572  11.173  -34.388 1.00 30.34 ? -3  TYR A CE2 1 
ATOM   47   C  CZ  . TYR A 1 19  ? 19.853  10.238  -35.101 1.00 28.97 ? -3  TYR A CZ  1 
ATOM   48   O  OH  . TYR A 1 19  ? 19.165  10.612  -36.225 1.00 28.98 ? -3  TYR A OH  1 
ATOM   49   N  N   . PHE A 1 20  ? 23.128  8.764   -28.715 1.00 31.97 ? -2  PHE A N   1 
ATOM   50   C  CA  . PHE A 1 20  ? 23.569  7.982   -27.567 1.00 33.92 ? -2  PHE A CA  1 
ATOM   51   C  C   . PHE A 1 20  ? 22.730  8.287   -26.330 1.00 34.21 ? -2  PHE A C   1 
ATOM   52   O  O   . PHE A 1 20  ? 22.257  7.362   -25.683 1.00 33.47 ? -2  PHE A O   1 
ATOM   53   C  CB  . PHE A 1 20  ? 25.047  8.220   -27.254 1.00 35.25 ? -2  PHE A CB  1 
ATOM   54   C  CG  . PHE A 1 20  ? 25.548  7.434   -26.070 1.00 36.31 ? -2  PHE A CG  1 
ATOM   55   C  CD1 . PHE A 1 20  ? 25.837  6.080   -26.197 1.00 38.13 ? -2  PHE A CD1 1 
ATOM   56   C  CD2 . PHE A 1 20  ? 25.715  8.041   -24.831 1.00 38.49 ? -2  PHE A CD2 1 
ATOM   57   C  CE1 . PHE A 1 20  ? 26.286  5.344   -25.109 1.00 38.16 ? -2  PHE A CE1 1 
ATOM   58   C  CE2 . PHE A 1 20  ? 26.170  7.311   -23.735 1.00 39.39 ? -2  PHE A CE2 1 
ATOM   59   C  CZ  . PHE A 1 20  ? 26.456  5.961   -23.879 1.00 39.55 ? -2  PHE A CZ  1 
ATOM   60   N  N   . GLN A 1 21  ? 22.546  9.567   -26.009 1.00 35.65 ? -1  GLN A N   1 
ATOM   61   C  CA  . GLN A 1 21  ? 21.762  9.946   -24.831 1.00 39.12 ? -1  GLN A CA  1 
ATOM   62   C  C   . GLN A 1 21  ? 20.341  9.386   -24.919 1.00 41.01 ? -1  GLN A C   1 
ATOM   63   O  O   . GLN A 1 21  ? 19.837  8.851   -23.941 1.00 40.52 ? -1  GLN A O   1 
ATOM   64   C  CB  . GLN A 1 21  ? 21.703  11.466  -24.631 1.00 41.31 ? -1  GLN A CB  1 
ATOM   65   C  CG  . GLN A 1 21  ? 23.038  12.165  -24.391 1.00 44.91 ? -1  GLN A CG  1 
ATOM   66   C  CD  . GLN A 1 21  ? 23.861  11.573  -23.253 1.00 48.48 ? -1  GLN A CD  1 
ATOM   67   O  OE1 . GLN A 1 21  ? 23.325  10.991  -22.308 1.00 51.18 ? -1  GLN A OE1 1 
ATOM   68   N  NE2 . GLN A 1 21  ? 25.180  11.736  -23.337 1.00 51.96 ? -1  GLN A NE2 1 
ATOM   69   N  N   . SER A 1 22  ? 19.708  9.495   -26.087 1.00 41.10 ? 0   SER A N   1 
ATOM   70   C  CA  . SER A 1 22  ? 18.367  8.924   -26.288 1.00 43.66 ? 0   SER A CA  1 
ATOM   71   C  C   . SER A 1 22  ? 18.319  7.431   -25.985 1.00 45.52 ? 0   SER A C   1 
ATOM   72   O  O   . SER A 1 22  ? 17.414  6.964   -25.317 1.00 45.22 ? 0   SER A O   1 
ATOM   73   C  CB  . SER A 1 22  ? 17.896  9.120   -27.729 1.00 43.26 ? 0   SER A CB  1 
ATOM   74   O  OG  . SER A 1 22  ? 17.908  10.481  -28.084 1.00 47.28 ? 0   SER A OG  1 
HETATM 75   N  N   . MSE A 1 23  ? 19.303  6.692   -26.490 1.00 49.10 ? 1   MSE A N   1 
HETATM 76   C  CA  . MSE A 1 23  ? 19.276  5.237   -26.424 1.00 53.24 ? 1   MSE A CA  1 
HETATM 77   C  C   . MSE A 1 23  ? 19.520  4.700   -25.049 1.00 51.83 ? 1   MSE A C   1 
HETATM 78   O  O   . MSE A 1 23  ? 18.948  3.676   -24.695 1.00 54.26 ? 1   MSE A O   1 
HETATM 79   C  CB  . MSE A 1 23  ? 20.333  4.642   -27.339 1.00 59.10 ? 1   MSE A CB  1 
HETATM 80   C  CG  . MSE A 1 23  ? 19.904  4.767   -28.789 1.00 65.41 ? 1   MSE A CG  1 
HETATM 81   SE SE  . MSE A 1 23  ? 21.483  4.381   -29.892 1.00 79.52 ? 1   MSE A SE  1 
HETATM 82   C  CE  . MSE A 1 23  ? 21.062  5.494   -31.458 1.00 76.48 ? 1   MSE A CE  1 
ATOM   83   N  N   . VAL A 1 24  ? 20.370  5.365   -24.266 1.00 48.58 ? 2   VAL A N   1 
ATOM   84   C  CA  . VAL A 1 24  ? 20.732  4.864   -22.930 1.00 46.48 ? 2   VAL A CA  1 
ATOM   85   C  C   . VAL A 1 24  ? 19.850  5.366   -21.783 1.00 44.12 ? 2   VAL A C   1 
ATOM   86   O  O   . VAL A 1 24  ? 19.967  4.859   -20.671 1.00 42.31 ? 2   VAL A O   1 
ATOM   87   C  CB  . VAL A 1 24  ? 22.212  5.162   -22.565 1.00 45.82 ? 2   VAL A CB  1 
ATOM   88   C  CG1 . VAL A 1 24  ? 23.143  4.541   -23.598 1.00 45.73 ? 2   VAL A CG1 1 
ATOM   89   C  CG2 . VAL A 1 24  ? 22.462  6.660   -22.398 1.00 45.62 ? 2   VAL A CG2 1 
ATOM   90   N  N   . THR A 1 25  ? 18.992  6.355   -22.020 1.00 42.26 ? 3   THR A N   1 
ATOM   91   C  CA  . THR A 1 25  ? 18.100  6.812   -20.956 1.00 42.33 ? 3   THR A CA  1 
ATOM   92   C  C   . THR A 1 25  ? 17.165  5.664   -20.629 1.00 39.98 ? 3   THR A C   1 
ATOM   93   O  O   . THR A 1 25  ? 16.624  5.024   -21.533 1.00 38.71 ? 3   THR A O   1 
ATOM   94   C  CB  . THR A 1 25  ? 17.225  8.015   -21.353 1.00 44.60 ? 3   THR A CB  1 
ATOM   95   O  OG1 . THR A 1 25  ? 16.347  7.637   -22.425 1.00 46.78 ? 3   THR A OG1 1 
ATOM   96   C  CG2 . THR A 1 25  ? 18.077  9.220   -21.755 1.00 44.77 ? 3   THR A CG2 1 
ATOM   97   N  N   . VAL A 1 26  ? 17.003  5.380   -19.345 1.00 37.15 ? 4   VAL A N   1 
ATOM   98   C  CA  . VAL A 1 26  ? 16.048  4.371   -18.913 1.00 39.33 ? 4   VAL A CA  1 
ATOM   99   C  C   . VAL A 1 26  ? 14.793  5.110   -18.468 1.00 37.82 ? 4   VAL A C   1 
ATOM   100  O  O   . VAL A 1 26  ? 14.853  5.907   -17.541 1.00 38.81 ? 4   VAL A O   1 
ATOM   101  C  CB  . VAL A 1 26  ? 16.624  3.520   -17.764 1.00 39.73 ? 4   VAL A CB  1 
ATOM   102  C  CG1 . VAL A 1 26  ? 15.613  2.468   -17.321 1.00 40.81 ? 4   VAL A CG1 1 
ATOM   103  C  CG2 . VAL A 1 26  ? 17.938  2.883   -18.197 1.00 39.30 ? 4   VAL A CG2 1 
ATOM   104  N  N   . SER A 1 27  ? 13.669  4.884   -19.139 1.00 36.75 ? 5   SER A N   1 
ATOM   105  C  CA  . SER A 1 27  ? 12.449  5.600   -18.768 1.00 37.45 ? 5   SER A CA  1 
ATOM   106  C  C   . SER A 1 27  ? 11.787  4.885   -17.572 1.00 34.05 ? 5   SER A C   1 
ATOM   107  O  O   . SER A 1 27  ? 11.472  3.696   -17.633 1.00 35.52 ? 5   SER A O   1 
ATOM   108  C  CB  . SER A 1 27  ? 11.484  5.741   -19.949 1.00 39.09 ? 5   SER A CB  1 
ATOM   109  O  OG  . SER A 1 27  ? 10.626  4.624   -20.043 1.00 43.62 ? 5   SER A OG  1 
ATOM   110  N  N   . ARG A 1 28  ? 11.616  5.632   -16.492 1.00 29.45 ? 6   ARG A N   1 
ATOM   111  C  CA  . ARG A 1 28  ? 11.046  5.126   -15.254 1.00 27.97 ? 6   ARG A CA  1 
ATOM   112  C  C   . ARG A 1 28  ? 9.566   4.834   -15.449 1.00 25.65 ? 6   ARG A C   1 
ATOM   113  O  O   . ARG A 1 28  ? 8.840   5.674   -15.961 1.00 25.58 ? 6   ARG A O   1 
ATOM   114  C  CB  . ARG A 1 28  ? 11.212  6.182   -14.168 1.00 28.89 ? 6   ARG A CB  1 
ATOM   115  C  CG  . ARG A 1 28  ? 10.834  5.727   -12.773 1.00 29.14 ? 6   ARG A CG  1 
ATOM   116  C  CD  . ARG A 1 28  ? 10.321  6.872   -11.928 1.00 30.08 ? 6   ARG A CD  1 
ATOM   117  N  NE  . ARG A 1 28  ? 8.970   7.226   -12.337 1.00 31.30 ? 6   ARG A NE  1 
ATOM   118  C  CZ  . ARG A 1 28  ? 8.109   7.917   -11.610 1.00 31.85 ? 6   ARG A CZ  1 
ATOM   119  N  NH1 . ARG A 1 28  ? 8.436   8.340   -10.392 1.00 33.96 ? 6   ARG A NH1 1 
ATOM   120  N  NH2 . ARG A 1 28  ? 6.903   8.169   -12.101 1.00 31.60 ? 6   ARG A NH2 1 
ATOM   121  N  N   . PRO A 1 29  ? 9.098   3.653   -15.019 1.00 22.86 ? 7   PRO A N   1 
ATOM   122  C  CA  . PRO A 1 29  ? 7.668   3.402   -15.172 1.00 21.96 ? 7   PRO A CA  1 
ATOM   123  C  C   . PRO A 1 29  ? 6.836   4.195   -14.163 1.00 20.90 ? 7   PRO A C   1 
ATOM   124  O  O   . PRO A 1 29  ? 7.370   4.684   -13.170 1.00 20.87 ? 7   PRO A O   1 
ATOM   125  C  CB  . PRO A 1 29  ? 7.553   1.906   -14.881 1.00 21.94 ? 7   PRO A CB  1 
ATOM   126  C  CG  . PRO A 1 29  ? 8.629   1.653   -13.894 1.00 22.01 ? 7   PRO A CG  1 
ATOM   127  C  CD  . PRO A 1 29  ? 9.764   2.551   -14.302 1.00 22.84 ? 7   PRO A CD  1 
ATOM   128  N  N   . THR A 1 30  ? 5.544   4.320   -14.451 1.00 21.27 ? 8   THR A N   1 
ATOM   129  C  CA  . THR A 1 30  ? 4.586   4.932   -13.547 1.00 20.84 ? 8   THR A CA  1 
ATOM   130  C  C   . THR A 1 30  ? 3.634   3.870   -13.032 1.00 19.32 ? 8   THR A C   1 
ATOM   131  O  O   . THR A 1 30  ? 2.797   3.350   -13.766 1.00 18.69 ? 8   THR A O   1 
ATOM   132  C  CB  . THR A 1 30  ? 3.795   6.049   -14.242 1.00 21.68 ? 8   THR A CB  1 
ATOM   133  O  OG1 . THR A 1 30  ? 4.706   7.071   -14.622 1.00 21.27 ? 8   THR A OG1 1 
ATOM   134  C  CG2 . THR A 1 30  ? 2.738   6.634   -13.309 1.00 22.55 ? 8   THR A CG2 1 
ATOM   135  N  N   . ILE A 1 31  ? 3.775   3.558   -11.746 1.00 19.17 ? 9   ILE A N   1 
ATOM   136  C  CA  . ILE A 1 31  ? 2.931   2.582   -11.094 1.00 18.17 ? 9   ILE A CA  1 
ATOM   137  C  C   . ILE A 1 31  ? 1.512   3.101   -11.074 1.00 18.29 ? 9   ILE A C   1 
ATOM   138  O  O   . ILE A 1 31  ? 1.266   4.222   -10.624 1.00 18.17 ? 9   ILE A O   1 
ATOM   139  C  CB  . ILE A 1 31  ? 3.408   2.334   -9.653  1.00 18.07 ? 9   ILE A CB  1 
ATOM   140  C  CG1 . ILE A 1 31  ? 4.778   1.649   -9.677  1.00 18.16 ? 9   ILE A CG1 1 
ATOM   141  C  CG2 . ILE A 1 31  ? 2.389   1.500   -8.895  1.00 17.47 ? 9   ILE A CG2 1 
ATOM   142  C  CD1 . ILE A 1 31  ? 5.531   1.739   -8.369  1.00 18.14 ? 9   ILE A CD1 1 
ATOM   143  N  N   . THR A 1 32  ? 0.573   2.302   -11.550 1.00 17.57 ? 10  THR A N   1 
ATOM   144  C  CA  . THR A 1 32  ? -0.818  2.738   -11.616 1.00 18.37 ? 10  THR A CA  1 
ATOM   145  C  C   . THR A 1 32  ? -1.743  1.964   -10.688 1.00 18.34 ? 10  THR A C   1 
ATOM   146  O  O   . THR A 1 32  ? -2.794  2.474   -10.279 1.00 17.67 ? 10  THR A O   1 
ATOM   147  C  CB  . THR A 1 32  ? -1.360  2.648   -13.051 1.00 19.59 ? 10  THR A CB  1 
ATOM   148  O  OG1 . THR A 1 32  ? -1.058  1.350   -13.599 1.00 20.30 ? 10  THR A OG1 1 
ATOM   149  C  CG2 . THR A 1 32  ? -0.746  3.732   -13.909 1.00 20.53 ? 10  THR A CG2 1 
ATOM   150  N  N   . ASP A 1 33  ? -1.356  0.731   -10.360 1.00 18.69 ? 11  ASP A N   1 
ATOM   151  C  CA  . ASP A 1 33  ? -2.188  -0.150  -9.560  1.00 19.95 ? 11  ASP A CA  1 
ATOM   152  C  C   . ASP A 1 33  ? -1.300  -0.909  -8.568  1.00 19.31 ? 11  ASP A C   1 
ATOM   153  O  O   . ASP A 1 33  ? -0.207  -1.381  -8.916  1.00 18.94 ? 11  ASP A O   1 
ATOM   154  C  CB  . ASP A 1 33  ? -2.920  -1.185  -10.438 1.00 21.53 ? 11  ASP A CB  1 
ATOM   155  C  CG  . ASP A 1 33  ? -3.716  -0.575  -11.601 1.00 24.00 ? 11  ASP A CG  1 
ATOM   156  O  OD1 . ASP A 1 33  ? -3.121  -0.017  -12.561 1.00 25.47 ? 11  ASP A OD1 1 
ATOM   157  O  OD2 . ASP A 1 33  ? -4.964  -0.731  -11.578 1.00 25.70 ? 11  ASP A OD2 1 
ATOM   158  N  N   . LEU A 1 34  ? -1.768  -1.023  -7.334  1.00 19.21 ? 12  LEU A N   1 
ATOM   159  C  CA  . LEU A 1 34  ? -1.112  -1.860  -6.325  1.00 19.37 ? 12  LEU A CA  1 
ATOM   160  C  C   . LEU A 1 34  ? -2.037  -3.022  -6.059  1.00 18.40 ? 12  LEU A C   1 
ATOM   161  O  O   . LEU A 1 34  ? -3.166  -2.822  -5.605  1.00 18.00 ? 12  LEU A O   1 
ATOM   162  C  CB  . LEU A 1 34  ? -0.857  -1.070  -5.041  1.00 20.32 ? 12  LEU A CB  1 
ATOM   163  C  CG  . LEU A 1 34  ? -0.458  -1.921  -3.830  1.00 22.33 ? 12  LEU A CG  1 
ATOM   164  C  CD1 . LEU A 1 34  ? 0.876   -2.602  -4.078  1.00 22.98 ? 12  LEU A CD1 1 
ATOM   165  C  CD2 . LEU A 1 34  ? -0.410  -1.060  -2.577  1.00 24.33 ? 12  LEU A CD2 1 
ATOM   166  N  N   . CYS A 1 35  ? -1.573  -4.237  -6.363  1.00 18.28 ? 13  CYS A N   1 
ATOM   167  C  CA  . CYS A 1 35  ? -2.412  -5.413  -6.288  1.00 18.31 ? 13  CYS A CA  1 
ATOM   168  C  C   . CYS A 1 35  ? -1.889  -6.396  -5.232  1.00 18.21 ? 13  CYS A C   1 
ATOM   169  O  O   . CYS A 1 35  ? -0.822  -7.019  -5.378  1.00 16.31 ? 13  CYS A O   1 
ATOM   170  C  CB  . CYS A 1 35  ? -2.512  -6.085  -7.648  1.00 19.40 ? 13  CYS A CB  1 
ATOM   171  S  SG  . CYS A 1 35  ? -3.685  -7.439  -7.671  1.00 21.04 ? 13  CYS A SG  1 
ATOM   172  N  N   . LEU A 1 36  ? -2.649  -6.497  -4.154  1.00 17.87 ? 14  LEU A N   1 
ATOM   173  C  CA  . LEU A 1 36  ? -2.307  -7.380  -3.061  1.00 18.77 ? 14  LEU A CA  1 
ATOM   174  C  C   . LEU A 1 36  ? -2.695  -8.811  -3.415  1.00 18.72 ? 14  LEU A C   1 
ATOM   175  O  O   . LEU A 1 36  ? -3.721  -9.055  -4.070  1.00 18.93 ? 14  LEU A O   1 
ATOM   176  C  CB  . LEU A 1 36  ? -3.017  -6.938  -1.782  1.00 19.57 ? 14  LEU A CB  1 
ATOM   177  C  CG  . LEU A 1 36  ? -2.823  -5.478  -1.351  1.00 20.07 ? 14  LEU A CG  1 
ATOM   178  C  CD1 . LEU A 1 36  ? -3.522  -5.211  -0.030  1.00 21.81 ? 14  LEU A CD1 1 
ATOM   179  C  CD2 . LEU A 1 36  ? -1.364  -5.109  -1.236  1.00 20.14 ? 14  LEU A CD2 1 
ATOM   180  N  N   . VAL A 1 37  ? -1.879  -9.748  -2.956  1.00 19.49 ? 15  VAL A N   1 
ATOM   181  C  CA  . VAL A 1 37  ? -2.129  -11.164 -3.157  1.00 20.11 ? 15  VAL A CA  1 
ATOM   182  C  C   . VAL A 1 37  ? -2.978  -11.642 -1.984  1.00 20.87 ? 15  VAL A C   1 
ATOM   183  O  O   . VAL A 1 37  ? -2.573  -11.527 -0.822  1.00 19.99 ? 15  VAL A O   1 
ATOM   184  C  CB  . VAL A 1 37  ? -0.808  -11.937 -3.270  1.00 20.51 ? 15  VAL A CB  1 
ATOM   185  C  CG1 . VAL A 1 37  ? -1.047  -13.442 -3.308  1.00 21.18 ? 15  VAL A CG1 1 
ATOM   186  C  CG2 . VAL A 1 37  ? -0.053  -11.477 -4.509  1.00 20.96 ? 15  VAL A CG2 1 
ATOM   187  N  N   . THR A 1 38  ? -4.169  -12.141 -2.290  1.00 21.77 ? 16  THR A N   1 
ATOM   188  C  CA  . THR A 1 38  ? -5.083  -12.611 -1.259  1.00 23.97 ? 16  THR A CA  1 
ATOM   189  C  C   . THR A 1 38  ? -5.256  -14.139 -1.320  1.00 25.55 ? 16  THR A C   1 
ATOM   190  O  O   . THR A 1 38  ? -4.915  -14.782 -2.335  1.00 24.93 ? 16  THR A O   1 
ATOM   191  C  CB  . THR A 1 38  ? -6.455  -11.889 -1.343  1.00 23.45 ? 16  THR A CB  1 
ATOM   192  O  OG1 . THR A 1 38  ? -7.241  -12.192 -0.178  1.00 24.43 ? 16  THR A OG1 1 
ATOM   193  C  CG2 . THR A 1 38  ? -7.224  -12.288 -2.588  1.00 23.36 ? 16  THR A CG2 1 
ATOM   194  N  N   . HIS A 1 39  ? -5.737  -14.701 -0.209  1.00 26.78 ? 17  HIS A N   1 
ATOM   195  C  CA  . HIS A 1 39  ? -6.131  -16.111 -0.121  1.00 29.21 ? 17  HIS A CA  1 
ATOM   196  C  C   . HIS A 1 39  ? -7.602  -16.266 0.262   1.00 30.31 ? 17  HIS A C   1 
ATOM   197  O  O   . HIS A 1 39  ? -8.098  -17.379 0.430   1.00 30.38 ? 17  HIS A O   1 
ATOM   198  C  CB  . HIS A 1 39  ? -5.241  -16.838 0.887   1.00 30.74 ? 17  HIS A CB  1 
ATOM   199  C  CG  . HIS A 1 39  ? -3.788  -16.690 0.592   1.00 33.09 ? 17  HIS A CG  1 
ATOM   200  N  ND1 . HIS A 1 39  ? -3.161  -17.386 -0.420  1.00 35.08 ? 17  HIS A ND1 1 
ATOM   201  C  CD2 . HIS A 1 39  ? -2.846  -15.888 1.136   1.00 34.03 ? 17  HIS A CD2 1 
ATOM   202  C  CE1 . HIS A 1 39  ? -1.890  -17.037 -0.466  1.00 34.52 ? 17  HIS A CE1 1 
ATOM   203  N  NE2 . HIS A 1 39  ? -1.676  -16.118 0.456   1.00 35.02 ? 17  HIS A NE2 1 
ATOM   204  N  N   . ASP A 1 40  ? -8.296  -15.141 0.388   1.00 29.44 ? 18  ASP A N   1 
ATOM   205  C  CA  . ASP A 1 40  ? -9.713  -15.128 0.715   1.00 29.36 ? 18  ASP A CA  1 
ATOM   206  C  C   . ASP A 1 40  ? -10.223 -13.783 0.260   1.00 27.46 ? 18  ASP A C   1 
ATOM   207  O  O   . ASP A 1 40  ? -10.250 -12.817 1.029   1.00 25.44 ? 18  ASP A O   1 
ATOM   208  C  CB  . ASP A 1 40  ? -9.934  -15.343 2.216   1.00 29.37 ? 18  ASP A CB  1 
ATOM   209  C  CG  . ASP A 1 40  ? -11.420 -15.438 2.597   1.00 31.51 ? 18  ASP A CG  1 
ATOM   210  O  OD1 . ASP A 1 40  ? -12.319 -14.990 1.834   1.00 32.92 ? 18  ASP A OD1 1 
ATOM   211  O  OD2 . ASP A 1 40  ? -11.679 -15.954 3.697   1.00 32.14 ? 18  ASP A OD2 1 
ATOM   212  N  N   . LEU A 1 41  ? -10.596 -13.726 -1.015  1.00 28.29 ? 19  LEU A N   1 
ATOM   213  C  CA  . LEU A 1 41  ? -10.959 -12.467 -1.653  1.00 27.51 ? 19  LEU A CA  1 
ATOM   214  C  C   . LEU A 1 41  ? -12.101 -11.770 -0.908  1.00 28.29 ? 19  LEU A C   1 
ATOM   215  O  O   . LEU A 1 41  ? -12.018 -10.580 -0.628  1.00 27.28 ? 19  LEU A O   1 
ATOM   216  C  CB  . LEU A 1 41  ? -11.330 -12.698 -3.122  1.00 27.87 ? 19  LEU A CB  1 
ATOM   217  C  CG  . LEU A 1 41  ? -11.857 -11.485 -3.889  1.00 28.22 ? 19  LEU A CG  1 
ATOM   218  C  CD1 . LEU A 1 41  ? -10.762 -10.437 -4.050  1.00 28.95 ? 19  LEU A CD1 1 
ATOM   219  C  CD2 . LEU A 1 41  ? -12.402 -11.911 -5.245  1.00 29.62 ? 19  LEU A CD2 1 
ATOM   220  N  N   . GLU A 1 42  ? -13.166 -12.500 -0.578  1.00 28.68 ? 20  GLU A N   1 
ATOM   221  C  CA  . GLU A 1 42  ? -14.341 -11.852 0.016   1.00 29.90 ? 20  GLU A CA  1 
ATOM   222  C  C   . GLU A 1 42  ? -14.060 -11.247 1.388   1.00 27.86 ? 20  GLU A C   1 
ATOM   223  O  O   . GLU A 1 42  ? -14.569 -10.179 1.697   1.00 27.54 ? 20  GLU A O   1 
ATOM   224  C  CB  . GLU A 1 42  ? -15.558 -12.793 0.049   1.00 32.49 ? 20  GLU A CB  1 
ATOM   225  C  CG  . GLU A 1 42  ? -16.071 -13.173 -1.338  1.00 34.79 ? 20  GLU A CG  1 
ATOM   226  C  CD  . GLU A 1 42  ? -16.152 -11.994 -2.296  1.00 37.02 ? 20  GLU A CD  1 
ATOM   227  O  OE1 . GLU A 1 42  ? -16.693 -10.938 -1.904  1.00 39.45 ? 20  GLU A OE1 1 
ATOM   228  O  OE2 . GLU A 1 42  ? -15.661 -12.114 -3.441  1.00 40.52 ? 20  GLU A OE2 1 
ATOM   229  N  N   . ALA A 1 43  ? -13.231 -11.903 2.190   1.00 27.88 ? 21  ALA A N   1 
ATOM   230  C  CA  . ALA A 1 43  ? -12.832 -11.353 3.487   1.00 26.70 ? 21  ALA A CA  1 
ATOM   231  C  C   . ALA A 1 43  ? -11.951 -10.108 3.303   1.00 26.09 ? 21  ALA A C   1 
ATOM   232  O  O   . ALA A 1 43  ? -12.091 -9.124  4.038   1.00 23.87 ? 21  ALA A O   1 
ATOM   233  C  CB  . ALA A 1 43  ? -12.114 -12.409 4.319   1.00 26.53 ? 21  ALA A CB  1 
ATOM   234  N  N   . SER A 1 44  ? -11.054 -10.149 2.320   1.00 24.03 ? 22  SER A N   1 
ATOM   235  C  CA  . SER A 1 44  ? -10.252 -8.983  1.970   1.00 24.10 ? 22  SER A CA  1 
ATOM   236  C  C   . SER A 1 44  ? -11.132 -7.834  1.498   1.00 22.99 ? 22  SER A C   1 
ATOM   237  O  O   . SER A 1 44  ? -10.999 -6.733  1.987   1.00 22.69 ? 22  SER A O   1 
ATOM   238  C  CB  . SER A 1 44  ? -9.203  -9.330  0.903   1.00 25.21 ? 22  SER A CB  1 
ATOM   239  O  OG  . SER A 1 44  ? -8.155  -10.099 1.463   1.00 26.72 ? 22  SER A OG  1 
ATOM   240  N  N   . VAL A 1 45  ? -12.052 -8.093  0.575   1.00 23.35 ? 23  VAL A N   1 
ATOM   241  C  CA  . VAL A 1 45  ? -12.959 -7.044  0.101   1.00 24.80 ? 23  VAL A CA  1 
ATOM   242  C  C   . VAL A 1 45  ? -13.703 -6.407  1.295   1.00 24.82 ? 23  VAL A C   1 
ATOM   243  O  O   . VAL A 1 45  ? -13.806 -5.193  1.382   1.00 24.39 ? 23  VAL A O   1 
ATOM   244  C  CB  . VAL A 1 45  ? -13.963 -7.580  -0.957  1.00 25.48 ? 23  VAL A CB  1 
ATOM   245  C  CG1 . VAL A 1 45  ? -15.114 -6.606  -1.194  1.00 25.88 ? 23  VAL A CG1 1 
ATOM   246  C  CG2 . VAL A 1 45  ? -13.246 -7.892  -2.265  1.00 26.02 ? 23  VAL A CG2 1 
ATOM   247  N  N   . GLU A 1 46  ? -14.185 -7.231  2.215   1.00 25.69 ? 24  GLU A N   1 
ATOM   248  C  CA  . GLU A 1 46  ? -14.878 -6.741  3.413   1.00 27.44 ? 24  GLU A CA  1 
ATOM   249  C  C   . GLU A 1 46  ? -14.005 -5.783  4.245   1.00 25.04 ? 24  GLU A C   1 
ATOM   250  O  O   . GLU A 1 46  ? -14.469 -4.724  4.685   1.00 25.24 ? 24  GLU A O   1 
ATOM   251  C  CB  . GLU A 1 46  ? -15.335 -7.939  4.258   1.00 30.71 ? 24  GLU A CB  1 
ATOM   252  C  CG  . GLU A 1 46  ? -16.038 -7.597  5.567   1.00 34.76 ? 24  GLU A CG  1 
ATOM   253  C  CD  . GLU A 1 46  ? -17.389 -6.914  5.379   1.00 40.67 ? 24  GLU A CD  1 
ATOM   254  O  OE1 . GLU A 1 46  ? -17.922 -6.879  4.236   1.00 43.36 ? 24  GLU A OE1 1 
ATOM   255  O  OE2 . GLU A 1 46  ? -17.926 -6.408  6.395   1.00 46.10 ? 24  GLU A OE2 1 
ATOM   256  N  N   . PHE A 1 47  ? -12.736 -6.138  4.428   1.00 22.88 ? 25  PHE A N   1 
ATOM   257  C  CA  . PHE A 1 47  ? -11.794 -5.307  5.191   1.00 21.51 ? 25  PHE A CA  1 
ATOM   258  C  C   . PHE A 1 47  ? -11.586 -3.923  4.560   1.00 21.09 ? 25  PHE A C   1 
ATOM   259  O  O   . PHE A 1 47  ? -11.770 -2.897  5.217   1.00 20.10 ? 25  PHE A O   1 
ATOM   260  C  CB  . PHE A 1 47  ? -10.451 -6.047  5.340   1.00 21.11 ? 25  PHE A CB  1 
ATOM   261  C  CG  . PHE A 1 47  ? -9.397  -5.274  6.096   1.00 21.52 ? 25  PHE A CG  1 
ATOM   262  C  CD1 . PHE A 1 47  ? -8.575  -4.372  5.447   1.00 21.10 ? 25  PHE A CD1 1 
ATOM   263  C  CD2 . PHE A 1 47  ? -9.215  -5.468  7.469   1.00 22.53 ? 25  PHE A CD2 1 
ATOM   264  C  CE1 . PHE A 1 47  ? -7.607  -3.656  6.134   1.00 21.81 ? 25  PHE A CE1 1 
ATOM   265  C  CE2 . PHE A 1 47  ? -8.246  -4.760  8.164   1.00 21.87 ? 25  PHE A CE2 1 
ATOM   266  C  CZ  . PHE A 1 47  ? -7.434  -3.853  7.494   1.00 22.53 ? 25  PHE A CZ  1 
ATOM   267  N  N   . TYR A 1 48  ? -11.227 -3.875  3.273   1.00 21.08 ? 26  TYR A N   1 
ATOM   268  C  CA  . TYR A 1 48  ? -10.861 -2.589  2.669   1.00 20.96 ? 26  TYR A CA  1 
ATOM   269  C  C   . TYR A 1 48  ? -12.043 -1.662  2.484   1.00 21.71 ? 26  TYR A C   1 
ATOM   270  O  O   . TYR A 1 48  ? -11.883 -0.441  2.597   1.00 21.62 ? 26  TYR A O   1 
ATOM   271  C  CB  . TYR A 1 48  ? -10.090 -2.773  1.351   1.00 20.88 ? 26  TYR A CB  1 
ATOM   272  C  CG  . TYR A 1 48  ? -8.842  -3.585  1.583   1.00 20.56 ? 26  TYR A CG  1 
ATOM   273  C  CD1 . TYR A 1 48  ? -7.704  -3.015  2.168   1.00 21.31 ? 26  TYR A CD1 1 
ATOM   274  C  CD2 . TYR A 1 48  ? -8.825  -4.944  1.289   1.00 21.00 ? 26  TYR A CD2 1 
ATOM   275  C  CE1 . TYR A 1 48  ? -6.571  -3.782  2.417   1.00 20.76 ? 26  TYR A CE1 1 
ATOM   276  C  CE2 . TYR A 1 48  ? -7.707  -5.715  1.529   1.00 21.65 ? 26  TYR A CE2 1 
ATOM   277  C  CZ  . TYR A 1 48  ? -6.594  -5.139  2.093   1.00 20.67 ? 26  TYR A CZ  1 
ATOM   278  O  OH  . TYR A 1 48  ? -5.513  -5.941  2.312   1.00 22.38 ? 26  TYR A OH  1 
ATOM   279  N  N   . THR A 1 49  ? -13.213 -2.240  2.206   1.00 22.87 ? 27  THR A N   1 
ATOM   280  C  CA  . THR A 1 49  ? -14.445 -1.468  2.060   1.00 24.22 ? 27  THR A CA  1 
ATOM   281  C  C   . THR A 1 49  ? -14.957 -0.948  3.407   1.00 24.55 ? 27  THR A C   1 
ATOM   282  O  O   . THR A 1 49  ? -15.090 0.259   3.597   1.00 23.72 ? 27  THR A O   1 
ATOM   283  C  CB  . THR A 1 49  ? -15.561 -2.281  1.378   1.00 24.11 ? 27  THR A CB  1 
ATOM   284  O  OG1 . THR A 1 49  ? -15.772 -3.514  2.081   1.00 26.02 ? 27  THR A OG1 1 
ATOM   285  C  CG2 . THR A 1 49  ? -15.184 -2.589  -0.063  1.00 24.85 ? 27  THR A CG2 1 
ATOM   286  N  N   . THR A 1 50  ? -15.226 -1.847  4.348   1.00 26.19 ? 28  THR A N   1 
ATOM   287  C  CA  . THR A 1 50  ? -15.878 -1.430  5.604   1.00 27.17 ? 28  THR A CA  1 
ATOM   288  C  C   . THR A 1 50  ? -14.928 -0.744  6.590   1.00 26.95 ? 28  THR A C   1 
ATOM   289  O  O   . THR A 1 50  ? -15.337 0.185   7.287   1.00 28.20 ? 28  THR A O   1 
ATOM   290  C  CB  . THR A 1 50  ? -16.575 -2.602  6.311   1.00 27.49 ? 28  THR A CB  1 
ATOM   291  O  OG1 . THR A 1 50  ? -15.586 -3.476  6.850   1.00 27.21 ? 28  THR A OG1 1 
ATOM   292  C  CG2 . THR A 1 50  ? -17.476 -3.360  5.337   1.00 28.38 ? 28  THR A CG2 1 
ATOM   293  N  N   . LYS A 1 51  ? -13.669 -1.175  6.646   1.00 26.33 ? 29  LYS A N   1 
ATOM   294  C  CA  . LYS A 1 51  ? -12.715 -0.604  7.607   1.00 26.19 ? 29  LYS A CA  1 
ATOM   295  C  C   . LYS A 1 51  ? -11.994 0.612   7.068   1.00 24.64 ? 29  LYS A C   1 
ATOM   296  O  O   . LYS A 1 51  ? -11.797 1.585   7.799   1.00 23.59 ? 29  LYS A O   1 
ATOM   297  C  CB  . LYS A 1 51  ? -11.671 -1.623  8.048   1.00 28.41 ? 29  LYS A CB  1 
ATOM   298  C  CG  . LYS A 1 51  ? -12.224 -2.954  8.519   1.00 31.24 ? 29  LYS A CG  1 
ATOM   299  C  CD  . LYS A 1 51  ? -13.001 -2.821  9.800   1.00 34.02 ? 29  LYS A CD  1 
ATOM   300  C  CE  . LYS A 1 51  ? -13.369 -4.185  10.374  1.00 36.27 ? 29  LYS A CE  1 
ATOM   301  N  NZ  . LYS A 1 51  ? -12.169 -5.022  10.620  1.00 37.10 ? 29  LYS A NZ  1 
ATOM   302  N  N   . LEU A 1 52  ? -11.570 0.563   5.801   1.00 22.41 ? 30  LEU A N   1 
ATOM   303  C  CA  . LEU A 1 52  ? -10.790 1.664   5.233   1.00 21.79 ? 30  LEU A CA  1 
ATOM   304  C  C   . LEU A 1 52  ? -11.525 2.552   4.223   1.00 22.08 ? 30  LEU A C   1 
ATOM   305  O  O   . LEU A 1 52  ? -10.948 3.528   3.761   1.00 23.24 ? 30  LEU A O   1 
ATOM   306  C  CB  . LEU A 1 52  ? -9.498  1.130   4.598   1.00 21.64 ? 30  LEU A CB  1 
ATOM   307  C  CG  . LEU A 1 52  ? -8.575  0.341   5.516   1.00 21.81 ? 30  LEU A CG  1 
ATOM   308  C  CD1 . LEU A 1 52  ? -7.303  -0.029  4.777   1.00 22.07 ? 30  LEU A CD1 1 
ATOM   309  C  CD2 . LEU A 1 52  ? -8.268  1.159   6.773   1.00 22.25 ? 30  LEU A CD2 1 
ATOM   310  N  N   . GLY A 1 53  ? -12.766 2.213   3.877   1.00 21.93 ? 31  GLY A N   1 
ATOM   311  C  CA  . GLY A 1 53  ? -13.620 3.081   3.060   1.00 22.02 ? 31  GLY A CA  1 
ATOM   312  C  C   . GLY A 1 53  ? -13.392 3.053   1.564   1.00 21.69 ? 31  GLY A C   1 
ATOM   313  O  O   . GLY A 1 53  ? -13.776 3.996   0.858   1.00 20.97 ? 31  GLY A O   1 
ATOM   314  N  N   . TYR A 1 54  ? -12.775 1.981   1.064   1.00 20.80 ? 32  TYR A N   1 
ATOM   315  C  CA  . TYR A 1 54  ? -12.595 1.827   -0.374  1.00 19.97 ? 32  TYR A CA  1 
ATOM   316  C  C   . TYR A 1 54  ? -13.923 1.440   -1.003  1.00 21.06 ? 32  TYR A C   1 
ATOM   317  O  O   . TYR A 1 54  ? -14.794 0.852   -0.340  1.00 22.46 ? 32  TYR A O   1 
ATOM   318  C  CB  . TYR A 1 54  ? -11.487 0.795   -0.685  1.00 18.85 ? 32  TYR A CB  1 
ATOM   319  C  CG  . TYR A 1 54  ? -10.084 1.350   -0.529  1.00 17.55 ? 32  TYR A CG  1 
ATOM   320  C  CD1 . TYR A 1 54  ? -9.405  1.257   0.683   1.00 16.71 ? 32  TYR A CD1 1 
ATOM   321  C  CD2 . TYR A 1 54  ? -9.431  1.974   -1.593  1.00 16.82 ? 32  TYR A CD2 1 
ATOM   322  C  CE1 . TYR A 1 54  ? -8.131  1.773   0.834   1.00 16.57 ? 32  TYR A CE1 1 
ATOM   323  C  CE2 . TYR A 1 54  ? -8.161  2.480   -1.444  1.00 16.86 ? 32  TYR A CE2 1 
ATOM   324  C  CZ  . TYR A 1 54  ? -7.514  2.379   -0.226  1.00 15.98 ? 32  TYR A CZ  1 
ATOM   325  O  OH  . TYR A 1 54  ? -6.245  2.892   -0.072  1.00 16.25 ? 32  TYR A OH  1 
ATOM   326  N  N   . THR A 1 55  ? -14.101 1.793   -2.274  1.00 22.54 ? 33  THR A N   1 
ATOM   327  C  CA  . THR A 1 55  ? -15.325 1.446   -2.999  1.00 24.96 ? 33  THR A CA  1 
ATOM   328  C  C   . THR A 1 55  ? -14.989 0.543   -4.183  1.00 24.33 ? 33  THR A C   1 
ATOM   329  O  O   . THR A 1 55  ? -14.104 0.869   -4.969  1.00 22.39 ? 33  THR A O   1 
ATOM   330  C  CB  . THR A 1 55  ? -16.034 2.713   -3.516  1.00 26.03 ? 33  THR A CB  1 
ATOM   331  O  OG1 . THR A 1 55  ? -16.358 3.553   -2.406  1.00 27.20 ? 33  THR A OG1 1 
ATOM   332  C  CG2 . THR A 1 55  ? -17.323 2.356   -4.271  1.00 27.12 ? 33  THR A CG2 1 
ATOM   333  N  N   . LEU A 1 56  ? -15.704 -0.575  -4.297  1.00 25.20 ? 34  LEU A N   1 
ATOM   334  C  CA  . LEU A 1 56  ? -15.525 -1.516  -5.405  1.00 26.27 ? 34  LEU A CA  1 
ATOM   335  C  C   . LEU A 1 56  ? -15.751 -0.846  -6.754  1.00 27.38 ? 34  LEU A C   1 
ATOM   336  O  O   . LEU A 1 56  ? -16.700 -0.076  -6.934  1.00 25.84 ? 34  LEU A O   1 
ATOM   337  C  CB  . LEU A 1 56  ? -16.471 -2.712  -5.273  1.00 27.42 ? 34  LEU A CB  1 
ATOM   338  C  CG  . LEU A 1 56  ? -16.023 -3.811  -4.318  1.00 28.33 ? 34  LEU A CG  1 
ATOM   339  C  CD1 . LEU A 1 56  ? -17.192 -4.731  -3.989  1.00 28.83 ? 34  LEU A CD1 1 
ATOM   340  C  CD2 . LEU A 1 56  ? -14.847 -4.599  -4.894  1.00 28.19 ? 34  LEU A CD2 1 
ATOM   341  N  N   . SER A 1 57  ? -14.854 -1.142  -7.686  1.00 26.48 ? 35  SER A N   1 
ATOM   342  C  CA  . SER A 1 57  ? -14.859 -0.555  -9.016  1.00 27.63 ? 35  SER A CA  1 
ATOM   343  C  C   . SER A 1 57  ? -15.098 -1.637  -10.070 1.00 27.77 ? 35  SER A C   1 
ATOM   344  O  O   . SER A 1 57  ? -15.871 -1.434  -11.012 1.00 27.66 ? 35  SER A O   1 
ATOM   345  C  CB  . SER A 1 57  ? -13.526 0.151   -9.266  1.00 28.52 ? 35  SER A CB  1 
ATOM   346  O  OG  . SER A 1 57  ? -13.526 0.830   -10.510 1.00 30.53 ? 35  SER A OG  1 
ATOM   347  N  N   . SER A 1 58  ? -14.441 -2.787  -9.904  1.00 26.85 ? 36  SER A N   1 
ATOM   348  C  CA  . SER A 1 58  ? -14.576 -3.882  -10.855 1.00 26.56 ? 36  SER A CA  1 
ATOM   349  C  C   . SER A 1 58  ? -14.325 -5.224  -10.201 1.00 26.29 ? 36  SER A C   1 
ATOM   350  O  O   . SER A 1 58  ? -13.706 -5.313  -9.135  1.00 25.19 ? 36  SER A O   1 
ATOM   351  C  CB  . SER A 1 58  ? -13.635 -3.690  -12.049 1.00 27.15 ? 36  SER A CB  1 
ATOM   352  O  OG  . SER A 1 58  ? -12.303 -4.043  -11.735 1.00 26.38 ? 36  SER A OG  1 
ATOM   353  N  N   . ARG A 1 59  ? -14.838 -6.263  -10.852 1.00 26.98 ? 37  ARG A N   1 
ATOM   354  C  CA  . ARG A 1 59  ? -14.651 -7.643  -10.428 1.00 27.63 ? 37  ARG A CA  1 
ATOM   355  C  C   . ARG A 1 59  ? -14.386 -8.571  -11.604 1.00 27.77 ? 37  ARG A C   1 
ATOM   356  O  O   . ARG A 1 59  ? -15.012 -8.440  -12.642 1.00 27.12 ? 37  ARG A O   1 
ATOM   357  C  CB  . ARG A 1 59  ? -15.910 -8.137  -9.742  1.00 29.13 ? 37  ARG A CB  1 
ATOM   358  C  CG  . ARG A 1 59  ? -16.013 -7.796  -8.272  1.00 29.66 ? 37  ARG A CG  1 
ATOM   359  C  CD  . ARG A 1 59  ? -17.156 -8.594  -7.686  1.00 30.29 ? 37  ARG A CD  1 
ATOM   360  N  NE  . ARG A 1 59  ? -17.423 -8.273  -6.295  1.00 30.53 ? 37  ARG A NE  1 
ATOM   361  C  CZ  . ARG A 1 59  ? -16.887 -8.884  -5.247  1.00 30.63 ? 37  ARG A CZ  1 
ATOM   362  N  NH1 . ARG A 1 59  ? -15.978 -9.852  -5.384  1.00 32.04 ? 37  ARG A NH1 1 
ATOM   363  N  NH2 . ARG A 1 59  ? -17.244 -8.488  -4.042  1.00 31.66 ? 37  ARG A NH2 1 
HETATM 364  N  N   . MSE A 1 60  ? -13.465 -9.509  -11.427 1.00 27.44 ? 38  MSE A N   1 
HETATM 365  C  CA  . MSE A 1 60  ? -13.248 -10.577 -12.397 1.00 28.82 ? 38  MSE A CA  1 
HETATM 366  C  C   . MSE A 1 60  ? -13.030 -11.808 -11.578 1.00 27.99 ? 38  MSE A C   1 
HETATM 367  O  O   . MSE A 1 60  ? -12.935 -11.722 -10.344 1.00 27.18 ? 38  MSE A O   1 
HETATM 368  C  CB  . MSE A 1 60  ? -12.056 -10.245 -13.297 1.00 30.29 ? 38  MSE A CB  1 
HETATM 369  C  CG  . MSE A 1 60  ? -12.333 -9.080  -14.241 1.00 32.82 ? 38  MSE A CG  1 
HETATM 370  SE SE  . MSE A 1 60  ? -13.728 -9.571  -15.564 1.00 39.17 ? 38  MSE A SE  1 
HETATM 371  C  CE  . MSE A 1 60  ? -12.557 -10.656 -16.729 1.00 35.99 ? 38  MSE A CE  1 
ATOM   372  N  N   . PRO A 1 61  ? -12.965 -12.984 -12.227 1.00 27.81 ? 39  PRO A N   1 
ATOM   373  C  CA  . PRO A 1 61  ? -12.727 -14.164 -11.407 1.00 27.43 ? 39  PRO A CA  1 
ATOM   374  C  C   . PRO A 1 61  ? -11.494 -13.993 -10.518 1.00 26.64 ? 39  PRO A C   1 
ATOM   375  O  O   . PRO A 1 61  ? -10.407 -13.616 -11.002 1.00 25.70 ? 39  PRO A O   1 
ATOM   376  C  CB  . PRO A 1 61  ? -12.541 -15.279 -12.445 1.00 28.46 ? 39  PRO A CB  1 
ATOM   377  C  CG  . PRO A 1 61  ? -13.390 -14.834 -13.588 1.00 28.05 ? 39  PRO A CG  1 
ATOM   378  C  CD  . PRO A 1 61  ? -13.250 -13.339 -13.630 1.00 27.87 ? 39  PRO A CD  1 
ATOM   379  N  N   . GLY A 1 62  ? -11.700 -14.240 -9.223  1.00 25.38 ? 40  GLY A N   1 
ATOM   380  C  CA  . GLY A 1 62  ? -10.689 -14.087 -8.180  1.00 25.12 ? 40  GLY A CA  1 
ATOM   381  C  C   . GLY A 1 62  ? -10.056 -12.711 -8.091  1.00 24.32 ? 40  GLY A C   1 
ATOM   382  O  O   . GLY A 1 62  ? -8.949  -12.567 -7.590  1.00 23.62 ? 40  GLY A O   1 
ATOM   383  N  N   . PHE A 1 63  ? -10.776 -11.690 -8.539  1.00 23.78 ? 41  PHE A N   1 
ATOM   384  C  CA  . PHE A 1 63  ? -10.227 -10.350 -8.598  1.00 23.24 ? 41  PHE A CA  1 
ATOM   385  C  C   . PHE A 1 63  ? -11.268 -9.299  -8.249  1.00 23.06 ? 41  PHE A C   1 
ATOM   386  O  O   . PHE A 1 63  ? -12.428 -9.386  -8.652  1.00 23.24 ? 41  PHE A O   1 
ATOM   387  C  CB  . PHE A 1 63  ? -9.660  -10.063 -9.998  1.00 23.68 ? 41  PHE A CB  1 
ATOM   388  C  CG  . PHE A 1 63  ? -9.074  -8.688  -10.143 1.00 21.07 ? 41  PHE A CG  1 
ATOM   389  C  CD1 . PHE A 1 63  ? -7.753  -8.442  -9.794  1.00 21.40 ? 41  PHE A CD1 1 
ATOM   390  C  CD2 . PHE A 1 63  ? -9.845  -7.640  -10.616 1.00 21.14 ? 41  PHE A CD2 1 
ATOM   391  C  CE1 . PHE A 1 63  ? -7.212  -7.167  -9.920  1.00 21.48 ? 41  PHE A CE1 1 
ATOM   392  C  CE2 . PHE A 1 63  ? -9.315  -6.368  -10.747 1.00 21.10 ? 41  PHE A CE2 1 
ATOM   393  C  CZ  . PHE A 1 63  ? -7.998  -6.127  -10.395 1.00 21.03 ? 41  PHE A CZ  1 
ATOM   394  N  N   . ALA A 1 64  ? -10.827 -8.299  -7.501  1.00 21.75 ? 42  ALA A N   1 
ATOM   395  C  CA  . ALA A 1 64  ? -11.600 -7.087  -7.286  1.00 21.89 ? 42  ALA A CA  1 
ATOM   396  C  C   . ALA A 1 64  ? -10.631 -5.922  -7.166  1.00 21.95 ? 42  ALA A C   1 
ATOM   397  O  O   . ALA A 1 64  ? -9.510  -6.090  -6.689  1.00 22.61 ? 42  ALA A O   1 
ATOM   398  C  CB  . ALA A 1 64  ? -12.454 -7.209  -6.036  1.00 21.74 ? 42  ALA A CB  1 
ATOM   399  N  N   . ASP A 1 65  ? -11.043 -4.751  -7.646  1.00 22.80 ? 43  ASP A N   1 
ATOM   400  C  CA  . ASP A 1 65  ? -10.310 -3.531  -7.373  1.00 22.19 ? 43  ASP A CA  1 
ATOM   401  C  C   . ASP A 1 65  ? -11.238 -2.385  -7.027  1.00 20.93 ? 43  ASP A C   1 
ATOM   402  O  O   . ASP A 1 65  ? -12.468 -2.484  -7.162  1.00 20.15 ? 43  ASP A O   1 
ATOM   403  C  CB  . ASP A 1 65  ? -9.351  -3.176  -8.506  1.00 23.55 ? 43  ASP A CB  1 
ATOM   404  C  CG  . ASP A 1 65  ? -10.049 -2.791  -9.788  1.00 24.89 ? 43  ASP A CG  1 
ATOM   405  O  OD1 . ASP A 1 65  ? -11.296 -2.722  -9.853  1.00 26.53 ? 43  ASP A OD1 1 
ATOM   406  O  OD2 . ASP A 1 65  ? -9.304  -2.542  -10.751 1.00 26.72 ? 43  ASP A OD2 1 
ATOM   407  N  N   . PHE A 1 66  ? -10.635 -1.308  -6.562  1.00 20.41 ? 44  PHE A N   1 
ATOM   408  C  CA  . PHE A 1 66  ? -11.373 -0.206  -5.973  1.00 22.02 ? 44  PHE A CA  1 
ATOM   409  C  C   . PHE A 1 66  ? -11.181 1.072   -6.764  1.00 23.53 ? 44  PHE A C   1 
ATOM   410  O  O   . PHE A 1 66  ? -10.259 1.181   -7.585  1.00 24.15 ? 44  PHE A O   1 
ATOM   411  C  CB  . PHE A 1 66  ? -10.928 -0.006  -4.530  1.00 21.41 ? 44  PHE A CB  1 
ATOM   412  C  CG  . PHE A 1 66  ? -11.055 -1.239  -3.692  1.00 20.52 ? 44  PHE A CG  1 
ATOM   413  C  CD1 . PHE A 1 66  ? -12.298 -1.733  -3.358  1.00 20.60 ? 44  PHE A CD1 1 
ATOM   414  C  CD2 . PHE A 1 66  ? -9.931  -1.909  -3.244  1.00 20.77 ? 44  PHE A CD2 1 
ATOM   415  C  CE1 . PHE A 1 66  ? -12.433 -2.871  -2.585  1.00 20.31 ? 44  PHE A CE1 1 
ATOM   416  C  CE2 . PHE A 1 66  ? -10.050 -3.054  -2.477  1.00 20.65 ? 44  PHE A CE2 1 
ATOM   417  C  CZ  . PHE A 1 66  ? -11.307 -3.543  -2.148  1.00 20.79 ? 44  PHE A CZ  1 
ATOM   418  N  N   . GLU A 1 67  ? -12.053 2.039   -6.498  1.00 25.78 ? 45  GLU A N   1 
ATOM   419  C  CA  . GLU A 1 67  ? -12.068 3.305   -7.224  1.00 27.50 ? 45  GLU A CA  1 
ATOM   420  C  C   . GLU A 1 67  ? -10.879 4.188   -6.863  1.00 27.92 ? 45  GLU A C   1 
ATOM   421  O  O   . GLU A 1 67  ? -10.362 4.134   -5.741  1.00 26.98 ? 45  GLU A O   1 
ATOM   422  C  CB  . GLU A 1 67  ? -13.380 4.066   -6.958  1.00 30.84 ? 45  GLU A CB  1 
ATOM   423  C  CG  . GLU A 1 67  ? -14.586 3.457   -7.663  1.00 33.55 ? 45  GLU A CG  1 
ATOM   424  C  CD  . GLU A 1 67  ? -15.864 4.277   -7.516  1.00 37.75 ? 45  GLU A CD  1 
ATOM   425  O  OE1 . GLU A 1 67  ? -15.984 5.087   -6.560  1.00 39.06 ? 45  GLU A OE1 1 
ATOM   426  O  OE2 . GLU A 1 67  ? -16.762 4.094   -8.368  1.00 41.61 ? 45  GLU A OE2 1 
ATOM   427  N  N   . GLY A 1 68  ? -10.441 4.990   -7.834  1.00 26.64 ? 46  GLY A N   1 
ATOM   428  C  CA  . GLY A 1 68  ? -9.458  6.040   -7.592  1.00 26.17 ? 46  GLY A CA  1 
ATOM   429  C  C   . GLY A 1 68  ? -10.149 7.207   -6.906  1.00 26.98 ? 46  GLY A C   1 
ATOM   430  O  O   . GLY A 1 68  ? -11.265 7.057   -6.412  1.00 26.48 ? 46  GLY A O   1 
ATOM   431  N  N   . PRO A 1 69  ? -9.511  8.388   -6.886  1.00 27.97 ? 47  PRO A N   1 
ATOM   432  C  CA  . PRO A 1 69  ? -8.269  8.766   -7.567  1.00 27.96 ? 47  PRO A CA  1 
ATOM   433  C  C   . PRO A 1 69  ? -7.003  8.224   -6.918  1.00 27.46 ? 47  PRO A C   1 
ATOM   434  O  O   . PRO A 1 69  ? -7.057  7.632   -5.833  1.00 27.28 ? 47  PRO A O   1 
ATOM   435  C  CB  . PRO A 1 69  ? -8.284  10.297  -7.476  1.00 29.19 ? 47  PRO A CB  1 
ATOM   436  C  CG  . PRO A 1 69  ? -8.990  10.566  -6.195  1.00 29.61 ? 47  PRO A CG  1 
ATOM   437  C  CD  . PRO A 1 69  ? -10.059 9.511   -6.098  1.00 28.89 ? 47  PRO A CD  1 
ATOM   438  N  N   . GLY A 1 70  ? -5.872  8.458   -7.581  1.00 25.58 ? 48  GLY A N   1 
ATOM   439  C  CA  . GLY A 1 70  ? -4.570  8.007   -7.098  1.00 25.36 ? 48  GLY A CA  1 
ATOM   440  C  C   . GLY A 1 70  ? -4.342  6.568   -7.512  1.00 24.66 ? 48  GLY A C   1 
ATOM   441  O  O   . GLY A 1 70  ? -5.037  6.041   -8.382  1.00 25.61 ? 48  GLY A O   1 
ATOM   442  N  N   . VAL A 1 71  ? -3.378  5.916   -6.878  1.00 23.78 ? 49  VAL A N   1 
ATOM   443  C  CA  . VAL A 1 71  ? -3.093  4.515   -7.180  1.00 23.97 ? 49  VAL A CA  1 
ATOM   444  C  C   . VAL A 1 71  ? -4.347  3.654   -6.951  1.00 22.42 ? 49  VAL A C   1 
ATOM   445  O  O   . VAL A 1 71  ? -5.112  3.874   -6.009  1.00 22.55 ? 49  VAL A O   1 
ATOM   446  C  CB  . VAL A 1 71  ? -1.876  4.000   -6.370  1.00 24.97 ? 49  VAL A CB  1 
ATOM   447  C  CG1 . VAL A 1 71  ? -2.233  3.845   -4.903  1.00 25.74 ? 49  VAL A CG1 1 
ATOM   448  C  CG2 . VAL A 1 71  ? -1.374  2.675   -6.931  1.00 27.13 ? 49  VAL A CG2 1 
ATOM   449  N  N   . ILE A 1 72  ? -4.580  2.706   -7.849  1.00 20.27 ? 50  ILE A N   1 
ATOM   450  C  CA  . ILE A 1 72  ? -5.728  1.827   -7.764  1.00 20.04 ? 50  ILE A CA  1 
ATOM   451  C  C   . ILE A 1 72  ? -5.333  0.652   -6.868  1.00 20.16 ? 50  ILE A C   1 
ATOM   452  O  O   . ILE A 1 72  ? -4.328  -0.007  -7.120  1.00 19.11 ? 50  ILE A O   1 
ATOM   453  C  CB  . ILE A 1 72  ? -6.149  1.296   -9.144  1.00 20.95 ? 50  ILE A CB  1 
ATOM   454  C  CG1 . ILE A 1 72  ? -6.567  2.458   -10.065 1.00 21.49 ? 50  ILE A CG1 1 
ATOM   455  C  CG2 . ILE A 1 72  ? -7.250  0.242   -9.015  1.00 20.91 ? 50  ILE A CG2 1 
ATOM   456  C  CD1 . ILE A 1 72  ? -7.708  3.307   -9.541  1.00 22.61 ? 50  ILE A CD1 1 
ATOM   457  N  N   . LEU A 1 73  ? -6.103  0.423   -5.807  1.00 18.49 ? 51  LEU A N   1 
ATOM   458  C  CA  . LEU A 1 73  ? -5.870  -0.733  -4.944  1.00 18.07 ? 51  LEU A CA  1 
ATOM   459  C  C   . LEU A 1 73  ? -6.662  -1.900  -5.485  1.00 17.22 ? 51  LEU A C   1 
ATOM   460  O  O   . LEU A 1 73  ? -7.860  -1.770  -5.771  1.00 17.74 ? 51  LEU A O   1 
ATOM   461  C  CB  . LEU A 1 73  ? -6.281  -0.429  -3.508  1.00 17.87 ? 51  LEU A CB  1 
ATOM   462  C  CG  . LEU A 1 73  ? -6.100  -1.544  -2.474  1.00 17.63 ? 51  LEU A CG  1 
ATOM   463  C  CD1 . LEU A 1 73  ? -4.638  -1.916  -2.272  1.00 17.54 ? 51  LEU A CD1 1 
ATOM   464  C  CD2 . LEU A 1 73  ? -6.707  -1.067  -1.166  1.00 17.74 ? 51  LEU A CD2 1 
ATOM   465  N  N   . ALA A 1 74  ? -5.991  -3.043  -5.613  1.00 16.79 ? 52  ALA A N   1 
ATOM   466  C  CA  . ALA A 1 74  ? -6.582  -4.246  -6.180  1.00 16.73 ? 52  ALA A CA  1 
ATOM   467  C  C   . ALA A 1 74  ? -6.252  -5.488  -5.344  1.00 16.66 ? 52  ALA A C   1 
ATOM   468  O  O   . ALA A 1 74  ? -5.312  -5.492  -4.540  1.00 15.69 ? 52  ALA A O   1 
ATOM   469  C  CB  . ALA A 1 74  ? -6.102  -4.429  -7.617  1.00 16.95 ? 52  ALA A CB  1 
ATOM   470  N  N   . LEU A 1 75  ? -7.063  -6.526  -5.519  1.00 17.06 ? 53  LEU A N   1 
ATOM   471  C  CA  . LEU A 1 75  ? -6.863  -7.801  -4.841  1.00 17.91 ? 53  LEU A CA  1 
ATOM   472  C  C   . LEU A 1 75  ? -7.003  -8.924  -5.848  1.00 17.96 ? 53  LEU A C   1 
ATOM   473  O  O   . LEU A 1 75  ? -7.950  -8.946  -6.620  1.00 18.78 ? 53  LEU A O   1 
ATOM   474  C  CB  . LEU A 1 75  ? -7.911  -7.991  -3.746  1.00 19.10 ? 53  LEU A CB  1 
ATOM   475  C  CG  . LEU A 1 75  ? -8.189  -6.801  -2.820  1.00 20.13 ? 53  LEU A CG  1 
ATOM   476  C  CD1 . LEU A 1 75  ? -9.494  -7.028  -2.054  1.00 20.86 ? 53  LEU A CD1 1 
ATOM   477  C  CD2 . LEU A 1 75  ? -7.027  -6.582  -1.872  1.00 20.59 ? 53  LEU A CD2 1 
ATOM   478  N  N   . TRP A 1 76  ? -6.105  -9.890  -5.785  1.00 18.84 ? 54  TRP A N   1 
ATOM   479  C  CA  . TRP A 1 76  ? -6.101  -10.985 -6.747  1.00 19.57 ? 54  TRP A CA  1 
ATOM   480  C  C   . TRP A 1 76  ? -5.731  -12.276 -6.020  1.00 19.26 ? 54  TRP A C   1 
ATOM   481  O  O   . TRP A 1 76  ? -4.695  -12.351 -5.358  1.00 19.21 ? 54  TRP A O   1 
ATOM   482  C  CB  . TRP A 1 76  ? -5.091  -10.682 -7.855  1.00 19.58 ? 54  TRP A CB  1 
ATOM   483  C  CG  . TRP A 1 76  ? -5.276  -11.447 -9.144  1.00 20.56 ? 54  TRP A CG  1 
ATOM   484  C  CD1 . TRP A 1 76  ? -6.200  -12.417 -9.428  1.00 21.94 ? 54  TRP A CD1 1 
ATOM   485  C  CD2 . TRP A 1 76  ? -4.484  -11.295 -10.317 1.00 21.34 ? 54  TRP A CD2 1 
ATOM   486  N  NE1 . TRP A 1 76  ? -6.025  -12.875 -10.726 1.00 21.27 ? 54  TRP A NE1 1 
ATOM   487  C  CE2 . TRP A 1 76  ? -4.974  -12.203 -11.283 1.00 21.62 ? 54  TRP A CE2 1 
ATOM   488  C  CE3 . TRP A 1 76  ? -3.411  -10.472 -10.650 1.00 21.25 ? 54  TRP A CE3 1 
ATOM   489  C  CZ2 . TRP A 1 76  ? -4.424  -12.302 -12.558 1.00 21.46 ? 54  TRP A CZ2 1 
ATOM   490  C  CZ3 . TRP A 1 76  ? -2.860  -10.581 -11.922 1.00 22.42 ? 54  TRP A CZ3 1 
ATOM   491  C  CH2 . TRP A 1 76  ? -3.376  -11.490 -12.856 1.00 21.61 ? 54  TRP A CH2 1 
ATOM   492  N  N   . ASP A 1 77  ? -6.596  -13.276 -6.137  1.00 20.31 ? 55  ASP A N   1 
ATOM   493  C  CA  . ASP A 1 77  ? -6.389  -14.558 -5.484  1.00 22.01 ? 55  ASP A CA  1 
ATOM   494  C  C   . ASP A 1 77  ? -5.108  -15.226 -5.958  1.00 21.87 ? 55  ASP A C   1 
ATOM   495  O  O   . ASP A 1 77  ? -4.865  -15.304 -7.170  1.00 20.54 ? 55  ASP A O   1 
ATOM   496  C  CB  . ASP A 1 77  ? -7.560  -15.492 -5.788  1.00 24.06 ? 55  ASP A CB  1 
ATOM   497  C  CG  . ASP A 1 77  ? -7.393  -16.839 -5.121  1.00 26.31 ? 55  ASP A CG  1 
ATOM   498  O  OD1 . ASP A 1 77  ? -7.628  -16.916 -3.897  1.00 27.27 ? 55  ASP A OD1 1 
ATOM   499  O  OD2 . ASP A 1 77  ? -6.993  -17.794 -5.815  1.00 27.10 ? 55  ASP A OD2 1 
ATOM   500  N  N   . ALA A 1 78  ? -4.311  -15.724 -5.004  1.00 21.22 ? 56  ALA A N   1 
ATOM   501  C  CA  . ALA A 1 78  ? -3.014  -16.345 -5.288  1.00 22.61 ? 56  ALA A CA  1 
ATOM   502  C  C   . ALA A 1 78  ? -3.112  -17.562 -6.221  1.00 23.12 ? 56  ALA A C   1 
ATOM   503  O  O   . ALA A 1 78  ? -2.276  -17.734 -7.111  1.00 22.20 ? 56  ALA A O   1 
ATOM   504  C  CB  . ALA A 1 78  ? -2.324  -16.757 -3.985  1.00 22.54 ? 56  ALA A CB  1 
ATOM   505  N  N   . GLN A 1 79  ? -4.102  -18.416 -5.988  1.00 24.40 ? 57  GLN A N   1 
ATOM   506  C  CA  . GLN A 1 79  ? -4.281  -19.616 -6.820  1.00 26.43 ? 57  GLN A CA  1 
ATOM   507  C  C   . GLN A 1 79  ? -4.571  -19.236 -8.276  1.00 25.39 ? 57  GLN A C   1 
ATOM   508  O  O   . GLN A 1 79  ? -3.959  -19.791 -9.199  1.00 24.20 ? 57  GLN A O   1 
ATOM   509  C  CB  . GLN A 1 79  ? -5.400  -20.502 -6.264  1.00 30.27 ? 57  GLN A CB  1 
ATOM   510  C  CG  . GLN A 1 79  ? -5.514  -21.866 -6.936  1.00 34.21 ? 57  GLN A CG  1 
ATOM   511  C  CD  . GLN A 1 79  ? -6.418  -22.839 -6.176  1.00 38.03 ? 57  GLN A CD  1 
ATOM   512  O  OE1 . GLN A 1 79  ? -6.555  -22.768 -4.948  1.00 42.60 ? 57  GLN A OE1 1 
ATOM   513  N  NE2 . GLN A 1 79  ? -7.027  -23.765 -6.907  1.00 39.53 ? 57  GLN A NE2 1 
ATOM   514  N  N   . LEU A 1 80  ? -5.475  -18.278 -8.471  1.00 24.11 ? 58  LEU A N   1 
ATOM   515  C  CA  . LEU A 1 80  ? -5.774  -17.770 -9.822  1.00 25.49 ? 58  LEU A CA  1 
ATOM   516  C  C   . LEU A 1 80  ? -4.579  -17.156 -10.548 1.00 23.11 ? 58  LEU A C   1 
ATOM   517  O  O   . LEU A 1 80  ? -4.408  -17.370 -11.760 1.00 21.99 ? 58  LEU A O   1 
ATOM   518  C  CB  . LEU A 1 80  ? -6.936  -16.769 -9.812  1.00 28.37 ? 58  LEU A CB  1 
ATOM   519  C  CG  . LEU A 1 80  ? -8.308  -17.301 -10.250 1.00 31.66 ? 58  LEU A CG  1 
ATOM   520  C  CD1 . LEU A 1 80  ? -9.240  -16.136 -10.473 1.00 32.57 ? 58  LEU A CD1 1 
ATOM   521  C  CD2 . LEU A 1 80  ? -8.254  -18.136 -11.524 1.00 31.84 ? 58  LEU A CD2 1 
ATOM   522  N  N   . ILE A 1 81  ? -3.760  -16.392 -9.825  1.00 21.08 ? 59  ILE A N   1 
ATOM   523  C  CA  . ILE A 1 81  ? -2.522  -15.854 -10.393 1.00 20.31 ? 59  ILE A CA  1 
ATOM   524  C  C   . ILE A 1 81  ? -1.648  -16.997 -10.911 1.00 21.17 ? 59  ILE A C   1 
ATOM   525  O  O   . ILE A 1 81  ? -1.179  -16.959 -12.051 1.00 20.62 ? 59  ILE A O   1 
ATOM   526  C  CB  . ILE A 1 81  ? -1.715  -15.039 -9.365  1.00 18.99 ? 59  ILE A CB  1 
ATOM   527  C  CG1 . ILE A 1 81  ? -2.478  -13.757 -8.981  1.00 18.90 ? 59  ILE A CG1 1 
ATOM   528  C  CG2 . ILE A 1 81  ? -0.335  -14.670 -9.917  1.00 18.71 ? 59  ILE A CG2 1 
ATOM   529  C  CD1 . ILE A 1 81  ? -1.920  -13.075 -7.748  1.00 18.98 ? 59  ILE A CD1 1 
ATOM   530  N  N   . ARG A 1 82  ? -1.435  -18.012 -10.076 1.00 21.32 ? 60  ARG A N   1 
ATOM   531  C  CA  . ARG A 1 82  ? -0.610  -19.160 -10.476 1.00 22.86 ? 60  ARG A CA  1 
ATOM   532  C  C   . ARG A 1 82  ? -1.187  -19.817 -11.728 1.00 23.37 ? 60  ARG A C   1 
ATOM   533  O  O   . ARG A 1 82  ? -0.470  -20.031 -12.706 1.00 23.43 ? 60  ARG A O   1 
ATOM   534  C  CB  . ARG A 1 82  ? -0.460  -20.185 -9.333  1.00 24.32 ? 60  ARG A CB  1 
ATOM   535  C  CG  . ARG A 1 82  ? 0.568   -19.793 -8.269  1.00 26.45 ? 60  ARG A CG  1 
ATOM   536  C  CD  . ARG A 1 82  ? 0.973   -20.938 -7.334  1.00 28.03 ? 60  ARG A CD  1 
ATOM   537  N  NE  . ARG A 1 82  ? -0.181  -21.497 -6.628  1.00 30.79 ? 60  ARG A NE  1 
ATOM   538  C  CZ  . ARG A 1 82  ? -0.815  -20.919 -5.599  1.00 34.16 ? 60  ARG A CZ  1 
ATOM   539  N  NH1 . ARG A 1 82  ? -0.423  -19.733 -5.123  1.00 32.44 ? 60  ARG A NH1 1 
ATOM   540  N  NH2 . ARG A 1 82  ? -1.872  -21.528 -5.043  1.00 33.12 ? 60  ARG A NH2 1 
ATOM   541  N  N   . GLU A 1 83  ? -2.486  -20.079 -11.708 1.00 24.37 ? 61  GLU A N   1 
ATOM   542  C  CA  . GLU A 1 83  ? -3.136  -20.824 -12.779 1.00 26.93 ? 61  GLU A CA  1 
ATOM   543  C  C   . GLU A 1 83  ? -3.190  -20.061 -14.106 1.00 27.28 ? 61  GLU A C   1 
ATOM   544  O  O   . GLU A 1 83  ? -3.094  -20.671 -15.169 1.00 27.20 ? 61  GLU A O   1 
ATOM   545  C  CB  . GLU A 1 83  ? -4.544  -21.219 -12.349 1.00 29.43 ? 61  GLU A CB  1 
ATOM   546  C  CG  . GLU A 1 83  ? -4.553  -22.231 -11.208 1.00 31.86 ? 61  GLU A CG  1 
ATOM   547  C  CD  . GLU A 1 83  ? -5.947  -22.565 -10.714 1.00 35.71 ? 61  GLU A CD  1 
ATOM   548  O  OE1 . GLU A 1 83  ? -6.870  -21.725 -10.837 1.00 38.27 ? 61  GLU A OE1 1 
ATOM   549  O  OE2 . GLU A 1 83  ? -6.118  -23.679 -10.176 1.00 40.56 ? 61  GLU A OE2 1 
ATOM   550  N  N   . THR A 1 84  ? -3.331  -18.735 -14.052 1.00 24.76 ? 62  THR A N   1 
ATOM   551  C  CA  . THR A 1 84  ? -3.563  -17.961 -15.275 1.00 24.16 ? 62  THR A CA  1 
ATOM   552  C  C   . THR A 1 84  ? -2.308  -17.327 -15.822 1.00 22.85 ? 62  THR A C   1 
ATOM   553  O  O   . THR A 1 84  ? -2.263  -17.022 -17.008 1.00 23.42 ? 62  THR A O   1 
ATOM   554  C  CB  . THR A 1 84  ? -4.568  -16.819 -15.060 1.00 23.65 ? 62  THR A CB  1 
ATOM   555  O  OG1 . THR A 1 84  ? -4.114  -15.984 -13.995 1.00 22.06 ? 62  THR A OG1 1 
ATOM   556  C  CG2 . THR A 1 84  ? -5.945  -17.354 -14.744 1.00 23.55 ? 62  THR A CG2 1 
ATOM   557  N  N   . THR A 1 85  ? -1.317  -17.068 -14.964 1.00 20.83 ? 63  THR A N   1 
ATOM   558  C  CA  . THR A 1 85  ? -0.093  -16.398 -15.389 1.00 20.09 ? 63  THR A CA  1 
ATOM   559  C  C   . THR A 1 85  ? 1.158   -17.235 -15.205 1.00 20.14 ? 63  THR A C   1 
ATOM   560  O  O   . THR A 1 85  ? 2.187   -16.900 -15.761 1.00 20.75 ? 63  THR A O   1 
ATOM   561  C  CB  . THR A 1 85  ? 0.166   -15.076 -14.615 1.00 20.19 ? 63  THR A CB  1 
ATOM   562  O  OG1 . THR A 1 85  ? 0.432   -15.358 -13.234 1.00 18.26 ? 63  THR A OG1 1 
ATOM   563  C  CG2 . THR A 1 85  ? -1.020  -14.123 -14.748 1.00 19.53 ? 63  THR A CG2 1 
ATOM   564  N  N   . GLY A 1 86  ? 1.101   -18.276 -14.372 1.00 20.67 ? 64  GLY A N   1 
ATOM   565  C  CA  . GLY A 1 86  ? 2.310   -19.009 -14.003 1.00 19.48 ? 64  GLY A CA  1 
ATOM   566  C  C   . GLY A 1 86  ? 3.207   -18.292 -12.997 1.00 19.10 ? 64  GLY A C   1 
ATOM   567  O  O   . GLY A 1 86  ? 4.274   -18.787 -12.652 1.00 19.34 ? 64  GLY A O   1 
ATOM   568  N  N   . VAL A 1 87  ? 2.803   -17.117 -12.514 1.00 17.82 ? 65  VAL A N   1 
ATOM   569  C  CA  . VAL A 1 87  ? 3.580   -16.443 -11.489 1.00 16.89 ? 65  VAL A CA  1 
ATOM   570  C  C   . VAL A 1 87  ? 3.354   -17.218 -10.192 1.00 16.38 ? 65  VAL A C   1 
ATOM   571  O  O   . VAL A 1 87  ? 2.204   -17.454 -9.815  1.00 17.54 ? 65  VAL A O   1 
ATOM   572  C  CB  . VAL A 1 87  ? 3.154   -14.964 -11.293 1.00 16.27 ? 65  VAL A CB  1 
ATOM   573  C  CG1 . VAL A 1 87  ? 3.839   -14.349 -10.082 1.00 16.16 ? 65  VAL A CG1 1 
ATOM   574  C  CG2 . VAL A 1 87  ? 3.475   -14.169 -12.536 1.00 16.48 ? 65  VAL A CG2 1 
ATOM   575  N  N   . PRO A 1 88  ? 4.439   -17.590 -9.505  1.00 16.92 ? 66  PRO A N   1 
ATOM   576  C  CA  . PRO A 1 88  ? 4.292   -18.408 -8.285  1.00 17.83 ? 66  PRO A CA  1 
ATOM   577  C  C   . PRO A 1 88  ? 3.917   -17.563 -7.059  1.00 17.67 ? 66  PRO A C   1 
ATOM   578  O  O   . PRO A 1 88  ? 4.753   -17.357 -6.167  1.00 18.92 ? 66  PRO A O   1 
ATOM   579  C  CB  . PRO A 1 88  ? 5.679   -19.027 -8.128  1.00 18.16 ? 66  PRO A CB  1 
ATOM   580  C  CG  . PRO A 1 88  ? 6.603   -18.003 -8.702  1.00 18.17 ? 66  PRO A CG  1 
ATOM   581  C  CD  . PRO A 1 88  ? 5.859   -17.376 -9.850  1.00 17.20 ? 66  PRO A CD  1 
ATOM   582  N  N   . ALA A 1 89  ? 2.679   -17.075 -7.032  1.00 17.80 ? 67  ALA A N   1 
ATOM   583  C  CA  . ALA A 1 89  ? 2.180   -16.309 -5.889  1.00 18.96 ? 67  ALA A CA  1 
ATOM   584  C  C   . ALA A 1 89  ? 2.164   -17.208 -4.651  1.00 21.03 ? 67  ALA A C   1 
ATOM   585  O  O   . ALA A 1 89  ? 1.885   -18.398 -4.750  1.00 19.54 ? 67  ALA A O   1 
ATOM   586  C  CB  . ALA A 1 89  ? 0.789   -15.782 -6.162  1.00 18.94 ? 67  ALA A CB  1 
ATOM   587  N  N   . LEU A 1 90  ? 2.473   -16.619 -3.500  1.00 23.91 ? 68  LEU A N   1 
ATOM   588  C  CA  . LEU A 1 90  ? 2.562   -17.323 -2.224  1.00 27.77 ? 68  LEU A CA  1 
ATOM   589  C  C   . LEU A 1 90  ? 1.411   -18.317 -2.050  1.00 28.93 ? 68  LEU A C   1 
ATOM   590  O  O   . LEU A 1 90  ? 0.254   -17.969 -2.232  1.00 27.38 ? 68  LEU A O   1 
ATOM   591  C  CB  . LEU A 1 90  ? 2.581   -16.300 -1.079  1.00 30.11 ? 68  LEU A CB  1 
ATOM   592  C  CG  . LEU A 1 90  ? 3.279   -16.629 0.248   1.00 33.82 ? 68  LEU A CG  1 
ATOM   593  C  CD1 . LEU A 1 90  ? 4.716   -17.092 0.048   1.00 34.66 ? 68  LEU A CD1 1 
ATOM   594  C  CD2 . LEU A 1 90  ? 3.231   -15.404 1.158   1.00 34.40 ? 68  LEU A CD2 1 
ATOM   595  N  N   . ALA A 1 91  ? 1.736   -19.563 -1.720  1.00 32.13 ? 69  ALA A N   1 
ATOM   596  C  CA  . ALA A 1 91  ? 0.718   -20.610 -1.598  1.00 35.12 ? 69  ALA A CA  1 
ATOM   597  C  C   . ALA A 1 91  ? -0.222  -20.359 -0.411  1.00 37.64 ? 69  ALA A C   1 
ATOM   598  O  O   . ALA A 1 91  ? -1.429  -20.572 -0.512  1.00 38.71 ? 69  ALA A O   1 
ATOM   599  C  CB  . ALA A 1 91  ? 1.387   -21.974 -1.473  1.00 36.71 ? 69  ALA A CB  1 
ATOM   600  N  N   . GLU A 1 92  ? 0.336   -19.883 0.699   1.00 38.49 ? 70  GLU A N   1 
ATOM   601  C  CA  . GLU A 1 92  ? -0.417  -19.701 1.939   1.00 42.18 ? 70  GLU A CA  1 
ATOM   602  C  C   . GLU A 1 92  ? -0.146  -18.351 2.587   1.00 40.10 ? 70  GLU A C   1 
ATOM   603  O  O   . GLU A 1 92  ? 0.809   -17.678 2.229   1.00 38.44 ? 70  GLU A O   1 
ATOM   604  C  CB  . GLU A 1 92  ? -0.024  -20.798 2.927   1.00 44.27 ? 70  GLU A CB  1 
ATOM   605  C  CG  . GLU A 1 92  ? -0.201  -22.205 2.379   1.00 47.69 ? 70  GLU A CG  1 
ATOM   606  C  CD  . GLU A 1 92  ? -0.263  -23.243 3.477   1.00 52.90 ? 70  GLU A CD  1 
ATOM   607  O  OE1 . GLU A 1 92  ? 0.474   -23.095 4.481   1.00 55.31 ? 70  GLU A OE1 1 
ATOM   608  O  OE2 . GLU A 1 92  ? -1.052  -24.200 3.340   1.00 56.81 ? 70  GLU A OE2 1 
ATOM   609  N  N   . GLU A 1 93  ? -0.972  -17.988 3.568   1.00 40.87 ? 71  GLU A N   1 
ATOM   610  C  CA  . GLU A 1 93  ? -0.751  -16.776 4.378   1.00 41.48 ? 71  GLU A CA  1 
ATOM   611  C  C   . GLU A 1 93  ? 0.700   -16.681 4.829   1.00 36.83 ? 71  GLU A C   1 
ATOM   612  O  O   . GLU A 1 93  ? 1.240   -17.661 5.323   1.00 33.90 ? 71  GLU A O   1 
ATOM   613  C  CB  . GLU A 1 93  ? -1.644  -16.785 5.615   1.00 44.54 ? 71  GLU A CB  1 
ATOM   614  C  CG  . GLU A 1 93  ? -3.117  -16.548 5.315   1.00 49.65 ? 71  GLU A CG  1 
ATOM   615  C  CD  . GLU A 1 93  ? -3.437  -15.093 5.009   1.00 54.85 ? 71  GLU A CD  1 
ATOM   616  O  OE1 . GLU A 1 93  ? -2.678  -14.193 5.445   1.00 57.37 ? 71  GLU A OE1 1 
ATOM   617  O  OE2 . GLU A 1 93  ? -4.467  -14.855 4.337   1.00 59.27 ? 71  GLU A OE2 1 
ATOM   618  N  N   . PRO A 1 94  ? 1.334   -15.499 4.667   1.00 33.08 ? 72  PRO A N   1 
ATOM   619  C  CA  . PRO A 1 94  ? 2.751   -15.359 5.016   1.00 32.28 ? 72  PRO A CA  1 
ATOM   620  C  C   . PRO A 1 94  ? 3.034   -15.442 6.509   1.00 31.43 ? 72  PRO A C   1 
ATOM   621  O  O   . PRO A 1 94  ? 2.163   -15.142 7.312   1.00 30.95 ? 72  PRO A O   1 
ATOM   622  C  CB  . PRO A 1 94  ? 3.113   -13.963 4.490   1.00 31.60 ? 72  PRO A CB  1 
ATOM   623  C  CG  . PRO A 1 94  ? 1.826   -13.222 4.485   1.00 32.30 ? 72  PRO A CG  1 
ATOM   624  C  CD  . PRO A 1 94  ? 0.768   -14.237 4.155   1.00 32.95 ? 72  PRO A CD  1 
ATOM   625  N  N   . SER A 1 95  ? 4.260   -15.825 6.865   1.00 32.10 ? 73  SER A N   1 
ATOM   626  C  CA  . SER A 1 95  ? 4.664   -15.959 8.272   1.00 32.47 ? 73  SER A CA  1 
ATOM   627  C  C   . SER A 1 95  ? 5.031   -14.617 8.915   1.00 31.22 ? 73  SER A C   1 
ATOM   628  O  O   . SER A 1 95  ? 5.234   -14.541 10.129  1.00 32.06 ? 73  SER A O   1 
ATOM   629  C  CB  . SER A 1 95  ? 5.857   -16.907 8.389   1.00 33.83 ? 73  SER A CB  1 
ATOM   630  O  OG  . SER A 1 95  ? 6.995   -16.347 7.763   1.00 36.63 ? 73  SER A OG  1 
ATOM   631  N  N   . GLY A 1 96  ? 5.134   -13.565 8.102   1.00 26.62 ? 74  GLY A N   1 
ATOM   632  C  CA  . GLY A 1 96  ? 5.348   -12.215 8.607   1.00 23.81 ? 74  GLY A CA  1 
ATOM   633  C  C   . GLY A 1 96  ? 4.868   -11.209 7.571   1.00 22.40 ? 74  GLY A C   1 
ATOM   634  O  O   . GLY A 1 96  ? 4.316   -11.591 6.537   1.00 22.18 ? 74  GLY A O   1 
ATOM   635  N  N   . ARG A 1 97  ? 5.071   -9.925  7.841   1.00 20.71 ? 75  ARG A N   1 
ATOM   636  C  CA  . ARG A 1 97  ? 4.603   -8.891  6.923   1.00 19.31 ? 75  ARG A CA  1 
ATOM   637  C  C   . ARG A 1 97  ? 5.514   -8.803  5.697   1.00 18.72 ? 75  ARG A C   1 
ATOM   638  O  O   . ARG A 1 97  ? 6.758   -8.821  5.806   1.00 18.09 ? 75  ARG A O   1 
ATOM   639  C  CB  . ARG A 1 97  ? 4.523   -7.526  7.618   1.00 18.65 ? 75  ARG A CB  1 
ATOM   640  C  CG  . ARG A 1 97  ? 3.533   -7.451  8.775   1.00 18.60 ? 75  ARG A CG  1 
ATOM   641  C  CD  . ARG A 1 97  ? 2.092   -7.625  8.343   1.00 19.63 ? 75  ARG A CD  1 
ATOM   642  N  NE  . ARG A 1 97  ? 1.667   -9.019  8.391   1.00 20.35 ? 75  ARG A NE  1 
ATOM   643  C  CZ  . ARG A 1 97  ? 0.483   -9.472  8.006   1.00 21.63 ? 75  ARG A CZ  1 
ATOM   644  N  NH1 . ARG A 1 97  ? -0.437  -8.660  7.497   1.00 21.23 ? 75  ARG A NH1 1 
ATOM   645  N  NH2 . ARG A 1 97  ? 0.222   -10.768 8.117   1.00 23.82 ? 75  ARG A NH2 1 
ATOM   646  N  N   . THR A 1 98  ? 4.882   -8.658  4.533   1.00 18.99 ? 76  THR A N   1 
ATOM   647  C  CA  . THR A 1 98  ? 5.585   -8.760  3.250   1.00 17.91 ? 76  THR A CA  1 
ATOM   648  C  C   . THR A 1 98  ? 5.783   -7.466  2.452   1.00 17.53 ? 76  THR A C   1 
ATOM   649  O  O   . THR A 1 98  ? 6.643   -7.419  1.591   1.00 17.33 ? 76  THR A O   1 
ATOM   650  C  CB  . THR A 1 98  ? 4.845   -9.747  2.344   1.00 18.25 ? 76  THR A CB  1 
ATOM   651  O  OG1 . THR A 1 98  ? 3.537   -9.257  2.074   1.00 18.32 ? 76  THR A OG1 1 
ATOM   652  C  CG2 . THR A 1 98  ? 4.738   -11.098 3.009   1.00 19.15 ? 76  THR A CG2 1 
ATOM   653  N  N   . VAL A 1 99  ? 5.000   -6.431  2.744   1.00 16.13 ? 77  VAL A N   1 
ATOM   654  C  CA  . VAL A 1 99  ? 5.038   -5.168  2.013   1.00 16.29 ? 77  VAL A CA  1 
ATOM   655  C  C   . VAL A 1 99  ? 4.339   -4.106  2.858   1.00 16.10 ? 77  VAL A C   1 
ATOM   656  O  O   . VAL A 1 99  ? 3.473   -4.449  3.676   1.00 16.37 ? 77  VAL A O   1 
ATOM   657  C  CB  . VAL A 1 99  ? 4.337   -5.302  0.641   1.00 15.98 ? 77  VAL A CB  1 
ATOM   658  C  CG1 . VAL A 1 99  ? 2.865   -5.700  0.801   1.00 15.85 ? 77  VAL A CG1 1 
ATOM   659  C  CG2 . VAL A 1 99  ? 4.498   -4.017  -0.170  1.00 15.50 ? 77  VAL A CG2 1 
HETATM 660  N  N   . MSE A 1 100 ? 4.711   -2.843  2.676   1.00 16.90 ? 78  MSE A N   1 
HETATM 661  C  CA  . MSE A 1 100 ? 4.111   -1.748  3.444   1.00 17.05 ? 78  MSE A CA  1 
HETATM 662  C  C   . MSE A 1 100 ? 3.425   -0.764  2.534   1.00 16.68 ? 78  MSE A C   1 
HETATM 663  O  O   . MSE A 1 100 ? 4.004   -0.308  1.553   1.00 15.32 ? 78  MSE A O   1 
HETATM 664  C  CB  . MSE A 1 100 ? 5.162   -1.029  4.292   1.00 19.24 ? 78  MSE A CB  1 
HETATM 665  C  CG  . MSE A 1 100 ? 4.503   -0.037  5.261   1.00 21.75 ? 78  MSE A CG  1 
HETATM 666  SE SE  . MSE A 1 100 ? 5.912   0.838   6.327   1.00 31.39 ? 78  MSE A SE  1 
HETATM 667  C  CE  . MSE A 1 100 ? 6.362   2.331   5.119   1.00 26.84 ? 78  MSE A CE  1 
ATOM   668  N  N   . VAL A 1 101 ? 2.180   -0.440  2.872   1.00 15.70 ? 79  VAL A N   1 
ATOM   669  C  CA  . VAL A 1 101 ? 1.403   0.569   2.159   1.00 16.14 ? 79  VAL A CA  1 
ATOM   670  C  C   . VAL A 1 101 ? 1.361   1.807   3.054   1.00 15.92 ? 79  VAL A C   1 
ATOM   671  O  O   . VAL A 1 101 ? 0.866   1.715   4.178   1.00 14.93 ? 79  VAL A O   1 
ATOM   672  C  CB  . VAL A 1 101 ? -0.005  0.018   1.855   1.00 16.71 ? 79  VAL A CB  1 
ATOM   673  C  CG1 . VAL A 1 101 ? -0.837  1.031   1.099   1.00 17.65 ? 79  VAL A CG1 1 
ATOM   674  C  CG2 . VAL A 1 101 ? 0.116   -1.271  1.043   1.00 17.50 ? 79  VAL A CG2 1 
ATOM   675  N  N   . ALA A 1 102 ? 1.872   2.955   2.578   1.00 15.53 ? 80  ALA A N   1 
ATOM   676  C  CA  . ALA A 1 102 ? 1.971   4.153   3.416   1.00 16.13 ? 80  ALA A CA  1 
ATOM   677  C  C   . ALA A 1 102 ? 1.082   5.303   2.933   1.00 17.28 ? 80  ALA A C   1 
ATOM   678  O  O   . ALA A 1 102 ? 0.942   5.558   1.725   1.00 16.08 ? 80  ALA A O   1 
ATOM   679  C  CB  . ALA A 1 102 ? 3.410   4.612   3.539   1.00 15.90 ? 80  ALA A CB  1 
ATOM   680  N  N   . VAL A 1 103 ? 0.495   5.979   3.916   1.00 17.55 ? 81  VAL A N   1 
ATOM   681  C  CA  . VAL A 1 103 ? -0.457  7.043   3.723   1.00 17.60 ? 81  VAL A CA  1 
ATOM   682  C  C   . VAL A 1 103 ? 0.061   8.258   4.485   1.00 18.39 ? 81  VAL A C   1 
ATOM   683  O  O   . VAL A 1 103 ? 0.094   8.248   5.705   1.00 17.75 ? 81  VAL A O   1 
ATOM   684  C  CB  . VAL A 1 103 ? -1.830  6.616   4.280   1.00 17.31 ? 81  VAL A CB  1 
ATOM   685  C  CG1 . VAL A 1 103 ? -2.837  7.747   4.193   1.00 17.86 ? 81  VAL A CG1 1 
ATOM   686  C  CG2 . VAL A 1 103 ? -2.335  5.362   3.582   1.00 17.17 ? 81  VAL A CG2 1 
ATOM   687  N  N   . GLU A 1 104 ? 0.488   9.301   3.776   1.00 18.91 ? 82  GLU A N   1 
ATOM   688  C  CA  . GLU A 1 104 ? 1.024   10.454  4.449   1.00 19.92 ? 82  GLU A CA  1 
ATOM   689  C  C   . GLU A 1 104 ? -0.151  11.344  4.846   1.00 20.62 ? 82  GLU A C   1 
ATOM   690  O  O   . GLU A 1 104 ? -0.972  11.668  4.008   1.00 19.39 ? 82  GLU A O   1 
ATOM   691  C  CB  . GLU A 1 104 ? 1.968   11.255  3.563   1.00 21.17 ? 82  GLU A CB  1 
ATOM   692  C  CG  . GLU A 1 104 ? 2.529   12.462  4.311   1.00 22.82 ? 82  GLU A CG  1 
ATOM   693  C  CD  . GLU A 1 104 ? 3.583   13.239  3.554   1.00 24.39 ? 82  GLU A CD  1 
ATOM   694  O  OE1 . GLU A 1 104 ? 4.036   12.791  2.470   1.00 23.12 ? 82  GLU A OE1 1 
ATOM   695  O  OE2 . GLU A 1 104 ? 3.954   14.322  4.060   1.00 24.69 ? 82  GLU A OE2 1 
ATOM   696  N  N   . LEU A 1 105 ? -0.213  11.730  6.118   1.00 21.27 ? 83  LEU A N   1 
ATOM   697  C  CA  . LEU A 1 105 ? -1.190  12.726  6.576   1.00 22.11 ? 83  LEU A CA  1 
ATOM   698  C  C   . LEU A 1 105 ? -0.518  14.095  6.752   1.00 22.97 ? 83  LEU A C   1 
ATOM   699  O  O   . LEU A 1 105 ? 0.704   14.203  6.725   1.00 23.60 ? 83  LEU A O   1 
ATOM   700  C  CB  . LEU A 1 105 ? -1.841  12.262  7.873   1.00 22.76 ? 83  LEU A CB  1 
ATOM   701  C  CG  . LEU A 1 105 ? -2.593  10.923  7.837   1.00 22.61 ? 83  LEU A CG  1 
ATOM   702  C  CD1 . LEU A 1 105 ? -3.424  10.763  9.092   1.00 22.26 ? 83  LEU A CD1 1 
ATOM   703  C  CD2 . LEU A 1 105 ? -3.489  10.775  6.608   1.00 23.59 ? 83  LEU A CD2 1 
ATOM   704  N  N   . SER A 1 106 ? -1.330  15.132  6.944   1.00 25.30 ? 84  SER A N   1 
ATOM   705  C  CA  . SER A 1 106 ? -0.847  16.508  6.913   1.00 26.69 ? 84  SER A CA  1 
ATOM   706  C  C   . SER A 1 106 ? -0.359  17.072  8.243   1.00 25.76 ? 84  SER A C   1 
ATOM   707  O  O   . SER A 1 106 ? 0.188   18.160  8.258   1.00 25.91 ? 84  SER A O   1 
ATOM   708  C  CB  . SER A 1 106 ? -1.939  17.425  6.363   1.00 27.80 ? 84  SER A CB  1 
ATOM   709  O  OG  . SER A 1 106 ? -2.338  16.976  5.089   1.00 32.36 ? 84  SER A OG  1 
ATOM   710  N  N   . SER A 1 107 ? -0.564  16.361  9.350   1.00 24.33 ? 85  SER A N   1 
ATOM   711  C  CA  . SER A 1 107 ? -0.023  16.807  10.632  1.00 24.20 ? 85  SER A CA  1 
ATOM   712  C  C   . SER A 1 107 ? 0.018   15.658  11.636  1.00 22.16 ? 85  SER A C   1 
ATOM   713  O  O   . SER A 1 107 ? -0.804  14.757  11.553  1.00 21.49 ? 85  SER A O   1 
ATOM   714  C  CB  . SER A 1 107 ? -0.867  17.948  11.216  1.00 24.74 ? 85  SER A CB  1 
ATOM   715  O  OG  . SER A 1 107 ? -1.764  17.460  12.200  1.00 25.50 ? 85  SER A OG  1 
ATOM   716  N  N   . PRO A 1 108 ? 0.953   15.710  12.597  1.00 23.08 ? 86  PRO A N   1 
ATOM   717  C  CA  . PRO A 1 108 ? 1.068   14.692  13.656  1.00 23.21 ? 86  PRO A CA  1 
ATOM   718  C  C   . PRO A 1 108 ? -0.195  14.488  14.458  1.00 23.56 ? 86  PRO A C   1 
ATOM   719  O  O   . PRO A 1 108 ? -0.509  13.374  14.853  1.00 23.50 ? 86  PRO A O   1 
ATOM   720  C  CB  . PRO A 1 108 ? 2.189   15.240  14.542  1.00 23.88 ? 86  PRO A CB  1 
ATOM   721  C  CG  . PRO A 1 108 ? 3.040   15.998  13.599  1.00 23.64 ? 86  PRO A CG  1 
ATOM   722  C  CD  . PRO A 1 108 ? 2.103   16.628  12.611  1.00 23.13 ? 86  PRO A CD  1 
ATOM   723  N  N   . VAL A 1 109 ? -0.958  15.554  14.658  1.00 22.94 ? 87  VAL A N   1 
ATOM   724  C  CA  . VAL A 1 109 ? -2.152  15.474  15.456  1.00 21.94 ? 87  VAL A CA  1 
ATOM   725  C  C   . VAL A 1 109 ? -3.274  14.737  14.709  1.00 21.24 ? 87  VAL A C   1 
ATOM   726  O  O   . VAL A 1 109 ? -4.120  14.083  15.325  1.00 20.24 ? 87  VAL A O   1 
ATOM   727  C  CB  . VAL A 1 109 ? -2.520  16.898  15.954  1.00 25.01 ? 87  VAL A CB  1 
ATOM   728  C  CG1 . VAL A 1 109 ? -3.965  17.230  15.696  1.00 26.11 ? 87  VAL A CG1 1 
ATOM   729  C  CG2 . VAL A 1 109 ? -2.148  17.030  17.424  1.00 25.63 ? 87  VAL A CG2 1 
ATOM   730  N  N   . GLU A 1 110 ? -3.259  14.817  13.379  1.00 20.54 ? 88  GLU A N   1 
ATOM   731  C  CA  . GLU A 1 110 ? -4.182  14.043  12.570  1.00 20.97 ? 88  GLU A CA  1 
ATOM   732  C  C   . GLU A 1 110 ? -3.964  12.515  12.697  1.00 20.10 ? 88  GLU A C   1 
ATOM   733  O  O   . GLU A 1 110 ? -4.930  11.720  12.530  1.00 19.27 ? 88  GLU A O   1 
ATOM   734  C  CB  . GLU A 1 110 ? -4.107  14.459  11.082  1.00 21.33 ? 88  GLU A CB  1 
ATOM   735  C  CG  . GLU A 1 110 ? -5.275  13.906  10.271  1.00 22.64 ? 88  GLU A CG  1 
ATOM   736  C  CD  . GLU A 1 110 ? -5.232  14.300  8.797   1.00 23.69 ? 88  GLU A CD  1 
ATOM   737  O  OE1 . GLU A 1 110 ? -4.406  15.154  8.411   1.00 22.54 ? 88  GLU A OE1 1 
ATOM   738  O  OE2 . GLU A 1 110 ? -6.053  13.748  8.040   1.00 27.50 ? 88  GLU A OE2 1 
ATOM   739  N  N   . ILE A 1 111 ? -2.728  12.123  12.978  1.00 19.00 ? 89  ILE A N   1 
ATOM   740  C  CA  . ILE A 1 111 ? -2.389  10.704  13.223  1.00 20.92 ? 89  ILE A CA  1 
ATOM   741  C  C   . ILE A 1 111 ? -3.215  10.155  14.400  1.00 21.21 ? 89  ILE A C   1 
ATOM   742  O  O   . ILE A 1 111 ? -3.886  9.133   14.277  1.00 22.41 ? 89  ILE A O   1 
ATOM   743  C  CB  . ILE A 1 111 ? -0.872  10.523  13.462  1.00 20.94 ? 89  ILE A CB  1 
ATOM   744  C  CG1 . ILE A 1 111 ? -0.079  10.919  12.215  1.00 21.91 ? 89  ILE A CG1 1 
ATOM   745  C  CG2 . ILE A 1 111 ? -0.529  9.091   13.881  1.00 22.19 ? 89  ILE A CG2 1 
ATOM   746  C  CD1 . ILE A 1 111 ? -0.300  10.039  10.987  1.00 22.10 ? 89  ILE A CD1 1 
ATOM   747  N  N   . ASP A 1 112 ? -3.236  10.881  15.512  1.00 22.29 ? 90  ASP A N   1 
ATOM   748  C  CA  . ASP A 1 112 ? -3.984  10.423  16.684  1.00 23.01 ? 90  ASP A CA  1 
ATOM   749  C  C   . ASP A 1 112 ? -5.476  10.357  16.408  1.00 21.61 ? 90  ASP A C   1 
ATOM   750  O  O   . ASP A 1 112 ? -6.145  9.458   16.880  1.00 21.47 ? 90  ASP A O   1 
ATOM   751  C  CB  . ASP A 1 112 ? -3.686  11.303  17.899  1.00 24.71 ? 90  ASP A CB  1 
ATOM   752  C  CG  . ASP A 1 112 ? -2.223  11.282  18.282  1.00 26.92 ? 90  ASP A CG  1 
ATOM   753  O  OD1 . ASP A 1 112 ? -1.405  11.899  17.571  1.00 30.01 ? 90  ASP A OD1 1 
ATOM   754  O  OD2 . ASP A 1 112 ? -1.867  10.650  19.306  1.00 30.57 ? 90  ASP A OD2 1 
ATOM   755  N  N   . THR A 1 113 ? -6.004  11.299  15.622  1.00 21.51 ? 91  THR A N   1 
ATOM   756  C  CA  . THR A 1 113 ? -7.401  11.264  15.223  1.00 21.32 ? 91  THR A CA  1 
ATOM   757  C  C   . THR A 1 113 ? -7.714  10.054  14.354  1.00 20.87 ? 91  THR A C   1 
ATOM   758  O  O   . THR A 1 113 ? -8.718  9.359   14.558  1.00 21.75 ? 91  THR A O   1 
ATOM   759  C  CB  . THR A 1 113 ? -7.791  12.548  14.433  1.00 22.95 ? 91  THR A CB  1 
ATOM   760  O  OG1 . THR A 1 113 ? -7.681  13.679  15.298  1.00 23.38 ? 91  THR A OG1 1 
ATOM   761  C  CG2 . THR A 1 113 ? -9.198  12.467  13.960  1.00 24.74 ? 91  THR A CG2 1 
ATOM   762  N  N   . ALA A 1 114 ? -6.875  9.811   13.356  1.00 19.51 ? 92  ALA A N   1 
ATOM   763  C  CA  . ALA A 1 114 ? -7.073  8.647   12.481  1.00 19.12 ? 92  ALA A CA  1 
ATOM   764  C  C   . ALA A 1 114 ? -7.030  7.340   13.289  1.00 18.60 ? 92  ALA A C   1 
ATOM   765  O  O   . ALA A 1 114 ? -7.850  6.449   13.080  1.00 18.74 ? 92  ALA A O   1 
ATOM   766  C  CB  . ALA A 1 114 ? -6.016  8.633   11.382  1.00 19.14 ? 92  ALA A CB  1 
ATOM   767  N  N   . TYR A 1 115 ? -6.077  7.253   14.208  1.00 19.49 ? 93  TYR A N   1 
ATOM   768  C  CA  . TYR A 1 115 ? -5.923  6.099   15.106  1.00 20.05 ? 93  TYR A CA  1 
ATOM   769  C  C   . TYR A 1 115 ? -7.232  5.777   15.839  1.00 21.68 ? 93  TYR A C   1 
ATOM   770  O  O   . TYR A 1 115 ? -7.733  4.641   15.800  1.00 20.36 ? 93  TYR A O   1 
ATOM   771  C  CB  . TYR A 1 115 ? -4.788  6.385   16.089  1.00 20.81 ? 93  TYR A CB  1 
ATOM   772  C  CG  . TYR A 1 115 ? -4.644  5.388   17.212  1.00 21.57 ? 93  TYR A CG  1 
ATOM   773  C  CD1 . TYR A 1 115 ? -4.143  4.112   16.972  1.00 22.58 ? 93  TYR A CD1 1 
ATOM   774  C  CD2 . TYR A 1 115 ? -5.016  5.712   18.525  1.00 22.53 ? 93  TYR A CD2 1 
ATOM   775  C  CE1 . TYR A 1 115 ? -4.000  3.190   17.994  1.00 23.07 ? 93  TYR A CE1 1 
ATOM   776  C  CE2 . TYR A 1 115 ? -4.869  4.789   19.561  1.00 23.59 ? 93  TYR A CE2 1 
ATOM   777  C  CZ  . TYR A 1 115 ? -4.354  3.532   19.292  1.00 24.24 ? 93  TYR A CZ  1 
ATOM   778  O  OH  . TYR A 1 115 ? -4.211  2.588   20.296  1.00 24.12 ? 93  TYR A OH  1 
ATOM   779  N  N   . GLU A 1 116 ? -7.832  6.790   16.465  1.00 23.15 ? 94  GLU A N   1 
ATOM   780  C  CA  . GLU A 1 116 ? -9.084  6.563   17.191  1.00 24.16 ? 94  GLU A CA  1 
ATOM   781  C  C   . GLU A 1 116 ? -10.243 6.152   16.270  1.00 23.35 ? 94  GLU A C   1 
ATOM   782  O  O   . GLU A 1 116 ? -11.001 5.248   16.615  1.00 23.89 ? 94  GLU A O   1 
ATOM   783  C  CB  . GLU A 1 116 ? -9.454  7.787   18.053  1.00 26.72 ? 94  GLU A CB  1 
ATOM   784  C  CG  . GLU A 1 116 ? -8.417  8.153   19.110  1.00 28.83 ? 94  GLU A CG  1 
ATOM   785  C  CD  . GLU A 1 116 ? -8.161  7.064   20.164  1.00 31.66 ? 94  GLU A CD  1 
ATOM   786  O  OE1 . GLU A 1 116 ? -8.913  6.070   20.223  1.00 34.55 ? 94  GLU A OE1 1 
ATOM   787  O  OE2 . GLU A 1 116 ? -7.195  7.208   20.952  1.00 33.05 ? 94  GLU A OE2 1 
ATOM   788  N  N   . ARG A 1 117 ? -10.362 6.764   15.087  1.00 23.50 ? 95  ARG A N   1 
ATOM   789  C  CA  . ARG A 1 117 ? -11.436 6.414   14.156  1.00 25.71 ? 95  ARG A CA  1 
ATOM   790  C  C   . ARG A 1 117 ? -11.250 4.985   13.648  1.00 23.03 ? 95  ARG A C   1 
ATOM   791  O  O   . ARG A 1 117 ? -12.196 4.199   13.598  1.00 22.48 ? 95  ARG A O   1 
ATOM   792  C  CB  . ARG A 1 117 ? -11.492 7.386   12.956  1.00 29.95 ? 95  ARG A CB  1 
ATOM   793  C  CG  . ARG A 1 117 ? -11.894 8.810   13.325  1.00 36.05 ? 95  ARG A CG  1 
ATOM   794  C  CD  . ARG A 1 117 ? -12.050 9.740   12.119  1.00 40.41 ? 95  ARG A CD  1 
ATOM   795  N  NE  . ARG A 1 117 ? -12.456 11.103  12.519  1.00 47.31 ? 95  ARG A NE  1 
ATOM   796  C  CZ  . ARG A 1 117 ? -13.706 11.587  12.515  1.00 49.61 ? 95  ARG A CZ  1 
ATOM   797  N  NH1 . ARG A 1 117 ? -14.744 10.844  12.124  1.00 50.55 ? 95  ARG A NH1 1 
ATOM   798  N  NH2 . ARG A 1 117 ? -13.927 12.843  12.901  1.00 49.66 ? 95  ARG A NH2 1 
ATOM   799  N  N   . LEU A 1 118 ? -10.017 4.645   13.289  1.00 20.66 ? 96  LEU A N   1 
ATOM   800  C  CA  . LEU A 1 118 ? -9.734  3.313   12.744  1.00 20.91 ? 96  LEU A CA  1 
ATOM   801  C  C   . LEU A 1 118 ? -9.895  2.237   13.816  1.00 21.38 ? 96  LEU A C   1 
ATOM   802  O  O   . LEU A 1 118 ? -10.471 1.177   13.574  1.00 20.27 ? 96  LEU A O   1 
ATOM   803  C  CB  . LEU A 1 118 ? -8.327  3.276   12.142  1.00 21.39 ? 96  LEU A CB  1 
ATOM   804  C  CG  . LEU A 1 118 ? -8.177  3.990   10.790  1.00 22.25 ? 96  LEU A CG  1 
ATOM   805  C  CD1 . LEU A 1 118 ? -6.717  4.069   10.390  1.00 22.94 ? 96  LEU A CD1 1 
ATOM   806  C  CD2 . LEU A 1 118 ? -8.968  3.266   9.712   1.00 23.49 ? 96  LEU A CD2 1 
ATOM   807  N  N   . ARG A 1 119 ? -9.401  2.531   15.007  1.00 23.22 ? 97  ARG A N   1 
ATOM   808  C  CA  . ARG A 1 119 ? -9.498  1.591   16.114  1.00 25.64 ? 97  ARG A CA  1 
ATOM   809  C  C   . ARG A 1 119 ? -10.953 1.299   16.434  1.00 25.56 ? 97  ARG A C   1 
ATOM   810  O  O   . ARG A 1 119 ? -11.317 0.155   16.692  1.00 25.33 ? 97  ARG A O   1 
ATOM   811  C  CB  . ARG A 1 119 ? -8.777  2.153   17.337  1.00 28.49 ? 97  ARG A CB  1 
ATOM   812  C  CG  . ARG A 1 119 ? -8.660  1.157   18.461  1.00 33.02 ? 97  ARG A CG  1 
ATOM   813  C  CD  . ARG A 1 119 ? -7.539  1.557   19.394  1.00 36.44 ? 97  ARG A CD  1 
ATOM   814  N  NE  . ARG A 1 119 ? -7.821  1.127   20.759  1.00 42.28 ? 97  ARG A NE  1 
ATOM   815  C  CZ  . ARG A 1 119 ? -8.051  1.939   21.792  1.00 44.34 ? 97  ARG A CZ  1 
ATOM   816  N  NH1 . ARG A 1 119 ? -8.035  3.265   21.657  1.00 46.83 ? 97  ARG A NH1 1 
ATOM   817  N  NH2 . ARG A 1 119 ? -8.294  1.411   22.984  1.00 48.67 ? 97  ARG A NH2 1 
ATOM   818  N  N   . ALA A 1 120 ? -11.787 2.334   16.374  1.00 25.89 ? 98  ALA A N   1 
ATOM   819  C  CA  . ALA A 1 120 ? -13.238 2.193   16.573  1.00 26.94 ? 98  ALA A CA  1 
ATOM   820  C  C   . ALA A 1 120 ? -13.901 1.302   15.518  1.00 28.00 ? 98  ALA A C   1 
ATOM   821  O  O   . ALA A 1 120 ? -14.946 0.699   15.775  1.00 26.15 ? 98  ALA A O   1 
ATOM   822  C  CB  . ALA A 1 120 ? -13.898 3.575   16.603  1.00 27.52 ? 98  ALA A CB  1 
ATOM   823  N  N   . ARG A 1 121 ? -13.299 1.200   14.335  1.00 28.50 ? 99  ARG A N   1 
ATOM   824  C  CA  . ARG A 1 121 ? -13.832 0.322   13.293  1.00 29.47 ? 99  ARG A CA  1 
ATOM   825  C  C   . ARG A 1 121 ? -13.248 -1.083  13.335  1.00 27.63 ? 99  ARG A C   1 
ATOM   826  O  O   . ARG A 1 121 ? -13.558 -1.894  12.470  1.00 26.92 ? 99  ARG A O   1 
ATOM   827  C  CB  . ARG A 1 121 ? -13.604 0.923   11.902  1.00 31.13 ? 99  ARG A CB  1 
ATOM   828  C  CG  . ARG A 1 121 ? -14.317 2.243   11.674  1.00 34.65 ? 99  ARG A CG  1 
ATOM   829  C  CD  . ARG A 1 121 ? -14.284 2.662   10.206  1.00 37.73 ? 99  ARG A CD  1 
ATOM   830  N  NE  . ARG A 1 121 ? -14.281 4.124   10.083  1.00 41.21 ? 99  ARG A NE  1 
ATOM   831  C  CZ  . ARG A 1 121 ? -13.280 4.869   9.604   1.00 42.17 ? 99  ARG A CZ  1 
ATOM   832  N  NH1 . ARG A 1 121 ? -12.156 4.317   9.139   1.00 43.02 ? 99  ARG A NH1 1 
ATOM   833  N  NH2 . ARG A 1 121 ? -13.415 6.196   9.563   1.00 42.79 ? 99  ARG A NH2 1 
ATOM   834  N  N   . GLY A 1 122 ? -12.401 -1.379  14.314  1.00 26.68 ? 100 GLY A N   1 
ATOM   835  C  CA  . GLY A 1 122 ? -11.846 -2.720  14.453  1.00 26.00 ? 100 GLY A CA  1 
ATOM   836  C  C   . GLY A 1 122 ? -10.461 -2.918  13.863  1.00 25.79 ? 100 GLY A C   1 
ATOM   837  O  O   . GLY A 1 122 ? -9.997  -4.054  13.788  1.00 25.21 ? 100 GLY A O   1 
ATOM   838  N  N   . ILE A 1 123 ? -9.795  -1.836  13.448  1.00 23.64 ? 101 ILE A N   1 
ATOM   839  C  CA  . ILE A 1 123 ? -8.401  -1.922  13.025  1.00 22.82 ? 101 ILE A CA  1 
ATOM   840  C  C   . ILE A 1 123 ? -7.551  -2.151  14.269  1.00 23.34 ? 101 ILE A C   1 
ATOM   841  O  O   . ILE A 1 123 ? -7.757  -1.499  15.296  1.00 22.79 ? 101 ILE A O   1 
ATOM   842  C  CB  . ILE A 1 123 ? -7.928  -0.649  12.294  1.00 21.93 ? 101 ILE A CB  1 
ATOM   843  C  CG1 . ILE A 1 123 ? -8.656  -0.488  10.955  1.00 22.75 ? 101 ILE A CG1 1 
ATOM   844  C  CG2 . ILE A 1 123 ? -6.424  -0.665  12.060  1.00 22.38 ? 101 ILE A CG2 1 
ATOM   845  C  CD1 . ILE A 1 123 ? -8.347  -1.556  9.918   1.00 22.68 ? 101 ILE A CD1 1 
ATOM   846  N  N   . GLU A 1 124 ? -6.615  -3.090  14.169  1.00 24.15 ? 102 GLU A N   1 
ATOM   847  C  CA  . GLU A 1 124 ? -5.729  -3.453  15.276  1.00 24.94 ? 102 GLU A CA  1 
ATOM   848  C  C   . GLU A 1 124 ? -4.348  -2.940  14.983  1.00 24.56 ? 102 GLU A C   1 
ATOM   849  O  O   . GLU A 1 124 ? -3.749  -3.306  13.976  1.00 26.25 ? 102 GLU A O   1 
ATOM   850  C  CB  . GLU A 1 124 ? -5.680  -4.973  15.440  1.00 26.15 ? 102 GLU A CB  1 
ATOM   851  C  CG  . GLU A 1 124 ? -7.038  -5.584  15.705  1.00 28.70 ? 102 GLU A CG  1 
ATOM   852  C  CD  . GLU A 1 124 ? -6.980  -7.079  15.973  1.00 32.43 ? 102 GLU A CD  1 
ATOM   853  O  OE1 . GLU A 1 124 ? -5.867  -7.641  16.016  1.00 35.81 ? 102 GLU A OE1 1 
ATOM   854  O  OE2 . GLU A 1 124 ? -8.056  -7.685  16.174  1.00 35.79 ? 102 GLU A OE2 1 
ATOM   855  N  N   . PHE A 1 125 ? -3.825  -2.103  15.865  1.00 22.03 ? 103 PHE A N   1 
ATOM   856  C  CA  . PHE A 1 125 ? -2.556  -1.462  15.632  1.00 20.64 ? 103 PHE A CA  1 
ATOM   857  C  C   . PHE A 1 125 ? -1.440  -2.159  16.382  1.00 21.33 ? 103 PHE A C   1 
ATOM   858  O  O   . PHE A 1 125 ? -1.659  -2.701  17.471  1.00 21.00 ? 103 PHE A O   1 
ATOM   859  C  CB  . PHE A 1 125 ? -2.640  -0.008  16.077  1.00 20.52 ? 103 PHE A CB  1 
ATOM   860  C  CG  . PHE A 1 125 ? -3.477  0.837   15.182  1.00 19.69 ? 103 PHE A CG  1 
ATOM   861  C  CD1 . PHE A 1 125 ? -4.840  0.974   15.398  1.00 19.23 ? 103 PHE A CD1 1 
ATOM   862  C  CD2 . PHE A 1 125 ? -2.896  1.489   14.098  1.00 20.26 ? 103 PHE A CD2 1 
ATOM   863  C  CE1 . PHE A 1 125 ? -5.613  1.747   14.546  1.00 19.33 ? 103 PHE A CE1 1 
ATOM   864  C  CE2 . PHE A 1 125 ? -3.662  2.274   13.259  1.00 19.31 ? 103 PHE A CE2 1 
ATOM   865  C  CZ  . PHE A 1 125 ? -5.016  2.403   13.481  1.00 19.67 ? 103 PHE A CZ  1 
ATOM   866  N  N   . TYR A 1 126 ? -0.238  -2.126  15.820  1.00 19.98 ? 104 TYR A N   1 
ATOM   867  C  CA  . TYR A 1 126 ? 0.916   -2.691  16.518  1.00 19.74 ? 104 TYR A CA  1 
ATOM   868  C  C   . TYR A 1 126 ? 1.314   -1.908  17.768  1.00 20.83 ? 104 TYR A C   1 
ATOM   869  O  O   . TYR A 1 126 ? 1.895   -2.475  18.686  1.00 20.60 ? 104 TYR A O   1 
ATOM   870  C  CB  . TYR A 1 126 ? 2.102   -2.787  15.584  1.00 19.06 ? 104 TYR A CB  1 
ATOM   871  C  CG  . TYR A 1 126 ? 1.900   -3.810  14.495  1.00 18.48 ? 104 TYR A CG  1 
ATOM   872  C  CD1 . TYR A 1 126 ? 2.069   -5.173  14.757  1.00 19.33 ? 104 TYR A CD1 1 
ATOM   873  C  CD2 . TYR A 1 126 ? 1.533   -3.430  13.215  1.00 18.65 ? 104 TYR A CD2 1 
ATOM   874  C  CE1 . TYR A 1 126 ? 1.893   -6.123  13.769  1.00 18.67 ? 104 TYR A CE1 1 
ATOM   875  C  CE2 . TYR A 1 126 ? 1.363   -4.372  12.211  1.00 18.45 ? 104 TYR A CE2 1 
ATOM   876  C  CZ  . TYR A 1 126 ? 1.558   -5.721  12.496  1.00 19.12 ? 104 TYR A CZ  1 
ATOM   877  O  OH  . TYR A 1 126 ? 1.390   -6.676  11.522  1.00 19.82 ? 104 TYR A OH  1 
ATOM   878  N  N   . SER A 1 127 ? 1.033   -0.605  17.774  1.00 21.08 ? 105 SER A N   1 
ATOM   879  C  CA  . SER A 1 127 ? 1.315   0.271   18.915  1.00 22.71 ? 105 SER A CA  1 
ATOM   880  C  C   . SER A 1 127 ? 0.429   1.487   18.784  1.00 22.41 ? 105 SER A C   1 
ATOM   881  O  O   . SER A 1 127 ? -0.007  1.807   17.663  1.00 21.62 ? 105 SER A O   1 
ATOM   882  C  CB  . SER A 1 127 ? 2.755   0.790   18.913  1.00 24.05 ? 105 SER A CB  1 
ATOM   883  O  OG  . SER A 1 127 ? 3.690   -0.237  18.698  1.00 28.74 ? 105 SER A OG  1 
ATOM   884  N  N   . PRO A 1 128 ? 0.172   2.188   19.910  1.00 21.71 ? 106 PRO A N   1 
ATOM   885  C  CA  . PRO A 1 128 ? -0.481  3.490   19.765  1.00 21.53 ? 106 PRO A CA  1 
ATOM   886  C  C   . PRO A 1 128 ? 0.419   4.469   19.045  1.00 20.31 ? 106 PRO A C   1 
ATOM   887  O  O   . PRO A 1 128 ? 1.618   4.214   18.892  1.00 18.51 ? 106 PRO A O   1 
ATOM   888  C  CB  . PRO A 1 128 ? -0.685  3.959   21.224  1.00 21.67 ? 106 PRO A CB  1 
ATOM   889  C  CG  . PRO A 1 128 ? -0.644  2.707   22.033  1.00 22.11 ? 106 PRO A CG  1 
ATOM   890  C  CD  . PRO A 1 128 ? 0.359   1.826   21.327  1.00 22.02 ? 106 PRO A CD  1 
ATOM   891  N  N   . PRO A 1 129 ? -0.137  5.634   18.651  1.00 20.48 ? 107 PRO A N   1 
ATOM   892  C  CA  . PRO A 1 129 ? 0.654   6.666   18.013  1.00 20.66 ? 107 PRO A CA  1 
ATOM   893  C  C   . PRO A 1 129 ? 1.954   6.934   18.760  1.00 21.18 ? 107 PRO A C   1 
ATOM   894  O  O   . PRO A 1 129 ? 1.964   6.946   19.996  1.00 21.34 ? 107 PRO A O   1 
ATOM   895  C  CB  . PRO A 1 129 ? -0.267  7.889   18.070  1.00 20.25 ? 107 PRO A CB  1 
ATOM   896  C  CG  . PRO A 1 129 ? -1.637  7.319   17.999  1.00 20.36 ? 107 PRO A CG  1 
ATOM   897  C  CD  . PRO A 1 129 ? -1.561  6.000   18.739  1.00 20.51 ? 107 PRO A CD  1 
ATOM   898  N  N   . ALA A 1 130 ? 3.042   7.114   18.022  1.00 20.90 ? 108 ALA A N   1 
ATOM   899  C  CA  . ALA A 1 130 ? 4.331   7.470   18.627  1.00 21.15 ? 108 ALA A CA  1 
ATOM   900  C  C   . ALA A 1 130 ? 5.182   8.241   17.650  1.00 22.14 ? 108 ALA A C   1 
ATOM   901  O  O   . ALA A 1 130 ? 4.954   8.182   16.437  1.00 21.89 ? 108 ALA A O   1 
ATOM   902  C  CB  . ALA A 1 130 ? 5.073   6.218   19.093  1.00 21.90 ? 108 ALA A CB  1 
ATOM   903  N  N   . ASP A 1 131 ? 6.160   8.964   18.191  1.00 21.69 ? 109 ASP A N   1 
ATOM   904  C  CA  . ASP A 1 131 ? 7.173   9.643   17.402  1.00 23.76 ? 109 ASP A CA  1 
ATOM   905  C  C   . ASP A 1 131 ? 8.355   8.714   17.180  1.00 24.79 ? 109 ASP A C   1 
ATOM   906  O  O   . ASP A 1 131 ? 8.833   8.045   18.112  1.00 24.78 ? 109 ASP A O   1 
ATOM   907  C  CB  . ASP A 1 131 ? 7.627   10.933  18.095  1.00 24.53 ? 109 ASP A CB  1 
ATOM   908  C  CG  . ASP A 1 131 ? 6.501   11.943  18.240  1.00 26.07 ? 109 ASP A CG  1 
ATOM   909  O  OD1 . ASP A 1 131 ? 5.442   11.777  17.582  1.00 27.13 ? 109 ASP A OD1 1 
ATOM   910  O  OD2 . ASP A 1 131 ? 6.676   12.920  18.992  1.00 27.51 ? 109 ASP A OD2 1 
ATOM   911  N  N   . TYR A 1 132 ? 8.822   8.662   15.937  1.00 22.85 ? 110 TYR A N   1 
ATOM   912  C  CA  . TYR A 1 132 ? 9.885   7.752   15.567  1.00 22.36 ? 110 TYR A CA  1 
ATOM   913  C  C   . TYR A 1 132 ? 11.159  8.507   15.234  1.00 23.26 ? 110 TYR A C   1 
ATOM   914  O  O   . TYR A 1 132 ? 11.118  9.704   14.945  1.00 23.86 ? 110 TYR A O   1 
ATOM   915  C  CB  . TYR A 1 132 ? 9.429   6.865   14.397  1.00 21.45 ? 110 TYR A CB  1 
ATOM   916  C  CG  . TYR A 1 132 ? 8.415   5.852   14.867  1.00 20.68 ? 110 TYR A CG  1 
ATOM   917  C  CD1 . TYR A 1 132 ? 8.819   4.587   15.293  1.00 19.89 ? 110 TYR A CD1 1 
ATOM   918  C  CD2 . TYR A 1 132 ? 7.074   6.192   14.982  1.00 19.20 ? 110 TYR A CD2 1 
ATOM   919  C  CE1 . TYR A 1 132 ? 7.907   3.674   15.764  1.00 19.57 ? 110 TYR A CE1 1 
ATOM   920  C  CE2 . TYR A 1 132 ? 6.150   5.281   15.450  1.00 19.25 ? 110 TYR A CE2 1 
ATOM   921  C  CZ  . TYR A 1 132 ? 6.576   4.024   15.839  1.00 18.40 ? 110 TYR A CZ  1 
ATOM   922  O  OH  . TYR A 1 132 ? 5.665   3.137   16.306  1.00 18.02 ? 110 TYR A OH  1 
ATOM   923  N  N   . PRO A 1 133 ? 12.305  7.803   15.253  1.00 24.38 ? 111 PRO A N   1 
ATOM   924  C  CA  . PRO A 1 133 ? 13.597  8.480   15.081  1.00 25.38 ? 111 PRO A CA  1 
ATOM   925  C  C   . PRO A 1 133 ? 13.836  9.076   13.699  1.00 25.86 ? 111 PRO A C   1 
ATOM   926  O  O   . PRO A 1 133 ? 14.819  9.795   13.510  1.00 25.30 ? 111 PRO A O   1 
ATOM   927  C  CB  . PRO A 1 133 ? 14.617  7.375   15.367  1.00 25.73 ? 111 PRO A CB  1 
ATOM   928  C  CG  . PRO A 1 133 ? 13.870  6.096   15.218  1.00 25.88 ? 111 PRO A CG  1 
ATOM   929  C  CD  . PRO A 1 133 ? 12.474  6.391   15.638  1.00 24.52 ? 111 PRO A CD  1 
ATOM   930  N  N   . TRP A 1 134 ? 12.952  8.779   12.745  1.00 24.46 ? 112 TRP A N   1 
ATOM   931  C  CA  . TRP A 1 134 ? 13.034  9.385   11.410  1.00 23.21 ? 112 TRP A CA  1 
ATOM   932  C  C   . TRP A 1 134 ? 12.153  10.637  11.263  1.00 23.41 ? 112 TRP A C   1 
ATOM   933  O  O   . TRP A 1 134 ? 11.814  11.030  10.148  1.00 22.35 ? 112 TRP A O   1 
ATOM   934  C  CB  . TRP A 1 134 ? 12.683  8.358   10.335  1.00 22.18 ? 112 TRP A CB  1 
ATOM   935  C  CG  . TRP A 1 134 ? 11.476  7.552   10.620  1.00 21.14 ? 112 TRP A CG  1 
ATOM   936  C  CD1 . TRP A 1 134 ? 10.192  7.878   10.339  1.00 20.83 ? 112 TRP A CD1 1 
ATOM   937  C  CD2 . TRP A 1 134 ? 11.443  6.255   11.218  1.00 20.37 ? 112 TRP A CD2 1 
ATOM   938  N  NE1 . TRP A 1 134 ? 9.345   6.867   10.734  1.00 21.03 ? 112 TRP A NE1 1 
ATOM   939  C  CE2 . TRP A 1 134 ? 10.093  5.856   11.277  1.00 19.98 ? 112 TRP A CE2 1 
ATOM   940  C  CE3 . TRP A 1 134 ? 12.424  5.395   11.724  1.00 20.33 ? 112 TRP A CE3 1 
ATOM   941  C  CZ2 . TRP A 1 134 ? 9.702   4.643   11.813  1.00 19.80 ? 112 TRP A CZ2 1 
ATOM   942  C  CZ3 . TRP A 1 134 ? 12.031  4.183   12.257  1.00 19.13 ? 112 TRP A CZ3 1 
ATOM   943  C  CH2 . TRP A 1 134 ? 10.683  3.816   12.296  1.00 19.51 ? 112 TRP A CH2 1 
ATOM   944  N  N   . ASN A 1 135 ? 11.790  11.249  12.390  1.00 24.34 ? 113 ASN A N   1 
ATOM   945  C  CA  . ASN A 1 135 ? 11.112  12.556  12.423  1.00 23.97 ? 113 ASN A CA  1 
ATOM   946  C  C   . ASN A 1 135 ? 9.662   12.538  11.922  1.00 23.43 ? 113 ASN A C   1 
ATOM   947  O  O   . ASN A 1 135 ? 9.161   13.528  11.343  1.00 22.19 ? 113 ASN A O   1 
ATOM   948  C  CB  . ASN A 1 135 ? 11.945  13.624  11.682  1.00 25.43 ? 113 ASN A CB  1 
ATOM   949  C  CG  . ASN A 1 135 ? 11.682  15.025  12.208  1.00 26.63 ? 113 ASN A CG  1 
ATOM   950  O  OD1 . ASN A 1 135 ? 11.414  15.978  11.449  1.00 28.39 ? 113 ASN A OD1 1 
ATOM   951  N  ND2 . ASN A 1 135 ? 11.714  15.148  13.510  1.00 25.26 ? 113 ASN A ND2 1 
ATOM   952  N  N   . ALA A 1 136 ? 8.984   11.424  12.199  1.00 21.83 ? 114 ALA A N   1 
ATOM   953  C  CA  . ALA A 1 136 ? 7.570   11.256  11.883  1.00 20.55 ? 114 ALA A CA  1 
ATOM   954  C  C   . ALA A 1 136 ? 6.813   10.673  13.051  1.00 20.30 ? 114 ALA A C   1 
ATOM   955  O  O   . ALA A 1 136 ? 7.369   9.909   13.851  1.00 20.81 ? 114 ALA A O   1 
ATOM   956  C  CB  . ALA A 1 136 ? 7.398   10.366  10.654  1.00 20.51 ? 114 ALA A CB  1 
ATOM   957  N  N   . ARG A 1 137 ? 5.527   11.030  13.137  1.00 20.02 ? 115 ARG A N   1 
ATOM   958  C  CA  . ARG A 1 137 ? 4.601   10.409  14.040  1.00 19.85 ? 115 ARG A CA  1 
ATOM   959  C  C   . ARG A 1 137 ? 3.814   9.392   13.215  1.00 19.82 ? 115 ARG A C   1 
ATOM   960  O  O   . ARG A 1 137 ? 3.215   9.753   12.193  1.00 19.11 ? 115 ARG A O   1 
ATOM   961  C  CB  . ARG A 1 137 ? 3.679   11.457  14.674  1.00 20.75 ? 115 ARG A CB  1 
ATOM   962  C  CG  . ARG A 1 137 ? 2.647   10.888  15.627  1.00 20.99 ? 115 ARG A CG  1 
ATOM   963  C  CD  . ARG A 1 137 ? 2.057   11.975  16.520  1.00 21.35 ? 115 ARG A CD  1 
ATOM   964  N  NE  . ARG A 1 137 ? 1.278   11.442  17.628  1.00 21.27 ? 115 ARG A NE  1 
ATOM   965  C  CZ  . ARG A 1 137 ? 1.772   11.082  18.817  1.00 22.34 ? 115 ARG A CZ  1 
ATOM   966  N  NH1 . ARG A 1 137 ? 3.065   11.161  19.078  1.00 22.70 ? 115 ARG A NH1 1 
ATOM   967  N  NH2 . ARG A 1 137 ? 0.950   10.626  19.762  1.00 22.19 ? 115 ARG A NH2 1 
ATOM   968  N  N   . CYS A 1 138 ? 3.856   8.127   13.642  1.00 18.98 ? 116 CYS A N   1 
ATOM   969  C  CA  . CYS A 1 138 ? 3.351   7.002   12.846  1.00 19.17 ? 116 CYS A CA  1 
ATOM   970  C  C   . CYS A 1 138 ? 2.462   6.050   13.598  1.00 18.94 ? 116 CYS A C   1 
ATOM   971  O  O   . CYS A 1 138 ? 2.581   5.888   14.825  1.00 18.64 ? 116 CYS A O   1 
ATOM   972  C  CB  . CYS A 1 138 ? 4.513   6.174   12.293  1.00 19.38 ? 116 CYS A CB  1 
ATOM   973  S  SG  . CYS A 1 138 ? 5.755   7.137   11.444  1.00 19.73 ? 116 CYS A SG  1 
ATOM   974  N  N   . ILE A 1 139 ? 1.580   5.398   12.840  1.00 18.38 ? 117 ILE A N   1 
ATOM   975  C  CA  . ILE A 1 139 ? 0.834   4.254   13.326  1.00 17.77 ? 117 ILE A CA  1 
ATOM   976  C  C   . ILE A 1 139 ? 0.908   3.144   12.274  1.00 17.36 ? 117 ILE A C   1 
ATOM   977  O  O   . ILE A 1 139 ? 0.988   3.414   11.066  1.00 16.46 ? 117 ILE A O   1 
ATOM   978  C  CB  . ILE A 1 139 ? -0.629  4.599   13.664  1.00 17.41 ? 117 ILE A CB  1 
ATOM   979  C  CG1 . ILE A 1 139 ? -1.329  5.283   12.481  1.00 17.02 ? 117 ILE A CG1 1 
ATOM   980  C  CG2 . ILE A 1 139 ? -0.654  5.492   14.912  1.00 18.13 ? 117 ILE A CG2 1 
ATOM   981  C  CD1 . ILE A 1 139 ? -2.749  5.723   12.770  1.00 16.93 ? 117 ILE A CD1 1 
ATOM   982  N  N   . TYR A 1 140 ? 0.917   1.904   12.750  1.00 16.00 ? 118 TYR A N   1 
ATOM   983  C  CA  . TYR A 1 140 ? 1.053   0.722   11.880  1.00 15.47 ? 118 TYR A CA  1 
ATOM   984  C  C   . TYR A 1 140 ? -0.044  -0.305  12.192  1.00 15.93 ? 118 TYR A C   1 
ATOM   985  O  O   . TYR A 1 140 ? -0.382  -0.506  13.360  1.00 14.94 ? 118 TYR A O   1 
ATOM   986  C  CB  . TYR A 1 140 ? 2.435   0.107   12.084  1.00 15.71 ? 118 TYR A CB  1 
ATOM   987  C  CG  . TYR A 1 140 ? 3.568   1.038   11.752  1.00 15.92 ? 118 TYR A CG  1 
ATOM   988  C  CD1 . TYR A 1 140 ? 4.006   1.185   10.446  1.00 15.98 ? 118 TYR A CD1 1 
ATOM   989  C  CD2 . TYR A 1 140 ? 4.206   1.776   12.743  1.00 16.23 ? 118 TYR A CD2 1 
ATOM   990  C  CE1 . TYR A 1 140 ? 5.046   2.039   10.134  1.00 16.50 ? 118 TYR A CE1 1 
ATOM   991  C  CE2 . TYR A 1 140 ? 5.246   2.628   12.444  1.00 16.51 ? 118 TYR A CE2 1 
ATOM   992  C  CZ  . TYR A 1 140 ? 5.652   2.767   11.139  1.00 17.03 ? 118 TYR A CZ  1 
ATOM   993  O  OH  . TYR A 1 140 ? 6.663   3.624   10.843  1.00 17.94 ? 118 TYR A OH  1 
ATOM   994  N  N   . PHE A 1 141 ? -0.624  -0.921  11.155  1.00 14.77 ? 119 PHE A N   1 
ATOM   995  C  CA  . PHE A 1 141 ? -1.601  -1.982  11.301  1.00 15.74 ? 119 PHE A CA  1 
ATOM   996  C  C   . PHE A 1 141 ? -1.500  -3.010  10.172  1.00 16.54 ? 119 PHE A C   1 
ATOM   997  O  O   . PHE A 1 141 ? -1.209  -2.638  9.029   1.00 16.59 ? 119 PHE A O   1 
ATOM   998  C  CB  . PHE A 1 141 ? -3.049  -1.456  11.430  1.00 15.41 ? 119 PHE A CB  1 
ATOM   999  C  CG  . PHE A 1 141 ? -3.556  -0.662  10.244  1.00 15.90 ? 119 PHE A CG  1 
ATOM   1000 C  CD1 . PHE A 1 141 ? -4.340  -1.268  9.266   1.00 16.21 ? 119 PHE A CD1 1 
ATOM   1001 C  CD2 . PHE A 1 141 ? -3.315  0.698   10.149  1.00 15.90 ? 119 PHE A CD2 1 
ATOM   1002 C  CE1 . PHE A 1 141 ? -4.845  -0.538  8.204   1.00 16.70 ? 119 PHE A CE1 1 
ATOM   1003 C  CE2 . PHE A 1 141 ? -3.822  1.438   9.088   1.00 16.23 ? 119 PHE A CE2 1 
ATOM   1004 C  CZ  . PHE A 1 141 ? -4.586  0.821   8.118   1.00 16.30 ? 119 PHE A CZ  1 
ATOM   1005 N  N   . PRO A 1 142 ? -1.712  -4.302  10.496  1.00 17.79 ? 120 PRO A N   1 
ATOM   1006 C  CA  . PRO A 1 142 ? -1.759  -5.345  9.478   1.00 17.51 ? 120 PRO A CA  1 
ATOM   1007 C  C   . PRO A 1 142 ? -3.056  -5.324  8.671   1.00 17.75 ? 120 PRO A C   1 
ATOM   1008 O  O   . PRO A 1 142 ? -4.121  -4.980  9.193   1.00 17.53 ? 120 PRO A O   1 
ATOM   1009 C  CB  . PRO A 1 142 ? -1.698  -6.635  10.301  1.00 18.05 ? 120 PRO A CB  1 
ATOM   1010 C  CG  . PRO A 1 142 ? -2.404  -6.288  11.567  1.00 17.57 ? 120 PRO A CG  1 
ATOM   1011 C  CD  . PRO A 1 142 ? -2.094  -4.835  11.827  1.00 18.15 ? 120 PRO A CD  1 
ATOM   1012 N  N   . GLY A 1 143 ? -2.956  -5.664  7.392   1.00 17.39 ? 121 GLY A N   1 
ATOM   1013 C  CA  . GLY A 1 143 ? -4.135  -5.964  6.586   1.00 18.60 ? 121 GLY A CA  1 
ATOM   1014 C  C   . GLY A 1 143 ? -4.184  -7.468  6.331   1.00 19.32 ? 121 GLY A C   1 
ATOM   1015 O  O   . GLY A 1 143 ? -3.283  -8.194  6.745   1.00 20.91 ? 121 GLY A O   1 
ATOM   1016 N  N   . PRO A 1 144 ? -5.237  -7.939  5.655   1.00 21.29 ? 122 PRO A N   1 
ATOM   1017 C  CA  . PRO A 1 144 ? -5.466  -9.371  5.448   1.00 22.75 ? 122 PRO A CA  1 
ATOM   1018 C  C   . PRO A 1 144 ? -4.653  -10.027 4.303   1.00 23.90 ? 122 PRO A C   1 
ATOM   1019 O  O   . PRO A 1 144 ? -4.786  -11.235 4.084   1.00 26.10 ? 122 PRO A O   1 
ATOM   1020 C  CB  . PRO A 1 144 ? -6.968  -9.445  5.149   1.00 22.03 ? 122 PRO A CB  1 
ATOM   1021 C  CG  . PRO A 1 144 ? -7.332  -8.098  4.596   1.00 22.00 ? 122 PRO A CG  1 
ATOM   1022 C  CD  . PRO A 1 144 ? -6.378  -7.109  5.210   1.00 21.20 ? 122 PRO A CD  1 
ATOM   1023 N  N   . CYS A 1 145 ? -3.832  -9.263  3.586   1.00 22.97 ? 123 CYS A N   1 
ATOM   1024 C  CA  . CYS A 1 145 ? -3.069  -9.811  2.464   1.00 23.46 ? 123 CYS A CA  1 
ATOM   1025 C  C   . CYS A 1 145 ? -1.561  -9.799  2.706   1.00 23.62 ? 123 CYS A C   1 
ATOM   1026 O  O   . CYS A 1 145 ? -0.764  -9.631  1.763   1.00 23.84 ? 123 CYS A O   1 
ATOM   1027 C  CB  . CYS A 1 145 ? -3.414  -9.038  1.185   1.00 24.36 ? 123 CYS A CB  1 
ATOM   1028 S  SG  . CYS A 1 145 ? -5.126  -9.249  0.664   1.00 25.10 ? 123 CYS A SG  1 
ATOM   1029 N  N   . GLY A 1 146 ? -1.163  -9.990  3.966   1.00 20.97 ? 124 GLY A N   1 
ATOM   1030 C  CA  . GLY A 1 146 ? 0.245   -9.988  4.331   1.00 20.20 ? 124 GLY A CA  1 
ATOM   1031 C  C   . GLY A 1 146 ? 0.869   -8.616  4.437   1.00 18.67 ? 124 GLY A C   1 
ATOM   1032 O  O   . GLY A 1 146 ? 1.992   -8.480  4.892   1.00 18.39 ? 124 GLY A O   1 
ATOM   1033 N  N   . GLU A 1 147 ? 0.166   -7.584  3.987   1.00 18.25 ? 125 GLU A N   1 
ATOM   1034 C  CA  . GLU A 1 147 ? 0.717   -6.249  4.043   1.00 17.10 ? 125 GLU A CA  1 
ATOM   1035 C  C   . GLU A 1 147 ? 0.488   -5.656  5.430   1.00 16.45 ? 125 GLU A C   1 
ATOM   1036 O  O   . GLU A 1 147 ? -0.389  -6.112  6.186   1.00 16.06 ? 125 GLU A O   1 
ATOM   1037 C  CB  . GLU A 1 147 ? 0.076   -5.343  2.983   1.00 17.73 ? 125 GLU A CB  1 
ATOM   1038 C  CG  . GLU A 1 147 ? -1.217  -4.646  3.389   1.00 18.55 ? 125 GLU A CG  1 
ATOM   1039 C  CD  . GLU A 1 147 ? -2.447  -5.541  3.397   1.00 18.85 ? 125 GLU A CD  1 
ATOM   1040 O  OE1 . GLU A 1 147 ? -2.333  -6.787  3.335   1.00 19.60 ? 125 GLU A OE1 1 
ATOM   1041 O  OE2 . GLU A 1 147 ? -3.559  -4.975  3.458   1.00 20.64 ? 125 GLU A OE2 1 
ATOM   1042 N  N   . PHE A 1 148 ? 1.266   -4.629  5.732   1.00 15.72 ? 126 PHE A N   1 
ATOM   1043 C  CA  . PHE A 1 148 ? 0.877   -3.679  6.768   1.00 15.47 ? 126 PHE A CA  1 
ATOM   1044 C  C   . PHE A 1 148 ? 0.783   -2.279  6.203   1.00 15.63 ? 126 PHE A C   1 
ATOM   1045 O  O   . PHE A 1 148 ? 1.384   -1.966  5.168   1.00 15.63 ? 126 PHE A O   1 
ATOM   1046 C  CB  . PHE A 1 148 ? 1.789   -3.727  8.003   1.00 15.09 ? 126 PHE A CB  1 
ATOM   1047 C  CG  . PHE A 1 148 ? 3.211   -3.286  7.788   1.00 15.26 ? 126 PHE A CG  1 
ATOM   1048 C  CD1 . PHE A 1 148 ? 4.107   -4.041  7.028   1.00 15.96 ? 126 PHE A CD1 1 
ATOM   1049 C  CD2 . PHE A 1 148 ? 3.698   -2.159  8.438   1.00 15.89 ? 126 PHE A CD2 1 
ATOM   1050 C  CE1 . PHE A 1 148 ? 5.432   -3.648  6.890   1.00 16.22 ? 126 PHE A CE1 1 
ATOM   1051 C  CE2 . PHE A 1 148 ? 5.011   -1.758  8.292   1.00 15.69 ? 126 PHE A CE2 1 
ATOM   1052 C  CZ  . PHE A 1 148 ? 5.887   -2.507  7.533   1.00 15.99 ? 126 PHE A CZ  1 
ATOM   1053 N  N   . TRP A 1 149 ? 0.022   -1.462  6.913   1.00 15.15 ? 127 TRP A N   1 
ATOM   1054 C  CA  . TRP A 1 149 ? -0.226  -0.061  6.583   1.00 15.64 ? 127 TRP A CA  1 
ATOM   1055 C  C   . TRP A 1 149 ? 0.444   0.855   7.590   1.00 16.07 ? 127 TRP A C   1 
ATOM   1056 O  O   . TRP A 1 149 ? 0.507   0.547   8.792   1.00 16.25 ? 127 TRP A O   1 
ATOM   1057 C  CB  . TRP A 1 149 ? -1.726  0.210   6.596   1.00 15.50 ? 127 TRP A CB  1 
ATOM   1058 C  CG  . TRP A 1 149 ? -2.490  -0.471  5.482   1.00 16.01 ? 127 TRP A CG  1 
ATOM   1059 C  CD1 . TRP A 1 149 ? -2.742  -1.809  5.348   1.00 15.97 ? 127 TRP A CD1 1 
ATOM   1060 C  CD2 . TRP A 1 149 ? -3.121  0.165   4.365   1.00 16.19 ? 127 TRP A CD2 1 
ATOM   1061 N  NE1 . TRP A 1 149 ? -3.479  -2.046  4.209   1.00 16.28 ? 127 TRP A NE1 1 
ATOM   1062 C  CE2 . TRP A 1 149 ? -3.722  -0.852  3.585   1.00 16.84 ? 127 TRP A CE2 1 
ATOM   1063 C  CE3 . TRP A 1 149 ? -3.230  1.497   3.944   1.00 16.05 ? 127 TRP A CE3 1 
ATOM   1064 C  CZ2 . TRP A 1 149 ? -4.429  -0.572  2.401   1.00 16.88 ? 127 TRP A CZ2 1 
ATOM   1065 C  CZ3 . TRP A 1 149 ? -3.916  1.771   2.780   1.00 16.14 ? 127 TRP A CZ3 1 
ATOM   1066 C  CH2 . TRP A 1 149 ? -4.508  0.740   2.018   1.00 16.33 ? 127 TRP A CH2 1 
ATOM   1067 N  N   . GLU A 1 150 ? 0.965   1.964   7.083   1.00 15.92 ? 128 GLU A N   1 
ATOM   1068 C  CA  . GLU A 1 150 ? 1.537   3.013   7.882   1.00 15.65 ? 128 GLU A CA  1 
ATOM   1069 C  C   . GLU A 1 150 ? 0.789   4.301   7.542   1.00 16.33 ? 128 GLU A C   1 
ATOM   1070 O  O   . GLU A 1 150 ? 0.600   4.618   6.371   1.00 15.62 ? 128 GLU A O   1 
ATOM   1071 C  CB  . GLU A 1 150 ? 3.006   3.188   7.563   1.00 16.13 ? 128 GLU A CB  1 
ATOM   1072 C  CG  . GLU A 1 150 ? 3.674   4.342   8.318   1.00 16.37 ? 128 GLU A CG  1 
ATOM   1073 C  CD  . GLU A 1 150 ? 5.001   4.747   7.741   1.00 17.36 ? 128 GLU A CD  1 
ATOM   1074 O  OE1 . GLU A 1 150 ? 5.056   5.083   6.535   1.00 18.57 ? 128 GLU A OE1 1 
ATOM   1075 O  OE2 . GLU A 1 150 ? 5.996   4.771   8.484   1.00 18.44 ? 128 GLU A OE2 1 
ATOM   1076 N  N   . TYR A 1 151 ? 0.311   5.001   8.565   1.00 16.77 ? 129 TYR A N   1 
ATOM   1077 C  CA  . TYR A 1 151 ? -0.114  6.389   8.418   1.00 16.77 ? 129 TYR A CA  1 
ATOM   1078 C  C   . TYR A 1 151 ? 0.977   7.168   9.122   1.00 17.08 ? 129 TYR A C   1 
ATOM   1079 O  O   . TYR A 1 151 ? 1.384   6.810   10.235  1.00 17.03 ? 129 TYR A O   1 
ATOM   1080 C  CB  . TYR A 1 151 ? -1.469  6.658   9.079   1.00 16.97 ? 129 TYR A CB  1 
ATOM   1081 C  CG  . TYR A 1 151 ? -2.707  6.150   8.381   1.00 17.54 ? 129 TYR A CG  1 
ATOM   1082 C  CD1 . TYR A 1 151 ? -2.705  4.977   7.623   1.00 17.94 ? 129 TYR A CD1 1 
ATOM   1083 C  CD2 . TYR A 1 151 ? -3.922  6.817   8.526   1.00 19.00 ? 129 TYR A CD2 1 
ATOM   1084 C  CE1 . TYR A 1 151 ? -3.850  4.517   7.005   1.00 18.07 ? 129 TYR A CE1 1 
ATOM   1085 C  CE2 . TYR A 1 151 ? -5.071  6.351   7.920   1.00 19.03 ? 129 TYR A CE2 1 
ATOM   1086 C  CZ  . TYR A 1 151 ? -5.028  5.202   7.153   1.00 18.86 ? 129 TYR A CZ  1 
ATOM   1087 O  OH  . TYR A 1 151 ? -6.182  4.733   6.565   1.00 18.37 ? 129 TYR A OH  1 
ATOM   1088 N  N   . PHE A 1 152 ? 1.508   8.199   8.472   1.00 16.76 ? 130 PHE A N   1 
ATOM   1089 C  CA  . PHE A 1 152 ? 2.608   8.960   9.027   1.00 16.76 ? 130 PHE A CA  1 
ATOM   1090 C  C   . PHE A 1 152 ? 2.417   10.441  8.723   1.00 17.82 ? 130 PHE A C   1 
ATOM   1091 O  O   . PHE A 1 152 ? 1.749   10.798  7.748   1.00 16.90 ? 130 PHE A O   1 
ATOM   1092 C  CB  . PHE A 1 152 ? 3.977   8.482   8.530   1.00 17.60 ? 130 PHE A CB  1 
ATOM   1093 C  CG  . PHE A 1 152 ? 4.285   8.831   7.090   1.00 18.12 ? 130 PHE A CG  1 
ATOM   1094 C  CD1 . PHE A 1 152 ? 3.770   8.069   6.043   1.00 19.01 ? 130 PHE A CD1 1 
ATOM   1095 C  CD2 . PHE A 1 152 ? 5.114   9.895   6.783   1.00 19.07 ? 130 PHE A CD2 1 
ATOM   1096 C  CE1 . PHE A 1 152 ? 4.048   8.390   4.719   1.00 19.58 ? 130 PHE A CE1 1 
ATOM   1097 C  CE2 . PHE A 1 152 ? 5.386   10.218  5.458   1.00 19.38 ? 130 PHE A CE2 1 
ATOM   1098 C  CZ  . PHE A 1 152 ? 4.867   9.459   4.433   1.00 19.57 ? 130 PHE A CZ  1 
ATOM   1099 N  N   . ALA A 1 153 ? 2.983   11.271  9.591   1.00 18.45 ? 131 ALA A N   1 
ATOM   1100 C  CA  . ALA A 1 153 ? 3.065   12.712  9.362   1.00 19.10 ? 131 ALA A CA  1 
ATOM   1101 C  C   . ALA A 1 153 ? 4.378   13.245  9.932   1.00 20.53 ? 131 ALA A C   1 
ATOM   1102 O  O   . ALA A 1 153 ? 4.841   12.813  10.996  1.00 19.01 ? 131 ALA A O   1 
ATOM   1103 C  CB  . ALA A 1 153 ? 1.864   13.410  9.963   1.00 20.16 ? 131 ALA A CB  1 
ATOM   1104 N  N   . TRP A 1 154 ? 4.994   14.164  9.192   1.00 20.86 ? 132 TRP A N   1 
ATOM   1105 C  CA  . TRP A 1 154 ? 6.305   14.675  9.540   1.00 22.73 ? 132 TRP A CA  1 
ATOM   1106 C  C   . TRP A 1 154 ? 6.206   15.603  10.749  1.00 24.06 ? 132 TRP A C   1 
ATOM   1107 O  O   . TRP A 1 154 ? 5.284   16.397  10.844  1.00 22.57 ? 132 TRP A O   1 
ATOM   1108 C  CB  . TRP A 1 154 ? 6.927   15.449  8.372   1.00 23.56 ? 132 TRP A CB  1 
ATOM   1109 C  CG  . TRP A 1 154 ? 7.229   14.600  7.188   1.00 25.06 ? 132 TRP A CG  1 
ATOM   1110 C  CD1 . TRP A 1 154 ? 6.741   14.755  5.935   1.00 25.74 ? 132 TRP A CD1 1 
ATOM   1111 C  CD2 . TRP A 1 154 ? 8.079   13.451  7.153   1.00 25.38 ? 132 TRP A CD2 1 
ATOM   1112 N  NE1 . TRP A 1 154 ? 7.228   13.775  5.117   1.00 26.99 ? 132 TRP A NE1 1 
ATOM   1113 C  CE2 . TRP A 1 154 ? 8.049   12.956  5.841   1.00 26.34 ? 132 TRP A CE2 1 
ATOM   1114 C  CE3 . TRP A 1 154 ? 8.848   12.784  8.109   1.00 26.26 ? 132 TRP A CE3 1 
ATOM   1115 C  CZ2 . TRP A 1 154 ? 8.769   11.825  5.449   1.00 26.14 ? 132 TRP A CZ2 1 
ATOM   1116 C  CZ3 . TRP A 1 154 ? 9.560   11.661  7.725   1.00 26.03 ? 132 TRP A CZ3 1 
ATOM   1117 C  CH2 . TRP A 1 154 ? 9.517   11.196  6.401   1.00 26.16 ? 132 TRP A CH2 1 
ATOM   1118 N  N   . LEU A 1 155 ? 7.154   15.468  11.660  1.00 25.43 ? 133 LEU A N   1 
ATOM   1119 C  CA  . LEU A 1 155 ? 7.311   16.399  12.774  1.00 28.22 ? 133 LEU A CA  1 
ATOM   1120 C  C   . LEU A 1 155 ? 8.020   17.644  12.253  1.00 28.61 ? 133 LEU A C   1 
ATOM   1121 O  O   . LEU A 1 155 ? 8.428   17.690  11.085  1.00 26.33 ? 133 LEU A O   1 
ATOM   1122 C  CB  . LEU A 1 155 ? 8.125   15.747  13.893  1.00 29.24 ? 133 LEU A CB  1 
ATOM   1123 C  CG  . LEU A 1 155 ? 7.549   14.455  14.482  1.00 30.56 ? 133 LEU A CG  1 
ATOM   1124 C  CD1 . LEU A 1 155 ? 8.516   13.862  15.493  1.00 31.43 ? 133 LEU A CD1 1 
ATOM   1125 C  CD2 . LEU A 1 155 ? 6.190   14.698  15.121  1.00 31.12 ? 133 LEU A CD2 1 
ATOM   1126 N  N   . GLU A 1 156 ? 8.175   18.657  13.104  1.00 31.54 ? 134 GLU A N   1 
ATOM   1127 C  CA  . GLU A 1 156 ? 8.882   19.877  12.697  1.00 32.50 ? 134 GLU A CA  1 
ATOM   1128 C  C   . GLU A 1 156 ? 10.220  19.552  12.044  1.00 31.61 ? 134 GLU A C   1 
ATOM   1129 O  O   . GLU A 1 156 ? 10.990  18.751  12.563  1.00 31.41 ? 134 GLU A O   1 
ATOM   1130 C  CB  . GLU A 1 156 ? 9.127   20.824  13.882  1.00 37.31 ? 134 GLU A CB  1 
ATOM   1131 C  CG  . GLU A 1 156 ? 10.013  22.007  13.490  1.00 41.65 ? 134 GLU A CG  1 
ATOM   1132 C  CD  . GLU A 1 156 ? 10.223  23.037  14.587  1.00 47.10 ? 134 GLU A CD  1 
ATOM   1133 O  OE1 . GLU A 1 156 ? 9.948   22.739  15.772  1.00 49.08 ? 134 GLU A OE1 1 
ATOM   1134 O  OE2 . GLU A 1 156 ? 10.692  24.150  14.249  1.00 51.36 ? 134 GLU A OE2 1 
ATOM   1135 N  N   . GLY A 1 157 ? 10.500  20.207  10.920  1.00 31.04 ? 135 GLY A N   1 
ATOM   1136 C  CA  . GLY A 1 157 ? 11.729  19.987  10.162  1.00 30.61 ? 135 GLY A CA  1 
ATOM   1137 C  C   . GLY A 1 157 ? 11.525  19.118  8.933   1.00 29.58 ? 135 GLY A C   1 
ATOM   1138 O  O   . GLY A 1 157 ? 12.347  19.125  8.018   1.00 30.41 ? 135 GLY A O   1 
ATOM   1139 N  N   . GLY A 1 158 ? 10.433  18.358  8.905   1.00 29.05 ? 136 GLY A N   1 
ATOM   1140 C  CA  . GLY A 1 158 ? 10.059  17.614  7.709   1.00 29.30 ? 136 GLY A CA  1 
ATOM   1141 C  C   . GLY A 1 158 ? 10.871  16.344  7.485   1.00 28.76 ? 136 GLY A C   1 
ATOM   1142 O  O   . GLY A 1 158 ? 11.467  15.796  8.413   1.00 29.50 ? 136 GLY A O   1 
ATOM   1143 N  N   . LYS A 1 159 ? 10.880  15.884  6.236   1.00 29.24 ? 137 LYS A N   1 
ATOM   1144 C  CA  . LYS A 1 159 ? 11.503  14.616  5.863   1.00 28.94 ? 137 LYS A CA  1 
ATOM   1145 C  C   . LYS A 1 159 ? 13.022  14.672  5.934   1.00 28.09 ? 137 LYS A C   1 
ATOM   1146 O  O   . LYS A 1 159 ? 13.632  15.501  5.260   1.00 28.12 ? 137 LYS A O   1 
ATOM   1147 C  CB  . LYS A 1 159 ? 11.077  14.237  4.441   1.00 29.54 ? 137 LYS A CB  1 
ATOM   1148 C  CG  . LYS A 1 159 ? 11.623  12.906  3.948   1.00 29.34 ? 137 LYS A CG  1 
ATOM   1149 C  CD  . LYS A 1 159 ? 10.973  12.497  2.638   1.00 29.52 ? 137 LYS A CD  1 
ATOM   1150 C  CE  . LYS A 1 159 ? 11.506  11.144  2.207   1.00 30.34 ? 137 LYS A CE  1 
ATOM   1151 N  NZ  . LYS A 1 159 ? 10.789  10.594  1.030   1.00 30.65 ? 137 LYS A NZ  1 
ATOM   1152 N  N   . PRO A 1 160 ? 13.646  13.765  6.719   1.00 27.09 ? 138 PRO A N   1 
ATOM   1153 C  CA  . PRO A 1 160 ? 15.094  13.699  6.803   1.00 26.88 ? 138 PRO A CA  1 
ATOM   1154 C  C   . PRO A 1 160 ? 15.718  12.856  5.692   1.00 26.91 ? 138 PRO A C   1 
ATOM   1155 O  O   . PRO A 1 160 ? 15.009  12.114  4.998   1.00 24.14 ? 138 PRO A O   1 
ATOM   1156 C  CB  . PRO A 1 160 ? 15.317  12.999  8.142   1.00 27.62 ? 138 PRO A CB  1 
ATOM   1157 C  CG  . PRO A 1 160 ? 14.182  12.028  8.211   1.00 28.10 ? 138 PRO A CG  1 
ATOM   1158 C  CD  . PRO A 1 160 ? 13.020  12.676  7.495   1.00 27.33 ? 138 PRO A CD  1 
ATOM   1159 N  N   . GLY A 1 161 ? 17.034  12.977  5.537   1.00 25.89 ? 139 GLY A N   1 
ATOM   1160 C  CA  . GLY A 1 161 ? 17.799  12.101  4.660   1.00 27.71 ? 139 GLY A CA  1 
ATOM   1161 C  C   . GLY A 1 161 ? 17.721  12.390  3.169   1.00 28.42 ? 139 GLY A C   1 
ATOM   1162 O  O   . GLY A 1 161 ? 18.204  11.594  2.364   1.00 27.96 ? 139 GLY A O   1 
ATOM   1163 N  N   . GLN A 1 162 ? 17.130  13.517  2.794   1.00 31.57 ? 140 GLN A N   1 
ATOM   1164 C  CA  . GLN A 1 162 ? 16.957  13.853  1.383   1.00 34.84 ? 140 GLN A CA  1 
ATOM   1165 C  C   . GLN A 1 162 ? 18.317  14.115  0.732   1.00 36.43 ? 140 GLN A C   1 
ATOM   1166 O  O   . GLN A 1 162 ? 19.180  14.775  1.328   1.00 33.96 ? 140 GLN A O   1 
ATOM   1167 C  CB  . GLN A 1 162 ? 16.020  15.057  1.217   1.00 37.92 ? 140 GLN A CB  1 
ATOM   1168 C  CG  . GLN A 1 162 ? 14.638  14.844  1.820   1.00 41.48 ? 140 GLN A CG  1 
ATOM   1169 C  CD  . GLN A 1 162 ? 13.622  15.878  1.374   1.00 44.40 ? 140 GLN A CD  1 
ATOM   1170 O  OE1 . GLN A 1 162 ? 13.328  16.836  2.094   1.00 46.18 ? 140 GLN A OE1 1 
ATOM   1171 N  NE2 . GLN A 1 162 ? 13.067  15.682  0.186   1.00 44.23 ? 140 GLN A NE2 1 
ATOM   1172 N  N   . LEU A 1 163 ? 18.514  13.573  -0.468  1.00 38.31 ? 141 LEU A N   1 
ATOM   1173 C  CA  . LEU A 1 163 ? 19.792  13.696  -1.168  1.00 42.71 ? 141 LEU A CA  1 
ATOM   1174 C  C   . LEU A 1 163 ? 19.854  15.010  -1.947  1.00 46.85 ? 141 LEU A C   1 
ATOM   1175 O  O   . LEU A 1 163 ? 18.825  15.538  -2.364  1.00 47.70 ? 141 LEU A O   1 
ATOM   1176 C  CB  . LEU A 1 163 ? 20.018  12.508  -2.114  1.00 41.44 ? 141 LEU A CB  1 
ATOM   1177 C  CG  . LEU A 1 163 ? 19.989  11.111  -1.489  1.00 41.61 ? 141 LEU A CG  1 
ATOM   1178 C  CD1 . LEU A 1 163 ? 20.154  10.057  -2.571  1.00 42.72 ? 141 LEU A CD1 1 
ATOM   1179 C  CD2 . LEU A 1 163 ? 21.054  10.938  -0.413  1.00 42.63 ? 141 LEU A CD2 1 
ATOM   1180 N  N   . GLY A 1 164 ? 21.068  15.529  -2.130  1.00 51.85 ? 142 GLY A N   1 
ATOM   1181 C  CA  . GLY A 1 164 ? 21.292  16.771  -2.870  1.00 55.64 ? 142 GLY A CA  1 
ATOM   1182 C  C   . GLY A 1 164 ? 22.280  16.567  -4.002  1.00 58.56 ? 142 GLY A C   1 
ATOM   1183 O  O   . GLY A 1 164 ? 21.891  16.480  -5.168  1.00 62.89 ? 142 GLY A O   1 
HETATM 1184 C  C1  . BTB B 2 .   ? 7.842   7.493   7.186   1.00 28.06 ? 201 BTB A C1  1 
HETATM 1185 O  O1  . BTB B 2 .   ? 7.759   6.729   8.386   1.00 27.20 ? 201 BTB A O1  1 
HETATM 1186 C  C2  . BTB B 2 .   ? 8.665   6.828   6.071   1.00 28.68 ? 201 BTB A C2  1 
HETATM 1187 C  C3  . BTB B 2 .   ? 8.525   7.762   4.854   1.00 28.94 ? 201 BTB A C3  1 
HETATM 1188 O  O3  . BTB B 2 .   ? 9.572   7.586   3.911   1.00 29.84 ? 201 BTB A O3  1 
HETATM 1189 C  C4  . BTB B 2 .   ? 8.125   5.453   5.679   1.00 27.79 ? 201 BTB A C4  1 
HETATM 1190 O  O4  . BTB B 2 .   ? 6.930   5.577   4.901   1.00 28.31 ? 201 BTB A O4  1 
HETATM 1191 N  N   . BTB B 2 .   ? 10.121  6.651   6.429   1.00 30.02 ? 201 BTB A N   1 
HETATM 1192 C  C5  . BTB B 2 .   ? 10.816  7.904   6.785   1.00 32.27 ? 201 BTB A C5  1 
HETATM 1193 C  C6  . BTB B 2 .   ? 12.225  7.938   6.208   1.00 32.99 ? 201 BTB A C6  1 
HETATM 1194 O  O6  . BTB B 2 .   ? 12.229  8.946   5.201   1.00 38.27 ? 201 BTB A O6  1 
HETATM 1195 C  C7  . BTB B 2 .   ? 10.402  5.630   7.474   1.00 31.43 ? 201 BTB A C7  1 
HETATM 1196 C  C8  . BTB B 2 .   ? 11.472  4.681   6.976   1.00 32.49 ? 201 BTB A C8  1 
HETATM 1197 O  O8  . BTB B 2 .   ? 12.776  5.201   7.234   1.00 33.04 ? 201 BTB A O8  1 
HETATM 1198 O  O   . HOH C 3 .   ? -5.578  5.047   -1.672  1.00 15.89 ? 301 HOH A O   1 
HETATM 1199 O  O   . HOH C 3 .   ? 2.691   -10.878 10.509  1.00 22.66 ? 302 HOH A O   1 
HETATM 1200 O  O   . HOH C 3 .   ? 4.619   3.951   -17.162 1.00 19.67 ? 303 HOH A O   1 
HETATM 1201 O  O   . HOH C 3 .   ? 1.535   1.565   15.470  1.00 16.96 ? 304 HOH A O   1 
HETATM 1202 O  O   . HOH C 3 .   ? -12.085 3.528   -3.453  1.00 18.92 ? 305 HOH A O   1 
HETATM 1203 O  O   . HOH C 3 .   ? 2.048   3.864   -16.300 1.00 17.30 ? 306 HOH A O   1 
HETATM 1204 O  O   . HOH C 3 .   ? 3.351   14.897  6.722   1.00 20.81 ? 307 HOH A O   1 
HETATM 1205 O  O   . HOH C 3 .   ? -5.584  5.717   -4.274  1.00 22.56 ? 308 HOH A O   1 
HETATM 1206 O  O   . HOH C 3 .   ? 3.067   3.865   16.474  1.00 21.07 ? 309 HOH A O   1 
HETATM 1207 O  O   . HOH C 3 .   ? 0.818   -9.166  12.186  1.00 23.88 ? 310 HOH A O   1 
HETATM 1208 O  O   . HOH C 3 .   ? -2.206  -11.161 6.362   1.00 25.80 ? 311 HOH A O   1 
HETATM 1209 O  O   . HOH C 3 .   ? 7.856   -6.126  -0.441  1.00 20.36 ? 312 HOH A O   1 
HETATM 1210 O  O   . HOH C 3 .   ? -4.158  14.753  5.707   1.00 30.69 ? 313 HOH A O   1 
HETATM 1211 O  O   . HOH C 3 .   ? -12.607 -9.342  6.564   1.00 27.80 ? 314 HOH A O   1 
HETATM 1212 O  O   . HOH C 3 .   ? 6.732   12.967  2.327   1.00 29.07 ? 315 HOH A O   1 
HETATM 1213 O  O   . HOH C 3 .   ? -7.841  2.645   -5.068  1.00 19.66 ? 316 HOH A O   1 
HETATM 1214 O  O   . HOH C 3 .   ? 1.720   -10.947 0.938   1.00 24.41 ? 317 HOH A O   1 
HETATM 1215 O  O   . HOH C 3 .   ? -14.616 -10.860 -7.858  1.00 30.74 ? 318 HOH A O   1 
HETATM 1216 O  O   . HOH C 3 .   ? 14.139  9.400   4.138   1.00 26.06 ? 319 HOH A O   1 
HETATM 1217 O  O   . HOH C 3 .   ? -2.782  -13.302 2.425   1.00 38.10 ? 320 HOH A O   1 
HETATM 1218 O  O   . HOH C 3 .   ? -2.928  7.176   -4.373  1.00 28.58 ? 321 HOH A O   1 
HETATM 1219 O  O   . HOH C 3 .   ? 1.917   19.795  10.264  1.00 37.83 ? 322 HOH A O   1 
HETATM 1220 O  O   . HOH C 3 .   ? -5.796  -4.380  11.508  1.00 22.71 ? 323 HOH A O   1 
HETATM 1221 O  O   . HOH C 3 .   ? -6.507  -2.955  -11.026 1.00 26.04 ? 324 HOH A O   1 
HETATM 1222 O  O   . HOH C 3 .   ? 18.349  8.627   -37.749 1.00 24.01 ? 325 HOH A O   1 
HETATM 1223 O  O   . HOH C 3 .   ? -9.868  -15.954 -2.694  1.00 24.81 ? 326 HOH A O   1 
HETATM 1224 O  O   . HOH C 3 .   ? 0.005   7.626   21.981  1.00 30.22 ? 327 HOH A O   1 
HETATM 1225 O  O   . HOH C 3 .   ? -1.728  -0.863  19.915  1.00 27.27 ? 328 HOH A O   1 
HETATM 1226 O  O   . HOH C 3 .   ? -5.776  14.219  17.858  1.00 30.81 ? 329 HOH A O   1 
HETATM 1227 O  O   . HOH C 3 .   ? -3.693  4.791   -10.996 1.00 22.72 ? 330 HOH A O   1 
HETATM 1228 O  O   . HOH C 3 .   ? -3.975  14.669  19.784  1.00 25.51 ? 331 HOH A O   1 
HETATM 1229 O  O   . HOH C 3 .   ? 7.705   4.617   2.507   1.00 29.92 ? 332 HOH A O   1 
HETATM 1230 O  O   . HOH C 3 .   ? -0.544  -12.959 0.702   1.00 32.95 ? 333 HOH A O   1 
HETATM 1231 O  O   . HOH C 3 .   ? 16.244  15.839  4.313   1.00 36.18 ? 334 HOH A O   1 
HETATM 1232 O  O   . HOH C 3 .   ? -8.333  6.171   7.087   1.00 31.21 ? 335 HOH A O   1 
HETATM 1233 O  O   . HOH C 3 .   ? -14.112 5.057   -1.709  1.00 34.06 ? 336 HOH A O   1 
HETATM 1234 O  O   . HOH C 3 .   ? -17.377 0.880   0.690   1.00 39.38 ? 337 HOH A O   1 
HETATM 1235 O  O   . HOH C 3 .   ? -5.854  -13.396 2.411   1.00 28.72 ? 338 HOH A O   1 
HETATM 1236 O  O   . HOH C 3 .   ? -10.923 10.511  16.028  1.00 30.57 ? 339 HOH A O   1 
HETATM 1237 O  O   . HOH C 3 .   ? -5.910  9.793   -10.021 1.00 35.17 ? 340 HOH A O   1 
HETATM 1238 O  O   . HOH C 3 .   ? -17.866 -1.179  -2.307  1.00 30.32 ? 341 HOH A O   1 
HETATM 1239 O  O   . HOH C 3 .   ? -13.485 -15.354 -0.801  1.00 31.50 ? 342 HOH A O   1 
HETATM 1240 O  O   . HOH C 3 .   ? -7.335  11.816  18.770  1.00 32.23 ? 343 HOH A O   1 
HETATM 1241 O  O   . HOH C 3 .   ? 9.600   17.332  4.292   1.00 34.67 ? 344 HOH A O   1 
HETATM 1242 O  O   . HOH C 3 .   ? -8.280  -12.273 3.042   1.00 29.63 ? 345 HOH A O   1 
HETATM 1243 O  O   . HOH C 3 .   ? -10.586 1.587   -10.414 1.00 29.33 ? 346 HOH A O   1 
HETATM 1244 O  O   . HOH C 3 .   ? -4.539  3.448   22.715  1.00 32.94 ? 347 HOH A O   1 
HETATM 1245 O  O   . HOH C 3 .   ? 7.232   -13.192 11.904  1.00 36.50 ? 348 HOH A O   1 
HETATM 1246 O  O   . HOH C 3 .   ? 5.360   15.982  2.647   1.00 36.64 ? 349 HOH A O   1 
HETATM 1247 O  O   . HOH C 3 .   ? -9.994  11.869  18.133  1.00 30.32 ? 350 HOH A O   1 
HETATM 1248 O  O   . HOH C 3 .   ? -4.171  0.155   19.546  1.00 32.72 ? 351 HOH A O   1 
HETATM 1249 O  O   . HOH C 3 .   ? -5.872  -1.244  17.960  1.00 38.83 ? 352 HOH A O   1 
# 
